data_3TLF
#
_entry.id   3TLF
#
_cell.length_a   77.740
_cell.length_b   140.500
_cell.length_c   148.760
_cell.angle_alpha   90.000
_cell.angle_beta   90.000
_cell.angle_gamma   90.000
#
_symmetry.space_group_name_H-M   'P 21 21 21'
#
loop_
_entity.id
_entity.type
_entity.pdbx_description
1 polymer 'enoyl-CoA hydratase/isomerase'
2 non-polymer 1,2-ETHANEDIOL
3 water water
#
_entity_poly.entity_id   1
_entity_poly.type   'polypeptide(L)'
_entity_poly.pdbx_seq_one_letter_code
;GPGSMPVDSFDTIKYEVDGHTATITLNRPDALNALSPHMITELRAAYHEAENDDRVWLLVVTGTGRAFCSGADVKEIPED
GKVIYERPYLSTYDQWEAPQEGTPPFRTMAKPVLTAVNGICCGAGMDWVTTTDIVIASEQATFFDPHVSIGLVAGRELVR
VSRVLPRSIALRMALMGKHERMSAQRAYELGLISEIVEHDRLLERAHEIADIVNSNAPLAVRGTRLAILKGLNVPLHEAE
ILAETFRERVLRTEDAAEGPRAFVEKRQPNWQCR
;
_entity_poly.pdbx_strand_id   A,B,C,D,E,F
#
# COMPACT_ATOMS: atom_id res chain seq x y z
N ASP A 8 -14.43 -7.08 38.57
CA ASP A 8 -13.31 -6.14 38.88
C ASP A 8 -12.24 -6.80 39.74
N SER A 9 -12.38 -8.10 40.02
CA SER A 9 -11.32 -8.88 40.67
C SER A 9 -11.14 -9.99 39.72
N PHE A 10 -9.89 -10.31 39.39
CA PHE A 10 -9.65 -11.27 38.34
C PHE A 10 -9.41 -12.75 38.80
N ASP A 11 -10.03 -13.71 38.11
CA ASP A 11 -9.87 -15.17 38.38
C ASP A 11 -8.75 -15.82 37.58
N THR A 12 -8.41 -15.25 36.43
CA THR A 12 -7.48 -15.91 35.51
C THR A 12 -6.15 -15.17 35.31
N ILE A 13 -6.09 -13.93 35.77
CA ILE A 13 -4.89 -13.11 35.71
C ILE A 13 -4.66 -12.36 37.02
N LYS A 14 -3.47 -11.76 37.17
CA LYS A 14 -3.17 -10.80 38.21
C LYS A 14 -2.80 -9.48 37.56
N TYR A 15 -3.16 -8.39 38.22
CA TYR A 15 -2.87 -7.08 37.76
C TYR A 15 -2.33 -6.32 38.96
N GLU A 16 -1.09 -5.83 38.86
CA GLU A 16 -0.43 -5.09 39.96
C GLU A 16 0.32 -3.88 39.41
N VAL A 17 0.27 -2.75 40.14
CA VAL A 17 1.01 -1.55 39.79
C VAL A 17 2.08 -1.29 40.84
N ASP A 18 3.32 -1.08 40.40
CA ASP A 18 4.41 -0.67 41.24
C ASP A 18 5.11 0.51 40.58
N GLY A 19 5.06 1.67 41.22
CA GLY A 19 5.51 2.91 40.59
C GLY A 19 4.81 3.14 39.25
N HIS A 20 5.59 3.37 38.21
CA HIS A 20 5.06 3.57 36.83
C HIS A 20 4.92 2.31 35.98
N THR A 21 5.10 1.14 36.58
CA THR A 21 4.94 -0.13 35.85
C THR A 21 3.74 -0.94 36.31
N ALA A 22 2.83 -1.26 35.39
CA ALA A 22 1.78 -2.26 35.65
C ALA A 22 2.30 -3.63 35.16
N THR A 23 2.06 -4.67 35.96
CA THR A 23 2.39 -6.05 35.58
C THR A 23 1.13 -6.88 35.51
N ILE A 24 0.87 -7.44 34.34
CA ILE A 24 -0.22 -8.39 34.15
C ILE A 24 0.41 -9.77 34.11
N THR A 25 -0.12 -10.69 34.91
CA THR A 25 0.41 -12.02 34.96
C THR A 25 -0.67 -12.98 34.56
N LEU A 26 -0.45 -13.73 33.48
CA LEU A 26 -1.35 -14.79 33.13
C LEU A 26 -1.27 -15.82 34.25
N ASN A 27 -2.45 -16.18 34.79
CA ASN A 27 -2.52 -16.91 36.08
C ASN A 27 -3.54 -18.06 36.04
N ARG A 28 -3.42 -18.91 35.02
CA ARG A 28 -4.11 -20.20 34.97
C ARG A 28 -3.12 -21.36 34.81
N PRO A 29 -2.23 -21.55 35.78
CA PRO A 29 -1.14 -22.50 35.56
C PRO A 29 -1.62 -23.93 35.36
N ASP A 30 -2.77 -24.29 35.93
CA ASP A 30 -3.29 -25.65 35.76
C ASP A 30 -3.68 -25.91 34.32
N ALA A 31 -4.04 -24.87 33.59
CA ALA A 31 -4.35 -25.00 32.18
C ALA A 31 -3.21 -24.45 31.35
N LEU A 32 -2.02 -24.37 31.93
CA LEU A 32 -0.83 -23.86 31.23
C LEU A 32 -1.10 -22.52 30.56
N ASN A 33 -1.86 -21.69 31.28
CA ASN A 33 -2.23 -20.36 30.85
C ASN A 33 -2.94 -20.29 29.50
N ALA A 34 -3.76 -21.30 29.23
CA ALA A 34 -4.55 -21.30 27.99
C ALA A 34 -5.58 -20.23 28.12
N LEU A 35 -5.91 -19.60 27.02
CA LEU A 35 -6.88 -18.52 27.00
C LEU A 35 -8.32 -19.02 26.85
N SER A 36 -9.15 -18.77 27.86
CA SER A 36 -10.57 -19.02 27.81
C SER A 36 -11.23 -17.70 27.47
N PRO A 37 -12.50 -17.74 27.05
CA PRO A 37 -13.23 -16.49 26.81
C PRO A 37 -13.28 -15.58 28.05
N HIS A 38 -13.37 -16.18 29.23
CA HIS A 38 -13.39 -15.40 30.45
C HIS A 38 -12.03 -14.71 30.66
N MET A 39 -10.95 -15.45 30.47
CA MET A 39 -9.58 -14.87 30.54
C MET A 39 -9.37 -13.71 29.59
N ILE A 40 -9.91 -13.85 28.38
CA ILE A 40 -9.80 -12.81 27.39
C ILE A 40 -10.54 -11.53 27.84
N THR A 41 -11.72 -11.70 28.44
CA THR A 41 -12.48 -10.58 28.94
C THR A 41 -11.72 -9.90 30.08
N GLU A 42 -11.13 -10.69 30.95
CA GLU A 42 -10.33 -10.13 32.03
C GLU A 42 -9.08 -9.38 31.52
N LEU A 43 -8.43 -9.93 30.50
CA LEU A 43 -7.24 -9.30 29.96
C LEU A 43 -7.59 -7.92 29.41
N ARG A 44 -8.71 -7.84 28.71
CA ARG A 44 -9.08 -6.59 28.07
C ARG A 44 -9.42 -5.53 29.06
N ALA A 45 -10.04 -5.91 30.16
CA ALA A 45 -10.26 -4.99 31.28
C ALA A 45 -8.92 -4.51 31.88
N ALA A 46 -7.99 -5.43 32.07
CA ALA A 46 -6.68 -5.05 32.61
C ALA A 46 -5.92 -4.12 31.66
N TYR A 47 -5.95 -4.40 30.36
CA TYR A 47 -5.32 -3.51 29.38
C TYR A 47 -5.90 -2.09 29.40
N HIS A 48 -7.20 -2.01 29.44
CA HIS A 48 -7.92 -0.73 29.52
C HIS A 48 -7.56 0.00 30.79
N GLU A 49 -7.53 -0.71 31.90
CA GLU A 49 -7.12 -0.11 33.16
C GLU A 49 -5.69 0.46 33.06
N ALA A 50 -4.76 -0.31 32.50
CA ALA A 50 -3.36 0.17 32.41
C ALA A 50 -3.27 1.37 31.50
N GLU A 51 -4.00 1.34 30.38
CA GLU A 51 -3.96 2.44 29.42
C GLU A 51 -4.55 3.75 30.00
N ASN A 52 -5.56 3.65 30.85
CA ASN A 52 -6.23 4.83 31.39
C ASN A 52 -5.75 5.32 32.75
N ASP A 53 -4.87 4.59 33.42
CA ASP A 53 -4.34 5.04 34.69
C ASP A 53 -3.08 5.85 34.40
N ASP A 54 -3.17 7.16 34.63
CA ASP A 54 -2.03 8.08 34.35
C ASP A 54 -0.73 7.71 35.11
N ARG A 55 -0.84 6.99 36.23
CA ARG A 55 0.34 6.55 36.97
C ARG A 55 1.13 5.48 36.22
N VAL A 56 0.42 4.71 35.39
CA VAL A 56 1.05 3.62 34.67
C VAL A 56 1.69 4.19 33.39
N TRP A 57 2.99 4.01 33.24
CA TRP A 57 3.68 4.38 32.00
C TRP A 57 3.99 3.23 31.08
N LEU A 58 4.12 2.04 31.64
CA LEU A 58 4.55 0.87 30.90
C LEU A 58 3.88 -0.39 31.48
N LEU A 59 3.53 -1.31 30.61
CA LEU A 59 2.91 -2.58 30.99
C LEU A 59 3.87 -3.76 30.72
N VAL A 60 4.04 -4.61 31.71
CA VAL A 60 4.76 -5.85 31.57
C VAL A 60 3.74 -6.95 31.58
N VAL A 61 3.88 -7.87 30.64
CA VAL A 61 3.06 -9.08 30.63
C VAL A 61 3.96 -10.29 30.77
N THR A 62 3.55 -11.21 31.65
CA THR A 62 4.29 -12.44 31.83
C THR A 62 3.34 -13.54 32.30
N GLY A 63 3.85 -14.75 32.49
CA GLY A 63 3.00 -15.88 32.84
C GLY A 63 3.44 -16.53 34.15
N THR A 64 2.56 -17.25 34.85
CA THR A 64 2.91 -18.01 36.05
C THR A 64 3.15 -19.40 35.59
N GLY A 65 4.07 -20.07 36.28
CA GLY A 65 4.35 -21.48 36.04
C GLY A 65 5.38 -21.65 34.95
N ARG A 66 5.25 -22.74 34.19
CA ARG A 66 6.20 -23.15 33.13
C ARG A 66 5.71 -22.89 31.67
N ALA A 67 4.51 -22.34 31.54
CA ALA A 67 4.00 -21.99 30.25
C ALA A 67 3.79 -20.52 30.39
N PHE A 68 4.18 -19.79 29.35
CA PHE A 68 3.78 -18.42 29.24
C PHE A 68 2.32 -18.44 28.84
N CYS A 69 2.03 -19.03 27.70
CA CYS A 69 0.67 -19.16 27.22
C CYS A 69 0.64 -20.29 26.19
N SER A 70 -0.18 -21.29 26.47
CA SER A 70 -0.29 -22.45 25.60
C SER A 70 -1.37 -22.31 24.53
N GLY A 71 -1.89 -21.11 24.29
CA GLY A 71 -2.86 -20.90 23.22
C GLY A 71 -4.29 -20.77 23.71
N ALA A 72 -5.24 -20.79 22.80
CA ALA A 72 -6.66 -20.78 23.13
C ALA A 72 -7.09 -22.17 23.64
N ASP A 73 -8.07 -22.24 24.55
CA ASP A 73 -8.69 -23.53 24.95
C ASP A 73 -9.34 -24.28 23.82
N PRO A 88 -24.76 -12.15 21.49
CA PRO A 88 -25.41 -12.63 20.25
C PRO A 88 -24.60 -12.40 18.96
N TYR A 89 -24.79 -13.29 18.00
CA TYR A 89 -23.87 -13.42 16.87
C TYR A 89 -23.85 -12.14 16.03
N LEU A 90 -22.66 -11.60 15.80
CA LEU A 90 -22.48 -10.40 14.96
C LEU A 90 -23.17 -9.15 15.51
N SER A 91 -23.50 -9.15 16.80
CA SER A 91 -24.14 -7.99 17.40
C SER A 91 -23.10 -6.94 17.80
N THR A 92 -21.82 -7.32 17.91
CA THR A 92 -20.75 -6.36 18.26
C THR A 92 -19.68 -6.31 17.16
N TYR A 93 -19.08 -5.14 17.01
CA TYR A 93 -18.16 -4.86 15.93
C TYR A 93 -16.98 -5.87 15.87
N ASP A 94 -16.44 -6.21 17.03
CA ASP A 94 -15.27 -7.12 17.12
C ASP A 94 -15.49 -8.47 16.45
N GLN A 95 -16.74 -8.92 16.43
CA GLN A 95 -17.10 -10.18 15.81
C GLN A 95 -16.90 -10.17 14.27
N TRP A 96 -16.79 -8.98 13.68
CA TRP A 96 -16.62 -8.91 12.24
C TRP A 96 -15.16 -9.02 11.84
N GLU A 97 -14.26 -8.88 12.80
CA GLU A 97 -12.84 -8.91 12.45
C GLU A 97 -12.24 -10.18 12.95
N ALA A 98 -10.94 -10.38 12.78
CA ALA A 98 -10.31 -11.58 13.30
C ALA A 98 -10.44 -11.52 14.79
N PRO A 99 -10.79 -12.63 15.43
CA PRO A 99 -10.80 -12.54 16.88
C PRO A 99 -9.40 -12.22 17.38
N GLN A 100 -9.31 -11.42 18.44
CA GLN A 100 -8.06 -10.89 18.93
C GLN A 100 -7.50 -11.69 20.08
N GLU A 101 -8.33 -12.51 20.73
CA GLU A 101 -7.89 -13.33 21.83
C GLU A 101 -7.20 -12.44 22.88
N GLY A 102 -5.97 -12.77 23.24
CA GLY A 102 -5.26 -12.02 24.28
C GLY A 102 -4.47 -10.81 23.84
N THR A 103 -4.50 -10.51 22.56
CA THR A 103 -3.67 -9.47 22.03
C THR A 103 -3.92 -8.14 22.79
N PRO A 104 -2.88 -7.52 23.35
CA PRO A 104 -3.05 -6.17 23.81
C PRO A 104 -3.49 -5.24 22.66
N PRO A 105 -4.25 -4.19 22.92
CA PRO A 105 -4.78 -3.34 21.86
C PRO A 105 -3.75 -2.32 21.33
N PHE A 106 -2.69 -2.85 20.73
CA PHE A 106 -1.53 -2.05 20.41
C PHE A 106 -1.86 -0.95 19.38
N ARG A 107 -2.90 -1.15 18.56
CA ARG A 107 -3.28 -0.12 17.57
C ARG A 107 -4.02 1.05 18.20
N THR A 108 -4.56 0.90 19.41
CA THR A 108 -5.30 2.01 20.05
C THR A 108 -4.78 2.37 21.47
N MET A 109 -3.58 1.95 21.79
CA MET A 109 -2.89 2.36 23.04
C MET A 109 -1.59 3.06 22.71
N ALA A 110 -1.15 3.98 23.57
CA ALA A 110 0.11 4.67 23.44
C ALA A 110 1.21 4.18 24.40
N LYS A 111 0.86 3.50 25.47
CA LYS A 111 1.89 3.11 26.42
C LYS A 111 2.61 1.86 25.92
N PRO A 112 3.93 1.79 26.11
CA PRO A 112 4.66 0.60 25.72
C PRO A 112 4.36 -0.63 26.56
N VAL A 113 4.56 -1.81 25.93
CA VAL A 113 4.36 -3.10 26.55
C VAL A 113 5.59 -3.96 26.39
N LEU A 114 6.02 -4.57 27.48
CA LEU A 114 7.11 -5.53 27.47
C LEU A 114 6.58 -6.89 27.82
N THR A 115 6.95 -7.91 27.04
CA THR A 115 6.54 -9.28 27.32
C THR A 115 7.74 -10.05 27.79
N ALA A 116 7.56 -10.78 28.88
CA ALA A 116 8.60 -11.63 29.40
C ALA A 116 8.12 -13.06 29.34
N VAL A 117 8.63 -13.81 28.35
CA VAL A 117 8.13 -15.15 28.04
C VAL A 117 8.81 -16.19 28.95
N ASN A 118 8.04 -16.73 29.89
CA ASN A 118 8.60 -17.57 30.96
C ASN A 118 8.62 -19.04 30.60
N GLY A 119 8.08 -19.41 29.45
CA GLY A 119 8.03 -20.83 29.10
C GLY A 119 7.40 -21.07 27.74
N ILE A 120 6.64 -22.14 27.64
CA ILE A 120 5.97 -22.48 26.37
C ILE A 120 5.16 -21.32 25.89
N CYS A 121 5.31 -20.99 24.62
CA CYS A 121 4.55 -19.93 23.98
C CYS A 121 4.07 -20.40 22.63
N CYS A 122 2.80 -20.72 22.51
CA CYS A 122 2.28 -21.25 21.26
C CYS A 122 0.87 -20.81 20.92
N GLY A 123 0.57 -20.87 19.62
CA GLY A 123 -0.69 -20.39 19.12
C GLY A 123 -0.87 -18.93 19.50
N ALA A 124 -1.96 -18.64 20.21
CA ALA A 124 -2.33 -17.27 20.59
C ALA A 124 -1.28 -16.61 21.48
N GLY A 125 -0.48 -17.42 22.15
CA GLY A 125 0.65 -16.89 22.93
C GLY A 125 1.61 -16.05 22.10
N MET A 126 1.77 -16.42 20.83
CA MET A 126 2.66 -15.68 19.93
C MET A 126 2.20 -14.23 19.69
N ASP A 127 0.94 -13.94 19.94
CA ASP A 127 0.45 -12.53 19.79
C ASP A 127 1.22 -11.53 20.65
N TRP A 128 1.63 -11.93 21.85
CA TRP A 128 2.41 -10.99 22.69
C TRP A 128 3.77 -10.80 22.11
N VAL A 129 4.32 -11.87 21.53
CA VAL A 129 5.63 -11.83 20.95
C VAL A 129 5.68 -10.93 19.72
N THR A 130 4.62 -10.93 18.93
CA THR A 130 4.58 -10.22 17.65
C THR A 130 3.96 -8.80 17.69
N THR A 131 3.32 -8.39 18.79
CA THR A 131 2.64 -7.08 18.85
C THR A 131 2.98 -6.19 20.07
N THR A 132 3.94 -6.60 20.89
CA THR A 132 4.38 -5.79 22.00
C THR A 132 5.78 -5.22 21.66
N ASP A 133 6.27 -4.32 22.48
CA ASP A 133 7.38 -3.46 22.09
C ASP A 133 8.75 -3.99 22.46
N ILE A 134 8.84 -4.63 23.63
CA ILE A 134 10.08 -5.32 24.02
C ILE A 134 9.71 -6.72 24.39
N VAL A 135 10.44 -7.69 23.83
CA VAL A 135 10.17 -9.08 24.12
C VAL A 135 11.44 -9.75 24.58
N ILE A 136 11.42 -10.29 25.80
CA ILE A 136 12.50 -11.08 26.32
C ILE A 136 11.96 -12.46 26.76
N ALA A 137 12.86 -13.38 27.02
CA ALA A 137 12.45 -14.73 27.38
C ALA A 137 13.41 -15.43 28.29
N SER A 138 12.84 -16.38 29.03
CA SER A 138 13.57 -17.36 29.76
C SER A 138 14.28 -18.28 28.80
N GLU A 139 15.44 -18.72 29.23
CA GLU A 139 16.23 -19.76 28.49
C GLU A 139 15.40 -20.99 28.21
N GLN A 140 14.37 -21.23 29.02
CA GLN A 140 13.44 -22.35 28.85
C GLN A 140 12.27 -22.11 27.87
N ALA A 141 12.07 -20.87 27.39
CA ALA A 141 10.97 -20.60 26.47
C ALA A 141 11.13 -21.36 25.14
N THR A 142 10.00 -21.78 24.59
CA THR A 142 9.96 -22.28 23.23
C THR A 142 8.75 -21.67 22.50
N PHE A 143 8.85 -21.65 21.17
CA PHE A 143 7.86 -20.99 20.33
C PHE A 143 7.39 -21.93 19.25
N PHE A 144 6.08 -22.05 19.07
CA PHE A 144 5.52 -22.82 17.99
C PHE A 144 4.05 -22.55 17.79
N ASP A 145 3.48 -23.19 16.79
CA ASP A 145 2.03 -23.09 16.57
C ASP A 145 1.51 -24.46 16.18
N PRO A 146 0.58 -25.03 16.97
CA PRO A 146 0.09 -26.37 16.74
C PRO A 146 -1.18 -26.49 15.84
N HIS A 147 -1.68 -25.38 15.29
CA HIS A 147 -2.97 -25.44 14.59
C HIS A 147 -3.09 -26.47 13.48
N VAL A 148 -2.13 -26.54 12.58
CA VAL A 148 -2.25 -27.48 11.46
C VAL A 148 -2.29 -28.95 11.95
N SER A 149 -1.75 -29.20 13.13
CA SER A 149 -1.75 -30.55 13.68
C SER A 149 -3.13 -30.99 14.17
N ILE A 150 -4.04 -30.04 14.41
CA ILE A 150 -5.42 -30.37 14.78
C ILE A 150 -6.42 -30.02 13.65
N GLY A 151 -5.90 -29.77 12.44
CA GLY A 151 -6.76 -29.57 11.27
C GLY A 151 -7.24 -28.14 10.99
N LEU A 152 -6.68 -27.16 11.69
CA LEU A 152 -7.14 -25.78 11.62
C LEU A 152 -6.03 -24.83 11.11
N VAL A 153 -6.46 -23.68 10.60
CA VAL A 153 -5.54 -22.65 10.14
C VAL A 153 -5.23 -21.67 11.24
N ALA A 154 -3.96 -21.37 11.41
CA ALA A 154 -3.52 -20.27 12.26
C ALA A 154 -3.48 -19.05 11.32
N GLY A 155 -4.49 -18.17 11.38
CA GLY A 155 -4.46 -16.92 10.60
C GLY A 155 -3.73 -15.76 11.25
N ARG A 156 -4.44 -15.04 12.12
CA ARG A 156 -3.93 -13.86 12.80
C ARG A 156 -2.51 -14.08 13.32
N GLU A 157 -2.33 -15.16 14.05
CA GLU A 157 -1.08 -15.44 14.74
C GLU A 157 0.11 -15.48 13.81
N LEU A 158 -0.04 -16.23 12.74
CA LEU A 158 1.08 -16.48 11.84
C LEU A 158 1.27 -15.37 10.82
N VAL A 159 0.23 -14.62 10.44
CA VAL A 159 0.46 -13.42 9.65
C VAL A 159 1.34 -12.47 10.46
N ARG A 160 1.09 -12.37 11.75
CA ARG A 160 1.92 -11.53 12.62
C ARG A 160 3.35 -12.06 12.72
N VAL A 161 3.49 -13.37 12.91
CA VAL A 161 4.84 -13.96 12.95
C VAL A 161 5.58 -13.67 11.66
N SER A 162 4.86 -13.68 10.53
CA SER A 162 5.47 -13.43 9.25
C SER A 162 6.04 -12.01 9.10
N ARG A 163 5.64 -11.08 9.97
CA ARG A 163 6.22 -9.72 9.96
C ARG A 163 7.48 -9.63 10.81
N VAL A 164 7.81 -10.68 11.56
CA VAL A 164 8.99 -10.68 12.34
C VAL A 164 10.02 -11.70 11.82
N LEU A 165 9.64 -12.94 11.54
CA LEU A 165 10.59 -13.96 11.11
C LEU A 165 10.72 -13.91 9.61
N PRO A 166 11.92 -14.21 9.07
CA PRO A 166 12.02 -14.29 7.65
C PRO A 166 11.07 -15.35 7.06
N ARG A 167 10.69 -15.08 5.81
CA ARG A 167 9.69 -15.81 5.06
C ARG A 167 9.63 -17.34 5.31
N SER A 168 10.72 -18.07 5.05
CA SER A 168 10.68 -19.53 5.13
C SER A 168 10.82 -20.04 6.55
N ILE A 169 11.20 -19.18 7.49
CA ILE A 169 11.21 -19.52 8.91
C ILE A 169 9.76 -19.46 9.48
N ALA A 170 9.04 -18.42 9.12
CA ALA A 170 7.64 -18.30 9.45
C ALA A 170 6.82 -19.42 8.87
N LEU A 171 7.07 -19.73 7.61
CA LEU A 171 6.34 -20.77 6.93
C LEU A 171 6.70 -22.17 7.52
N ARG A 172 7.97 -22.39 7.83
CA ARG A 172 8.32 -23.65 8.52
C ARG A 172 7.54 -23.79 9.83
N MET A 173 7.47 -22.72 10.61
CA MET A 173 6.77 -22.79 11.88
C MET A 173 5.31 -23.13 11.65
N ALA A 174 4.72 -22.54 10.64
CA ALA A 174 3.34 -22.81 10.30
C ALA A 174 3.12 -24.25 9.87
N LEU A 175 4.02 -24.78 9.03
CA LEU A 175 3.84 -26.08 8.41
C LEU A 175 4.19 -27.26 9.34
N MET A 176 5.10 -27.04 10.27
CA MET A 176 5.51 -28.09 11.19
C MET A 176 4.47 -28.34 12.30
N GLY A 177 3.62 -27.37 12.58
CA GLY A 177 2.66 -27.50 13.64
C GLY A 177 3.30 -27.85 14.99
N LYS A 178 2.70 -28.79 15.69
CA LYS A 178 3.15 -29.14 17.02
C LYS A 178 4.39 -30.00 17.00
N HIS A 179 4.90 -30.37 15.82
CA HIS A 179 6.01 -31.30 15.74
C HIS A 179 7.36 -30.69 15.78
N GLU A 180 7.45 -29.38 16.02
CA GLU A 180 8.74 -28.74 16.17
C GLU A 180 8.59 -27.56 17.15
N ARG A 181 9.65 -27.25 17.89
CA ARG A 181 9.71 -26.06 18.72
C ARG A 181 10.91 -25.19 18.26
N MET A 182 10.72 -23.88 18.21
CA MET A 182 11.85 -22.96 18.12
C MET A 182 12.37 -22.61 19.53
N SER A 183 13.66 -22.81 19.72
CA SER A 183 14.32 -22.56 21.04
C SER A 183 14.43 -21.06 21.29
N ALA A 184 14.60 -20.69 22.56
CA ALA A 184 14.91 -19.32 22.90
C ALA A 184 16.18 -18.85 22.16
N GLN A 185 17.17 -19.72 22.04
CA GLN A 185 18.44 -19.34 21.38
C GLN A 185 18.22 -18.97 19.90
N ARG A 186 17.40 -19.76 19.20
CA ARG A 186 17.12 -19.48 17.80
C ARG A 186 16.29 -18.23 17.68
N ALA A 187 15.33 -18.07 18.57
CA ALA A 187 14.48 -16.85 18.61
C ALA A 187 15.35 -15.60 18.70
N TYR A 188 16.33 -15.65 19.60
CA TYR A 188 17.23 -14.54 19.86
C TYR A 188 18.07 -14.24 18.64
N GLU A 189 18.60 -15.30 18.05
CA GLU A 189 19.36 -15.21 16.81
CA GLU A 189 19.32 -15.24 16.82
C GLU A 189 18.61 -14.47 15.69
N LEU A 190 17.32 -14.71 15.54
CA LEU A 190 16.57 -14.09 14.49
C LEU A 190 15.95 -12.77 14.92
N GLY A 191 16.07 -12.41 16.18
CA GLY A 191 15.46 -11.15 16.62
C GLY A 191 13.96 -11.23 16.86
N LEU A 192 13.43 -12.44 17.04
CA LEU A 192 12.07 -12.63 17.62
C LEU A 192 11.99 -12.19 19.08
N ILE A 193 13.10 -12.37 19.80
CA ILE A 193 13.29 -11.82 21.13
C ILE A 193 14.62 -11.07 21.16
N SER A 194 14.77 -10.13 22.11
CA SER A 194 15.96 -9.31 22.21
C SER A 194 16.93 -9.78 23.29
N GLU A 195 16.50 -10.70 24.14
CA GLU A 195 17.31 -11.11 25.26
C GLU A 195 16.83 -12.43 25.83
N ILE A 196 17.77 -13.28 26.24
CA ILE A 196 17.47 -14.53 26.95
C ILE A 196 17.88 -14.32 28.39
N VAL A 197 17.05 -14.69 29.35
CA VAL A 197 17.36 -14.47 30.78
C VAL A 197 17.32 -15.80 31.52
N GLU A 198 18.26 -15.98 32.44
CA GLU A 198 18.19 -17.07 33.39
C GLU A 198 16.77 -17.13 33.98
N HIS A 199 16.23 -18.33 34.05
CA HIS A 199 14.83 -18.51 34.31
C HIS A 199 14.34 -17.85 35.58
N ASP A 200 15.05 -18.08 36.69
CA ASP A 200 14.68 -17.50 37.98
C ASP A 200 14.78 -16.00 38.06
N ARG A 201 15.47 -15.37 37.12
CA ARG A 201 15.64 -13.93 37.16
C ARG A 201 14.81 -13.19 36.11
N LEU A 202 13.90 -13.89 35.46
CA LEU A 202 13.17 -13.31 34.32
C LEU A 202 12.40 -12.03 34.74
N LEU A 203 11.58 -12.15 35.80
CA LEU A 203 10.71 -11.09 36.20
C LEU A 203 11.54 -9.90 36.69
N GLU A 204 12.60 -10.19 37.42
CA GLU A 204 13.51 -9.18 37.89
C GLU A 204 14.11 -8.37 36.73
N ARG A 205 14.57 -9.06 35.71
CA ARG A 205 15.12 -8.39 34.56
C ARG A 205 14.06 -7.59 33.77
N ALA A 206 12.86 -8.14 33.69
CA ALA A 206 11.75 -7.48 33.01
C ALA A 206 11.47 -6.13 33.69
N HIS A 207 11.45 -6.13 35.02
CA HIS A 207 11.16 -4.92 35.78
C HIS A 207 12.32 -3.96 35.74
N GLU A 208 13.54 -4.49 35.65
CA GLU A 208 14.70 -3.65 35.43
C GLU A 208 14.60 -2.89 34.10
N ILE A 209 14.29 -3.62 33.01
CA ILE A 209 14.16 -3.00 31.69
C ILE A 209 13.06 -1.94 31.77
N ALA A 210 11.96 -2.30 32.40
CA ALA A 210 10.82 -1.38 32.59
C ALA A 210 11.24 -0.10 33.29
N ASP A 211 11.99 -0.23 34.39
CA ASP A 211 12.53 0.92 35.09
C ASP A 211 13.43 1.76 34.19
N ILE A 212 14.25 1.11 33.37
CA ILE A 212 15.18 1.87 32.52
C ILE A 212 14.38 2.65 31.47
N VAL A 213 13.36 2.01 30.87
CA VAL A 213 12.54 2.69 29.88
C VAL A 213 11.85 3.89 30.55
N ASN A 214 11.35 3.67 31.76
CA ASN A 214 10.66 4.69 32.51
C ASN A 214 11.55 5.78 33.06
N SER A 215 12.87 5.57 33.01
CA SER A 215 13.80 6.64 33.31
C SER A 215 13.97 7.58 32.14
N ASN A 216 13.47 7.20 30.97
CA ASN A 216 13.42 8.11 29.82
C ASN A 216 12.13 8.92 29.83
N ALA A 217 11.99 9.87 28.91
CA ALA A 217 10.83 10.77 28.92
C ALA A 217 9.66 10.02 28.32
N PRO A 218 8.59 9.79 29.12
CA PRO A 218 7.53 8.90 28.74
C PRO A 218 6.76 9.36 27.49
N LEU A 219 6.51 10.66 27.33
CA LEU A 219 5.84 11.11 26.12
C LEU A 219 6.75 10.97 24.87
N ALA A 220 8.04 11.12 25.05
CA ALA A 220 8.99 10.87 23.96
C ALA A 220 9.00 9.38 23.57
N VAL A 221 8.97 8.51 24.60
CA VAL A 221 8.89 7.06 24.40
C VAL A 221 7.64 6.74 23.61
N ARG A 222 6.52 7.34 24.00
CA ARG A 222 5.27 7.04 23.35
C ARG A 222 5.27 7.52 21.93
N GLY A 223 5.76 8.74 21.73
CA GLY A 223 5.80 9.31 20.41
C GLY A 223 6.69 8.53 19.46
N THR A 224 7.80 8.04 19.97
CA THR A 224 8.74 7.26 19.16
C THR A 224 8.20 5.91 18.80
N ARG A 225 7.56 5.25 19.75
CA ARG A 225 6.85 4.01 19.46
C ARG A 225 5.79 4.20 18.36
N LEU A 226 5.01 5.27 18.45
CA LEU A 226 4.02 5.54 17.40
C LEU A 226 4.67 5.82 16.04
N ALA A 227 5.75 6.58 16.03
CA ALA A 227 6.44 6.85 14.77
C ALA A 227 6.78 5.54 14.10
N ILE A 228 7.36 4.63 14.88
CA ILE A 228 7.73 3.33 14.33
C ILE A 228 6.54 2.51 13.87
N LEU A 229 5.57 2.35 14.75
CA LEU A 229 4.49 1.45 14.46
C LEU A 229 3.59 1.99 13.35
N LYS A 230 3.22 3.27 13.40
CA LYS A 230 2.40 3.79 12.30
C LYS A 230 3.23 3.82 11.02
N GLY A 231 4.53 4.08 11.15
CA GLY A 231 5.44 4.10 10.00
C GLY A 231 5.57 2.78 9.25
N LEU A 232 5.37 1.67 9.95
CA LEU A 232 5.45 0.36 9.31
C LEU A 232 4.33 0.13 8.30
N ASN A 233 3.25 0.91 8.39
CA ASN A 233 2.09 0.76 7.49
C ASN A 233 2.13 1.57 6.21
N VAL A 234 3.21 2.31 6.01
CA VAL A 234 3.39 3.09 4.80
C VAL A 234 4.83 2.95 4.30
N PRO A 235 5.11 3.44 3.09
CA PRO A 235 6.50 3.33 2.64
C PRO A 235 7.40 4.24 3.46
N LEU A 236 8.68 3.94 3.46
CA LEU A 236 9.68 4.66 4.25
C LEU A 236 9.56 6.17 4.16
N HIS A 237 9.46 6.70 2.94
CA HIS A 237 9.51 8.15 2.77
C HIS A 237 8.33 8.80 3.48
N GLU A 238 7.15 8.25 3.28
CA GLU A 238 5.97 8.71 3.97
C GLU A 238 6.10 8.52 5.47
N ALA A 239 6.71 7.39 5.87
CA ALA A 239 6.93 7.11 7.30
C ALA A 239 7.71 8.21 7.96
N GLU A 240 8.72 8.74 7.26
CA GLU A 240 9.50 9.86 7.78
C GLU A 240 8.68 11.14 8.02
N ILE A 241 7.81 11.44 7.09
CA ILE A 241 7.03 12.69 7.16
C ILE A 241 5.97 12.51 8.26
N LEU A 242 5.35 11.34 8.25
CA LEU A 242 4.35 10.97 9.24
C LEU A 242 4.93 11.11 10.66
N ALA A 243 6.16 10.64 10.82
CA ALA A 243 6.79 10.68 12.16
C ALA A 243 6.92 12.09 12.68
N GLU A 244 7.00 13.08 11.79
CA GLU A 244 7.14 14.43 12.22
C GLU A 244 5.97 14.89 13.09
N THR A 245 4.79 14.34 12.85
CA THR A 245 3.62 14.67 13.65
C THR A 245 3.86 14.36 15.12
N PHE A 246 4.43 13.19 15.38
CA PHE A 246 4.66 12.76 16.75
C PHE A 246 5.81 13.56 17.35
N ARG A 247 6.78 13.87 16.51
CA ARG A 247 7.89 14.66 16.98
C ARG A 247 7.40 16.09 17.37
N GLU A 248 6.58 16.69 16.51
CA GLU A 248 6.01 18.02 16.78
C GLU A 248 5.13 18.02 18.06
N ARG A 249 4.35 16.96 18.27
CA ARG A 249 3.54 16.89 19.48
C ARG A 249 4.40 16.85 20.74
N VAL A 250 5.48 16.09 20.68
CA VAL A 250 6.36 15.95 21.83
C VAL A 250 7.15 17.24 22.09
N LEU A 251 7.51 17.96 21.02
CA LEU A 251 8.25 19.23 21.14
C LEU A 251 7.53 20.26 22.01
N ARG A 252 6.20 20.21 22.04
CA ARG A 252 5.45 21.13 22.85
C ARG A 252 5.43 20.80 24.34
N THR A 253 5.96 19.64 24.73
CA THR A 253 5.84 19.21 26.11
C THR A 253 6.88 19.92 26.99
N GLU A 254 6.57 20.04 28.27
CA GLU A 254 7.54 20.56 29.25
C GLU A 254 8.73 19.62 29.36
N ASP A 255 8.47 18.32 29.31
CA ASP A 255 9.56 17.38 29.38
C ASP A 255 10.58 17.62 28.26
N ALA A 256 10.11 18.04 27.08
CA ALA A 256 11.03 18.29 25.96
C ALA A 256 11.99 19.47 26.22
N ALA A 257 11.59 20.39 27.10
CA ALA A 257 12.49 21.46 27.53
C ALA A 257 13.39 20.94 28.67
N GLU A 258 12.83 20.18 29.59
CA GLU A 258 13.60 19.68 30.73
C GLU A 258 14.75 18.75 30.31
N GLY A 259 14.50 17.94 29.28
CA GLY A 259 15.47 16.93 28.88
C GLY A 259 16.80 17.51 28.47
N PRO A 260 16.81 18.45 27.51
CA PRO A 260 18.10 19.01 27.12
C PRO A 260 18.74 19.88 28.20
N ARG A 261 17.91 20.56 28.99
CA ARG A 261 18.36 21.31 30.13
C ARG A 261 19.10 20.41 31.13
N ALA A 262 18.47 19.31 31.56
CA ALA A 262 19.14 18.36 32.49
C ALA A 262 20.48 17.88 31.91
N PHE A 263 20.50 17.59 30.60
CA PHE A 263 21.71 17.13 29.93
C PHE A 263 22.84 18.15 29.96
N VAL A 264 22.54 19.41 29.64
CA VAL A 264 23.57 20.47 29.66
C VAL A 264 24.04 20.77 31.09
N GLU A 265 23.19 20.51 32.08
CA GLU A 265 23.56 20.71 33.49
C GLU A 265 24.10 19.44 34.15
N LYS A 266 24.37 18.40 33.33
CA LYS A 266 24.92 17.11 33.78
C LYS A 266 24.21 16.55 35.00
N ARG A 267 22.89 16.51 34.93
CA ARG A 267 22.09 16.06 36.04
C ARG A 267 20.93 15.20 35.50
N GLN A 268 20.27 14.44 36.38
CA GLN A 268 19.16 13.59 35.96
C GLN A 268 17.92 14.43 35.62
N PRO A 269 17.24 14.12 34.52
CA PRO A 269 15.99 14.85 34.29
C PRO A 269 14.90 14.44 35.26
N ASN A 270 13.96 15.33 35.50
CA ASN A 270 12.81 15.05 36.33
C ASN A 270 11.56 15.18 35.44
N TRP A 271 11.09 14.03 34.97
CA TRP A 271 10.00 14.00 34.03
C TRP A 271 8.67 14.19 34.72
N GLN A 272 7.83 15.00 34.11
CA GLN A 272 6.48 15.18 34.61
C GLN A 272 5.43 14.50 33.72
N CYS A 273 5.83 13.88 32.60
CA CYS A 273 4.84 13.33 31.66
C CYS A 273 3.82 14.41 31.23
N ARG A 274 4.34 15.59 30.91
CA ARG A 274 3.56 16.72 30.36
C ARG A 274 4.60 17.47 29.60
N PHE B 10 12.00 -37.49 -18.36
CA PHE B 10 12.75 -36.20 -18.38
C PHE B 10 14.23 -36.48 -18.57
N ASP B 11 14.95 -35.63 -19.30
CA ASP B 11 16.41 -35.86 -19.45
C ASP B 11 17.28 -34.88 -18.65
N THR B 12 16.71 -33.78 -18.13
CA THR B 12 17.49 -32.79 -17.36
C THR B 12 17.14 -32.76 -15.85
N ILE B 13 16.03 -33.42 -15.48
CA ILE B 13 15.60 -33.56 -14.11
C ILE B 13 15.11 -34.98 -13.84
N LYS B 14 14.92 -35.30 -12.57
CA LYS B 14 14.23 -36.51 -12.15
C LYS B 14 12.98 -36.09 -11.37
N TYR B 15 11.91 -36.86 -11.56
CA TYR B 15 10.64 -36.64 -10.87
C TYR B 15 10.23 -37.97 -10.31
N GLU B 16 10.07 -38.04 -8.99
CA GLU B 16 9.71 -39.28 -8.30
C GLU B 16 8.68 -39.00 -7.22
N VAL B 17 7.71 -39.87 -7.08
CA VAL B 17 6.67 -39.75 -6.06
C VAL B 17 6.78 -40.91 -5.09
N ASP B 18 6.81 -40.61 -3.79
CA ASP B 18 6.82 -41.61 -2.74
C ASP B 18 5.80 -41.18 -1.69
N GLY B 19 4.74 -41.95 -1.52
CA GLY B 19 3.60 -41.55 -0.68
C GLY B 19 3.10 -40.18 -1.10
N HIS B 20 2.98 -39.26 -0.14
CA HIS B 20 2.49 -37.90 -0.40
C HIS B 20 3.56 -36.86 -0.79
N THR B 21 4.79 -37.30 -1.02
CA THR B 21 5.87 -36.40 -1.44
C THR B 21 6.35 -36.64 -2.85
N ALA B 22 6.32 -35.60 -3.68
CA ALA B 22 7.02 -35.61 -4.97
C ALA B 22 8.38 -34.96 -4.80
N THR B 23 9.40 -35.54 -5.42
CA THR B 23 10.77 -35.00 -5.37
C THR B 23 11.23 -34.71 -6.79
N ILE B 24 11.58 -33.44 -7.05
CA ILE B 24 12.20 -33.03 -8.30
C ILE B 24 13.68 -32.87 -8.04
N THR B 25 14.51 -33.51 -8.84
CA THR B 25 15.96 -33.36 -8.72
C THR B 25 16.56 -32.76 -9.97
N LEU B 26 17.17 -31.57 -9.83
CA LEU B 26 17.86 -30.96 -10.95
C LEU B 26 19.04 -31.86 -11.29
N ASN B 27 19.12 -32.29 -12.54
CA ASN B 27 19.97 -33.42 -12.89
C ASN B 27 20.81 -33.16 -14.14
N ARG B 28 21.47 -32.01 -14.15
CA ARG B 28 22.41 -31.67 -15.20
C ARG B 28 23.75 -31.31 -14.55
N PRO B 29 24.31 -32.24 -13.78
CA PRO B 29 25.54 -31.88 -13.09
C PRO B 29 26.71 -31.42 -14.01
N ASP B 30 26.74 -31.87 -15.27
CA ASP B 30 27.80 -31.49 -16.23
C ASP B 30 27.70 -30.07 -16.70
N ALA B 31 26.55 -29.43 -16.55
CA ALA B 31 26.47 -27.96 -16.69
C ALA B 31 26.23 -27.30 -15.31
N LEU B 32 26.62 -27.97 -14.22
CA LEU B 32 26.40 -27.45 -12.85
C LEU B 32 24.94 -27.01 -12.63
N ASN B 33 24.02 -27.81 -13.17
CA ASN B 33 22.59 -27.59 -13.09
C ASN B 33 22.20 -26.18 -13.53
N ALA B 34 22.89 -25.68 -14.55
CA ALA B 34 22.47 -24.44 -15.21
C ALA B 34 21.16 -24.71 -15.91
N LEU B 35 20.28 -23.72 -15.92
CA LEU B 35 18.98 -23.86 -16.53
C LEU B 35 19.02 -23.52 -18.02
N SER B 36 18.72 -24.52 -18.84
CA SER B 36 18.52 -24.32 -20.27
C SER B 36 17.03 -24.18 -20.51
N PRO B 37 16.65 -23.74 -21.71
CA PRO B 37 15.22 -23.69 -22.03
C PRO B 37 14.56 -25.02 -21.93
N HIS B 38 15.28 -26.08 -22.30
CA HIS B 38 14.72 -27.43 -22.21
C HIS B 38 14.48 -27.83 -20.78
N MET B 39 15.45 -27.58 -19.91
CA MET B 39 15.30 -27.85 -18.46
C MET B 39 14.14 -27.11 -17.84
N ILE B 40 13.96 -25.87 -18.27
CA ILE B 40 12.86 -25.06 -17.79
C ILE B 40 11.51 -25.64 -18.20
N THR B 41 11.41 -26.11 -19.45
CA THR B 41 10.20 -26.75 -19.92
C THR B 41 9.93 -28.02 -19.11
N GLU B 42 10.98 -28.79 -18.84
CA GLU B 42 10.80 -30.01 -18.06
C GLU B 42 10.38 -29.71 -16.62
N LEU B 43 10.96 -28.66 -16.02
CA LEU B 43 10.58 -28.26 -14.66
C LEU B 43 9.10 -27.90 -14.60
N ARG B 44 8.64 -27.14 -15.59
CA ARG B 44 7.25 -26.70 -15.56
C ARG B 44 6.26 -27.86 -15.73
N ALA B 45 6.61 -28.83 -16.55
CA ALA B 45 5.84 -30.06 -16.67
C ALA B 45 5.84 -30.84 -15.33
N ALA B 46 7.00 -30.94 -14.69
CA ALA B 46 7.07 -31.58 -13.36
C ALA B 46 6.22 -30.84 -12.31
N TYR B 47 6.28 -29.52 -12.28
CA TYR B 47 5.45 -28.75 -11.35
C TYR B 47 3.96 -29.01 -11.56
N HIS B 48 3.55 -28.98 -12.82
CA HIS B 48 2.14 -29.20 -13.20
C HIS B 48 1.70 -30.57 -12.78
N GLU B 49 2.56 -31.55 -13.03
CA GLU B 49 2.28 -32.92 -12.63
C GLU B 49 2.07 -32.99 -11.10
N ALA B 50 2.98 -32.38 -10.34
CA ALA B 50 2.85 -32.43 -8.90
C ALA B 50 1.56 -31.76 -8.44
N GLU B 51 1.25 -30.62 -9.03
CA GLU B 51 0.09 -29.84 -8.61
C GLU B 51 -1.21 -30.59 -8.86
N ASN B 52 -1.25 -31.35 -9.95
CA ASN B 52 -2.47 -32.04 -10.35
C ASN B 52 -2.62 -33.49 -9.88
N ASP B 53 -1.58 -34.06 -9.28
CA ASP B 53 -1.69 -35.42 -8.76
C ASP B 53 -2.18 -35.31 -7.30
N ASP B 54 -3.43 -35.72 -7.05
CA ASP B 54 -4.04 -35.63 -5.70
C ASP B 54 -3.28 -36.38 -4.63
N ARG B 55 -2.50 -37.39 -5.01
CA ARG B 55 -1.68 -38.13 -4.07
C ARG B 55 -0.53 -37.28 -3.52
N VAL B 56 -0.07 -36.32 -4.32
CA VAL B 56 1.04 -35.46 -3.93
C VAL B 56 0.54 -34.32 -3.07
N TRP B 57 1.06 -34.24 -1.86
CA TRP B 57 0.73 -33.14 -0.93
C TRP B 57 1.83 -32.10 -0.81
N LEU B 58 3.07 -32.51 -1.10
CA LEU B 58 4.23 -31.67 -0.88
C LEU B 58 5.31 -31.96 -1.91
N LEU B 59 5.96 -30.90 -2.40
CA LEU B 59 7.04 -31.05 -3.40
C LEU B 59 8.39 -30.71 -2.76
N VAL B 60 9.35 -31.61 -2.91
CA VAL B 60 10.73 -31.36 -2.55
C VAL B 60 11.53 -31.09 -3.83
N VAL B 61 12.33 -30.00 -3.83
CA VAL B 61 13.24 -29.73 -4.94
C VAL B 61 14.66 -29.79 -4.43
N THR B 62 15.54 -30.50 -5.14
CA THR B 62 16.94 -30.57 -4.80
C THR B 62 17.77 -30.71 -6.07
N GLY B 63 19.09 -30.74 -5.91
CA GLY B 63 19.98 -30.85 -7.06
C GLY B 63 20.96 -31.99 -6.91
N THR B 64 21.81 -32.17 -7.91
CA THR B 64 22.83 -33.21 -7.91
C THR B 64 24.20 -32.59 -8.07
N GLY B 65 25.14 -33.07 -7.28
CA GLY B 65 26.54 -32.72 -7.45
C GLY B 65 26.94 -31.49 -6.66
N ARG B 66 27.89 -30.75 -7.20
CA ARG B 66 28.44 -29.65 -6.45
C ARG B 66 27.61 -28.36 -6.60
N ALA B 67 26.67 -28.33 -7.56
CA ALA B 67 25.74 -27.25 -7.70
C ALA B 67 24.31 -27.71 -7.46
N PHE B 68 23.56 -26.88 -6.71
CA PHE B 68 22.12 -27.00 -6.66
C PHE B 68 21.63 -26.45 -8.00
N CYS B 69 21.96 -25.18 -8.30
CA CYS B 69 21.63 -24.54 -9.55
C CYS B 69 22.52 -23.33 -9.76
N SER B 70 23.31 -23.35 -10.83
CA SER B 70 24.27 -22.28 -11.13
C SER B 70 23.68 -21.18 -11.99
N GLY B 71 22.37 -21.13 -12.15
CA GLY B 71 21.73 -20.02 -12.86
C GLY B 71 21.28 -20.40 -14.25
N ALA B 72 20.91 -19.42 -15.05
CA ALA B 72 20.54 -19.65 -16.47
C ALA B 72 21.78 -19.76 -17.32
N ASP B 73 21.70 -20.52 -18.41
CA ASP B 73 22.76 -20.55 -19.46
C ASP B 73 22.96 -19.15 -20.05
N VAL B 74 24.18 -18.60 -20.02
CA VAL B 74 24.45 -17.16 -20.38
C VAL B 74 24.17 -16.81 -21.85
N PRO B 88 5.38 -16.41 -31.23
CA PRO B 88 5.38 -15.01 -31.71
C PRO B 88 5.32 -13.96 -30.61
N TYR B 89 5.94 -12.82 -30.89
CA TYR B 89 6.26 -11.85 -29.84
C TYR B 89 4.97 -11.31 -29.22
N LEU B 90 4.89 -11.35 -27.89
CA LEU B 90 3.73 -10.81 -27.14
C LEU B 90 2.39 -11.49 -27.45
N SER B 91 2.45 -12.70 -28.01
CA SER B 91 1.23 -13.43 -28.30
C SER B 91 0.73 -14.21 -27.07
N THR B 92 1.57 -14.40 -26.05
CA THR B 92 1.15 -15.09 -24.82
C THR B 92 1.36 -14.20 -23.59
N TYR B 93 0.50 -14.39 -22.59
CA TYR B 93 0.39 -13.46 -21.49
C TYR B 93 1.69 -13.35 -20.71
N ASP B 94 2.38 -14.47 -20.55
CA ASP B 94 3.64 -14.50 -19.80
C ASP B 94 4.71 -13.54 -20.37
N GLN B 95 4.66 -13.26 -21.67
CA GLN B 95 5.60 -12.35 -22.28
C GLN B 95 5.42 -10.88 -21.80
N TRP B 96 4.30 -10.58 -21.16
CA TRP B 96 4.10 -9.24 -20.67
C TRP B 96 4.73 -9.03 -19.33
N GLU B 97 5.16 -10.10 -18.69
CA GLU B 97 5.73 -10.01 -17.33
C GLU B 97 7.19 -10.43 -17.32
N ALA B 98 7.83 -10.45 -16.15
CA ALA B 98 9.21 -10.89 -16.11
C ALA B 98 9.26 -12.37 -16.46
N PRO B 99 10.25 -12.76 -17.22
CA PRO B 99 10.45 -14.21 -17.36
C PRO B 99 10.68 -14.90 -16.00
N GLN B 100 10.15 -16.12 -15.87
CA GLN B 100 10.13 -16.81 -14.59
C GLN B 100 11.22 -17.85 -14.45
N GLU B 101 11.81 -18.27 -15.57
CA GLU B 101 12.84 -19.29 -15.57
C GLU B 101 12.38 -20.53 -14.77
N GLY B 102 13.12 -20.97 -13.78
CA GLY B 102 12.75 -22.20 -13.03
C GLY B 102 11.80 -22.03 -11.86
N THR B 103 11.33 -20.81 -11.61
CA THR B 103 10.50 -20.55 -10.43
C THR B 103 9.35 -21.53 -10.37
N PRO B 104 9.18 -22.22 -9.25
CA PRO B 104 7.92 -22.94 -9.07
C PRO B 104 6.73 -21.99 -9.04
N PRO B 105 5.53 -22.47 -9.38
CA PRO B 105 4.40 -21.55 -9.55
C PRO B 105 3.70 -21.24 -8.21
N PHE B 106 4.43 -20.54 -7.34
CA PHE B 106 3.99 -20.34 -5.97
C PHE B 106 2.75 -19.44 -5.88
N ARG B 107 2.52 -18.59 -6.89
CA ARG B 107 1.33 -17.77 -6.89
C ARG B 107 0.08 -18.52 -7.31
N THR B 108 0.22 -19.64 -8.01
CA THR B 108 -0.95 -20.33 -8.52
C THR B 108 -1.06 -21.79 -8.03
N MET B 109 -0.20 -22.23 -7.12
CA MET B 109 -0.26 -23.62 -6.62
C MET B 109 -0.31 -23.56 -5.09
N ALA B 110 -1.17 -24.38 -4.49
CA ALA B 110 -1.41 -24.32 -3.04
C ALA B 110 -0.55 -25.31 -2.25
N LYS B 111 0.06 -26.28 -2.93
CA LYS B 111 0.81 -27.32 -2.22
C LYS B 111 2.17 -26.76 -1.82
N PRO B 112 2.62 -27.04 -0.59
CA PRO B 112 3.87 -26.51 -0.13
C PRO B 112 5.05 -27.13 -0.86
N VAL B 113 6.14 -26.35 -0.89
CA VAL B 113 7.39 -26.76 -1.54
C VAL B 113 8.55 -26.56 -0.58
N LEU B 114 9.39 -27.58 -0.48
CA LEU B 114 10.60 -27.55 0.34
C LEU B 114 11.79 -27.67 -0.58
N THR B 115 12.77 -26.79 -0.41
CA THR B 115 13.98 -26.81 -1.21
C THR B 115 15.15 -27.26 -0.36
N ALA B 116 15.89 -28.25 -0.85
CA ALA B 116 17.09 -28.74 -0.17
C ALA B 116 18.30 -28.40 -1.00
N VAL B 117 19.01 -27.37 -0.60
CA VAL B 117 20.11 -26.79 -1.41
C VAL B 117 21.39 -27.59 -1.14
N ASN B 118 21.83 -28.32 -2.16
CA ASN B 118 22.96 -29.27 -2.04
C ASN B 118 24.33 -28.68 -2.37
N GLY B 119 24.37 -27.45 -2.86
CA GLY B 119 25.65 -26.86 -3.27
C GLY B 119 25.49 -25.42 -3.75
N ILE B 120 26.26 -25.05 -4.77
CA ILE B 120 26.21 -23.73 -5.34
C ILE B 120 24.79 -23.36 -5.73
N CYS B 121 24.35 -22.19 -5.28
CA CYS B 121 23.03 -21.68 -5.58
C CYS B 121 23.13 -20.20 -5.98
N CYS B 122 23.05 -19.91 -7.27
CA CYS B 122 23.22 -18.54 -7.74
C CYS B 122 22.37 -18.15 -8.92
N GLY B 123 22.16 -16.85 -9.05
CA GLY B 123 21.26 -16.30 -10.06
C GLY B 123 19.88 -16.89 -9.90
N ALA B 124 19.42 -17.54 -10.96
CA ALA B 124 18.08 -18.10 -11.00
C ALA B 124 17.88 -19.16 -9.93
N GLY B 125 18.97 -19.77 -9.48
CA GLY B 125 18.91 -20.75 -8.39
C GLY B 125 18.27 -20.16 -7.12
N MET B 126 18.48 -18.86 -6.91
CA MET B 126 17.92 -18.20 -5.72
C MET B 126 16.39 -18.19 -5.71
N ASP B 127 15.77 -18.35 -6.88
CA ASP B 127 14.32 -18.35 -6.95
C ASP B 127 13.71 -19.46 -6.04
N TRP B 128 14.36 -20.62 -5.93
CA TRP B 128 13.85 -21.66 -5.03
C TRP B 128 14.02 -21.26 -3.60
N VAL B 129 15.11 -20.59 -3.29
CA VAL B 129 15.37 -20.11 -1.93
C VAL B 129 14.36 -19.04 -1.49
N THR B 130 13.93 -18.19 -2.43
CA THR B 130 13.12 -17.03 -2.10
C THR B 130 11.61 -17.19 -2.30
N THR B 131 11.17 -18.26 -2.95
CA THR B 131 9.74 -18.42 -3.24
C THR B 131 9.15 -19.80 -2.83
N THR B 132 9.90 -20.63 -2.11
CA THR B 132 9.40 -21.90 -1.63
C THR B 132 9.25 -21.77 -0.12
N ASP B 133 8.63 -22.74 0.50
CA ASP B 133 8.08 -22.57 1.85
C ASP B 133 9.02 -23.00 2.97
N ILE B 134 9.76 -24.07 2.75
CA ILE B 134 10.80 -24.49 3.69
C ILE B 134 12.10 -24.65 2.92
N VAL B 135 13.17 -24.04 3.43
CA VAL B 135 14.44 -24.10 2.77
C VAL B 135 15.50 -24.60 3.74
N ILE B 136 16.17 -25.68 3.37
CA ILE B 136 17.28 -26.20 4.12
C ILE B 136 18.48 -26.33 3.18
N ALA B 137 19.65 -26.51 3.74
CA ALA B 137 20.87 -26.61 2.93
C ALA B 137 21.92 -27.50 3.55
N SER B 138 22.69 -28.09 2.65
CA SER B 138 23.92 -28.73 2.99
C SER B 138 24.90 -27.71 3.54
N GLU B 139 25.77 -28.18 4.42
CA GLU B 139 26.85 -27.36 4.98
C GLU B 139 27.72 -26.80 3.88
N GLN B 140 27.73 -27.43 2.73
CA GLN B 140 28.52 -27.00 1.57
C GLN B 140 27.84 -25.97 0.63
N ALA B 141 26.56 -25.68 0.84
CA ALA B 141 25.83 -24.69 0.01
C ALA B 141 26.38 -23.28 0.10
N THR B 142 26.37 -22.56 -1.01
CA THR B 142 26.69 -21.15 -1.03
C THR B 142 25.66 -20.41 -1.89
N PHE B 143 25.52 -19.11 -1.64
CA PHE B 143 24.47 -18.30 -2.23
C PHE B 143 25.03 -16.99 -2.74
N PHE B 144 24.70 -16.65 -3.97
CA PHE B 144 25.13 -15.40 -4.57
C PHE B 144 24.39 -15.09 -5.88
N ASP B 145 24.67 -13.93 -6.46
CA ASP B 145 24.14 -13.62 -7.78
C ASP B 145 25.21 -12.93 -8.61
N PRO B 146 25.52 -13.46 -9.78
CA PRO B 146 26.62 -12.95 -10.58
C PRO B 146 26.24 -11.90 -11.62
N HIS B 147 24.97 -11.49 -11.69
CA HIS B 147 24.53 -10.65 -12.83
C HIS B 147 25.26 -9.34 -13.06
N VAL B 148 25.56 -8.59 -12.00
CA VAL B 148 26.28 -7.32 -12.25
C VAL B 148 27.69 -7.56 -12.81
N SER B 149 28.25 -8.76 -12.60
CA SER B 149 29.58 -9.12 -13.10
C SER B 149 29.53 -9.39 -14.61
N ILE B 150 28.35 -9.69 -15.13
CA ILE B 150 28.10 -9.95 -16.51
C ILE B 150 27.53 -8.70 -17.21
N GLY B 151 27.31 -7.61 -16.49
CA GLY B 151 26.79 -6.35 -17.09
C GLY B 151 25.28 -6.22 -17.09
N LEU B 152 24.61 -7.11 -16.36
CA LEU B 152 23.15 -7.20 -16.39
C LEU B 152 22.48 -7.00 -15.01
N VAL B 153 21.20 -6.64 -15.07
CA VAL B 153 20.39 -6.49 -13.85
C VAL B 153 19.59 -7.74 -13.63
N ALA B 154 19.75 -8.34 -12.45
CA ALA B 154 18.96 -9.56 -12.10
C ALA B 154 17.67 -9.15 -11.37
N GLY B 155 16.69 -8.65 -12.11
CA GLY B 155 15.54 -7.96 -11.51
C GLY B 155 14.74 -8.86 -10.60
N ARG B 156 14.06 -9.79 -11.21
CA ARG B 156 13.22 -10.77 -10.50
C ARG B 156 13.93 -11.41 -9.31
N GLU B 157 15.12 -11.97 -9.57
CA GLU B 157 15.88 -12.71 -8.55
C GLU B 157 16.16 -11.89 -7.31
N LEU B 158 16.62 -10.67 -7.52
CA LEU B 158 17.06 -9.86 -6.39
C LEU B 158 15.93 -9.09 -5.69
N VAL B 159 14.83 -8.74 -6.38
CA VAL B 159 13.68 -8.20 -5.67
C VAL B 159 13.18 -9.28 -4.69
N ARG B 160 13.24 -10.54 -5.11
CA ARG B 160 12.86 -11.66 -4.22
C ARG B 160 13.83 -11.82 -3.04
N VAL B 161 15.12 -11.79 -3.31
CA VAL B 161 16.14 -11.86 -2.25
C VAL B 161 15.93 -10.74 -1.24
N SER B 162 15.54 -9.55 -1.73
CA SER B 162 15.33 -8.40 -0.87
C SER B 162 14.17 -8.58 0.10
N ARG B 163 13.29 -9.55 -0.12
CA ARG B 163 12.22 -9.84 0.84
C ARG B 163 12.67 -10.83 1.91
N VAL B 164 13.86 -11.41 1.77
CA VAL B 164 14.34 -12.36 2.74
C VAL B 164 15.53 -11.87 3.53
N LEU B 165 16.51 -11.25 2.89
CA LEU B 165 17.65 -10.72 3.64
C LEU B 165 17.43 -9.28 4.07
N PRO B 166 18.05 -8.84 5.19
CA PRO B 166 17.97 -7.45 5.55
C PRO B 166 18.62 -6.54 4.50
N ARG B 167 18.13 -5.30 4.49
CA ARG B 167 18.41 -4.31 3.47
C ARG B 167 19.83 -4.33 2.90
N SER B 168 20.82 -4.10 3.74
CA SER B 168 22.20 -3.95 3.26
C SER B 168 22.86 -5.28 2.97
N ILE B 169 22.26 -6.38 3.42
CA ILE B 169 22.77 -7.71 3.10
C ILE B 169 22.31 -8.10 1.68
N ALA B 170 21.06 -7.82 1.38
CA ALA B 170 20.52 -7.98 0.03
C ALA B 170 21.27 -7.11 -0.98
N LEU B 171 21.50 -5.87 -0.61
CA LEU B 171 22.22 -4.93 -1.49
C LEU B 171 23.68 -5.36 -1.66
N ARG B 172 24.33 -5.82 -0.60
CA ARG B 172 25.70 -6.28 -0.74
C ARG B 172 25.76 -7.48 -1.70
N MET B 173 24.84 -8.44 -1.56
CA MET B 173 24.79 -9.56 -2.48
C MET B 173 24.60 -9.11 -3.92
N ALA B 174 23.70 -8.15 -4.13
CA ALA B 174 23.44 -7.60 -5.47
C ALA B 174 24.67 -6.90 -6.05
N LEU B 175 25.35 -6.13 -5.23
CA LEU B 175 26.48 -5.30 -5.71
C LEU B 175 27.81 -6.06 -5.88
N MET B 176 28.02 -7.11 -5.08
CA MET B 176 29.26 -7.87 -5.12
C MET B 176 29.31 -8.85 -6.31
N GLY B 177 28.16 -9.18 -6.88
CA GLY B 177 28.14 -10.06 -8.02
C GLY B 177 28.82 -11.38 -7.73
N LYS B 178 29.60 -11.87 -8.70
CA LYS B 178 30.20 -13.17 -8.56
C LYS B 178 31.39 -13.19 -7.62
N HIS B 179 31.78 -12.04 -7.09
CA HIS B 179 33.01 -11.99 -6.31
C HIS B 179 32.85 -12.32 -4.85
N GLU B 180 31.64 -12.69 -4.40
CA GLU B 180 31.46 -13.06 -3.02
C GLU B 180 30.37 -14.10 -2.94
N ARG B 181 30.50 -15.03 -2.00
CA ARG B 181 29.51 -16.07 -1.81
C ARG B 181 29.09 -16.15 -0.33
N MET B 182 27.79 -16.12 -0.06
CA MET B 182 27.33 -16.31 1.28
C MET B 182 27.39 -17.77 1.66
N SER B 183 27.97 -18.08 2.81
CA SER B 183 28.03 -19.45 3.32
C SER B 183 26.68 -19.94 3.83
N ALA B 184 26.56 -21.26 3.96
CA ALA B 184 25.39 -21.87 4.60
C ALA B 184 25.23 -21.37 6.04
N GLN B 185 26.34 -21.21 6.77
CA GLN B 185 26.30 -20.76 8.14
C GLN B 185 25.72 -19.34 8.23
N ARG B 186 26.13 -18.45 7.33
CA ARG B 186 25.63 -17.08 7.38
C ARG B 186 24.17 -17.04 6.94
N ALA B 187 23.82 -17.85 5.95
CA ALA B 187 22.44 -17.96 5.52
C ALA B 187 21.52 -18.41 6.64
N TYR B 188 21.97 -19.38 7.42
CA TYR B 188 21.20 -19.89 8.57
C TYR B 188 21.04 -18.78 9.61
N GLU B 189 22.16 -18.12 9.91
CA GLU B 189 22.15 -17.01 10.86
CA GLU B 189 22.21 -16.98 10.81
C GLU B 189 21.10 -15.95 10.56
N LEU B 190 20.91 -15.61 9.29
CA LEU B 190 19.93 -14.58 8.91
C LEU B 190 18.57 -15.16 8.59
N GLY B 191 18.41 -16.47 8.58
CA GLY B 191 17.11 -17.04 8.34
C GLY B 191 16.75 -17.13 6.86
N LEU B 192 17.76 -17.01 6.00
CA LEU B 192 17.61 -17.35 4.57
C LEU B 192 17.33 -18.83 4.39
N ILE B 193 17.89 -19.64 5.30
CA ILE B 193 17.58 -21.06 5.42
C ILE B 193 17.27 -21.36 6.88
N SER B 194 16.52 -22.44 7.12
CA SER B 194 16.11 -22.80 8.46
C SER B 194 16.96 -23.87 9.11
N GLU B 195 17.78 -24.56 8.33
CA GLU B 195 18.54 -25.66 8.85
C GLU B 195 19.74 -25.95 7.96
N ILE B 196 20.86 -26.31 8.58
CA ILE B 196 22.01 -26.84 7.88
C ILE B 196 22.10 -28.36 8.12
N VAL B 197 22.37 -29.14 7.09
CA VAL B 197 22.43 -30.59 7.20
C VAL B 197 23.76 -31.10 6.71
N GLU B 198 24.30 -32.09 7.43
CA GLU B 198 25.46 -32.84 6.95
C GLU B 198 25.15 -33.24 5.52
N HIS B 199 26.14 -33.03 4.67
CA HIS B 199 25.92 -33.15 3.24
C HIS B 199 25.29 -34.44 2.79
N ASP B 200 25.85 -35.55 3.25
CA ASP B 200 25.36 -36.88 2.86
C ASP B 200 23.98 -37.22 3.39
N ARG B 201 23.47 -36.46 4.37
CA ARG B 201 22.15 -36.72 4.94
C ARG B 201 21.09 -35.71 4.42
N LEU B 202 21.44 -34.90 3.43
CA LEU B 202 20.52 -33.80 3.02
C LEU B 202 19.15 -34.30 2.57
N LEU B 203 19.15 -35.27 1.64
CA LEU B 203 17.92 -35.73 1.04
C LEU B 203 17.06 -36.49 2.06
N GLU B 204 17.73 -37.27 2.90
CA GLU B 204 17.09 -37.95 4.00
C GLU B 204 16.38 -36.98 4.95
N ARG B 205 17.07 -35.93 5.34
CA ARG B 205 16.45 -34.95 6.23
C ARG B 205 15.28 -34.18 5.54
N ALA B 206 15.43 -33.87 4.26
CA ALA B 206 14.37 -33.21 3.51
C ALA B 206 13.09 -34.06 3.52
N HIS B 207 13.27 -35.37 3.32
CA HIS B 207 12.12 -36.28 3.29
C HIS B 207 11.54 -36.49 4.67
N GLU B 208 12.38 -36.46 5.71
CA GLU B 208 11.89 -36.50 7.07
C GLU B 208 11.01 -35.27 7.39
N ILE B 209 11.47 -34.09 7.01
CA ILE B 209 10.71 -32.87 7.25
C ILE B 209 9.39 -32.97 6.47
N ALA B 210 9.50 -33.41 5.23
CA ALA B 210 8.32 -33.59 4.36
C ALA B 210 7.26 -34.50 5.04
N ASP B 211 7.73 -35.65 5.55
CA ASP B 211 6.86 -36.59 6.24
C ASP B 211 6.22 -35.91 7.46
N ILE B 212 6.98 -35.11 8.20
CA ILE B 212 6.41 -34.42 9.34
C ILE B 212 5.30 -33.44 8.90
N VAL B 213 5.56 -32.65 7.88
CA VAL B 213 4.56 -31.69 7.41
C VAL B 213 3.30 -32.43 6.98
N ASN B 214 3.51 -33.54 6.27
CA ASN B 214 2.42 -34.32 5.77
C ASN B 214 1.70 -35.13 6.84
N SER B 215 2.25 -35.23 8.06
CA SER B 215 1.53 -35.79 9.18
C SER B 215 0.53 -34.81 9.74
N ASN B 216 0.62 -33.55 9.35
CA ASN B 216 -0.39 -32.57 9.71
C ASN B 216 -1.54 -32.54 8.65
N ALA B 217 -2.61 -31.79 8.91
CA ALA B 217 -3.74 -31.76 8.02
C ALA B 217 -3.40 -30.91 6.80
N PRO B 218 -3.37 -31.52 5.60
CA PRO B 218 -2.88 -30.87 4.41
C PRO B 218 -3.66 -29.64 3.98
N LEU B 219 -4.98 -29.64 4.12
CA LEU B 219 -5.73 -28.45 3.76
C LEU B 219 -5.49 -27.32 4.81
N ALA B 220 -5.26 -27.67 6.06
CA ALA B 220 -4.89 -26.65 7.07
C ALA B 220 -3.51 -26.07 6.74
N VAL B 221 -2.59 -26.92 6.30
CA VAL B 221 -1.27 -26.48 5.87
C VAL B 221 -1.39 -25.52 4.71
N ARG B 222 -2.19 -25.89 3.73
CA ARG B 222 -2.34 -25.05 2.53
C ARG B 222 -2.98 -23.73 2.90
N GLY B 223 -4.03 -23.79 3.70
CA GLY B 223 -4.73 -22.59 4.12
C GLY B 223 -3.86 -21.62 4.91
N THR B 224 -3.02 -22.18 5.76
CA THR B 224 -2.13 -21.38 6.59
C THR B 224 -1.05 -20.73 5.75
N ARG B 225 -0.51 -21.49 4.78
CA ARG B 225 0.45 -20.93 3.85
C ARG B 225 -0.16 -19.75 3.06
N LEU B 226 -1.39 -19.92 2.58
CA LEU B 226 -2.06 -18.84 1.85
C LEU B 226 -2.29 -17.61 2.75
N ALA B 227 -2.69 -17.84 4.00
CA ALA B 227 -2.89 -16.74 4.95
C ALA B 227 -1.60 -15.89 5.04
N ILE B 228 -0.47 -16.57 5.25
CA ILE B 228 0.81 -15.89 5.33
C ILE B 228 1.18 -15.19 4.03
N LEU B 229 1.18 -15.93 2.92
CA LEU B 229 1.68 -15.38 1.68
C LEU B 229 0.78 -14.27 1.13
N LYS B 230 -0.54 -14.44 1.13
CA LYS B 230 -1.41 -13.38 0.63
C LYS B 230 -1.35 -12.22 1.62
N GLY B 231 -1.19 -12.54 2.90
CA GLY B 231 -1.09 -11.50 3.94
C GLY B 231 0.11 -10.59 3.75
N LEU B 232 1.19 -11.11 3.17
CA LEU B 232 2.41 -10.31 3.03
C LEU B 232 2.21 -9.16 2.03
N ASN B 233 1.21 -9.26 1.18
CA ASN B 233 0.97 -8.28 0.15
C ASN B 233 0.17 -7.05 0.62
N VAL B 234 -0.38 -7.07 1.85
CA VAL B 234 -1.26 -6.00 2.35
C VAL B 234 -0.82 -5.63 3.76
N PRO B 235 -1.37 -4.54 4.30
CA PRO B 235 -0.93 -4.21 5.66
C PRO B 235 -1.41 -5.26 6.65
N LEU B 236 -0.73 -5.31 7.77
CA LEU B 236 -1.00 -6.28 8.82
C LEU B 236 -2.45 -6.39 9.23
N HIS B 237 -3.14 -5.26 9.45
CA HIS B 237 -4.52 -5.30 9.94
C HIS B 237 -5.45 -5.96 8.95
N GLU B 238 -5.34 -5.56 7.70
CA GLU B 238 -6.05 -6.25 6.62
C GLU B 238 -5.63 -7.71 6.46
N ALA B 239 -4.34 -7.98 6.62
CA ALA B 239 -3.80 -9.34 6.55
C ALA B 239 -4.52 -10.25 7.54
N GLU B 240 -4.80 -9.75 8.74
CA GLU B 240 -5.50 -10.54 9.77
C GLU B 240 -6.91 -10.92 9.34
N ILE B 241 -7.57 -9.98 8.69
CA ILE B 241 -8.96 -10.16 8.33
C ILE B 241 -8.99 -11.09 7.14
N LEU B 242 -8.14 -10.84 6.18
CA LEU B 242 -7.98 -11.68 5.00
C LEU B 242 -7.76 -13.14 5.40
N ALA B 243 -6.90 -13.36 6.39
CA ALA B 243 -6.58 -14.73 6.83
C ALA B 243 -7.80 -15.46 7.32
N GLU B 244 -8.80 -14.74 7.82
CA GLU B 244 -10.04 -15.38 8.25
C GLU B 244 -10.74 -16.16 7.14
N THR B 245 -10.58 -15.71 5.90
CA THR B 245 -11.19 -16.44 4.78
C THR B 245 -10.67 -17.86 4.69
N PHE B 246 -9.36 -18.01 4.82
CA PHE B 246 -8.77 -19.33 4.71
C PHE B 246 -9.14 -20.15 5.92
N ARG B 247 -9.24 -19.50 7.06
CA ARG B 247 -9.53 -20.20 8.29
C ARG B 247 -10.95 -20.74 8.19
N GLU B 248 -11.88 -19.90 7.70
CA GLU B 248 -13.27 -20.30 7.52
C GLU B 248 -13.39 -21.45 6.50
N ARG B 249 -12.62 -21.40 5.41
CA ARG B 249 -12.69 -22.47 4.40
C ARG B 249 -12.26 -23.81 5.02
N VAL B 250 -11.21 -23.77 5.83
CA VAL B 250 -10.68 -24.99 6.41
C VAL B 250 -11.64 -25.53 7.48
N LEU B 251 -12.31 -24.63 8.21
CA LEU B 251 -13.22 -25.04 9.27
C LEU B 251 -14.32 -25.95 8.75
N ARG B 252 -14.68 -25.79 7.48
CA ARG B 252 -15.67 -26.66 6.90
C ARG B 252 -15.19 -28.03 6.46
N THR B 253 -13.90 -28.29 6.55
CA THR B 253 -13.36 -29.51 5.99
C THR B 253 -13.68 -30.69 6.92
N GLU B 254 -13.77 -31.88 6.34
CA GLU B 254 -13.91 -33.14 7.12
C GLU B 254 -12.69 -33.28 8.01
N ASP B 255 -11.51 -32.95 7.52
CA ASP B 255 -10.28 -33.05 8.34
C ASP B 255 -10.35 -32.18 9.60
N ALA B 256 -10.98 -31.01 9.52
CA ALA B 256 -11.16 -30.18 10.74
C ALA B 256 -12.07 -30.85 11.81
N ALA B 257 -12.96 -31.73 11.37
CA ALA B 257 -13.76 -32.56 12.30
C ALA B 257 -12.93 -33.76 12.78
N GLU B 258 -12.18 -34.38 11.88
CA GLU B 258 -11.39 -35.58 12.20
C GLU B 258 -10.31 -35.28 13.23
N GLY B 259 -9.72 -34.10 13.14
CA GLY B 259 -8.62 -33.75 14.02
C GLY B 259 -8.96 -33.84 15.49
N PRO B 260 -9.98 -33.08 15.92
CA PRO B 260 -10.39 -33.17 17.34
C PRO B 260 -10.98 -34.53 17.73
N ARG B 261 -11.70 -35.18 16.81
CA ARG B 261 -12.20 -36.57 17.00
C ARG B 261 -11.05 -37.58 17.26
N ALA B 262 -10.02 -37.61 16.42
CA ALA B 262 -8.84 -38.45 16.65
C ALA B 262 -8.20 -38.16 18.03
N PHE B 263 -8.09 -36.87 18.38
CA PHE B 263 -7.53 -36.47 19.67
C PHE B 263 -8.35 -37.01 20.87
N VAL B 264 -9.67 -36.87 20.82
CA VAL B 264 -10.55 -37.36 21.90
C VAL B 264 -10.53 -38.90 21.99
N GLU B 265 -10.26 -39.57 20.87
CA GLU B 265 -10.17 -41.03 20.84
C GLU B 265 -8.74 -41.55 21.02
N LYS B 266 -7.82 -40.66 21.39
CA LYS B 266 -6.41 -40.97 21.62
C LYS B 266 -5.80 -41.81 20.53
N ARG B 267 -5.98 -41.37 19.30
CA ARG B 267 -5.48 -42.08 18.15
C ARG B 267 -4.90 -41.06 17.12
N GLN B 268 -4.11 -41.55 16.16
CA GLN B 268 -3.54 -40.71 15.11
C GLN B 268 -4.65 -40.25 14.13
N PRO B 269 -4.64 -38.96 13.72
CA PRO B 269 -5.70 -38.59 12.78
C PRO B 269 -5.41 -39.18 11.45
N ASN B 270 -6.47 -39.48 10.72
CA ASN B 270 -6.40 -40.10 9.44
C ASN B 270 -6.93 -39.08 8.47
N TRP B 271 -6.02 -38.28 7.92
CA TRP B 271 -6.39 -37.16 7.12
C TRP B 271 -6.78 -37.64 5.75
N GLN B 272 -7.91 -37.11 5.28
CA GLN B 272 -8.40 -37.49 3.98
C GLN B 272 -8.21 -36.35 2.99
N CYS B 273 -7.60 -35.21 3.39
CA CYS B 273 -7.47 -34.09 2.48
C CYS B 273 -8.81 -33.67 1.84
N ARG B 274 -9.81 -33.58 2.69
CA ARG B 274 -11.09 -33.01 2.31
C ARG B 274 -11.66 -32.54 3.64
N PHE C 10 37.49 21.64 3.16
CA PHE C 10 36.51 21.28 4.24
C PHE C 10 37.21 21.29 5.58
N ASP C 11 36.52 21.75 6.63
CA ASP C 11 37.07 21.84 7.98
C ASP C 11 36.61 20.69 8.90
N THR C 12 35.46 20.09 8.61
CA THR C 12 34.86 19.08 9.50
C THR C 12 34.92 17.67 8.93
N ILE C 13 35.21 17.56 7.64
CA ILE C 13 35.34 16.28 6.95
C ILE C 13 36.56 16.29 6.04
N LYS C 14 36.93 15.11 5.57
CA LYS C 14 37.88 14.95 4.47
C LYS C 14 37.14 14.33 3.28
N TYR C 15 37.49 14.76 2.08
CA TYR C 15 36.96 14.23 0.84
C TYR C 15 38.14 13.88 -0.02
N GLU C 16 38.27 12.60 -0.39
CA GLU C 16 39.39 12.14 -1.23
C GLU C 16 38.90 11.19 -2.32
N VAL C 17 39.47 11.29 -3.52
CA VAL C 17 39.15 10.39 -4.62
C VAL C 17 40.38 9.58 -4.93
N ASP C 18 40.21 8.28 -5.04
CA ASP C 18 41.24 7.38 -5.55
C ASP C 18 40.59 6.43 -6.57
N GLY C 19 40.98 6.55 -7.84
CA GLY C 19 40.32 5.84 -8.93
C GLY C 19 38.82 6.12 -8.91
N HIS C 20 38.01 5.06 -8.91
CA HIS C 20 36.56 5.21 -8.93
C HIS C 20 35.88 5.29 -7.58
N THR C 21 36.65 5.38 -6.50
CA THR C 21 36.10 5.49 -5.16
C THR C 21 36.36 6.83 -4.52
N ALA C 22 35.28 7.51 -4.13
CA ALA C 22 35.38 8.71 -3.30
C ALA C 22 35.19 8.31 -1.83
N THR C 23 36.00 8.86 -0.93
CA THR C 23 35.93 8.60 0.49
C THR C 23 35.69 9.89 1.26
N ILE C 24 34.58 9.92 2.01
CA ILE C 24 34.26 11.00 2.93
C ILE C 24 34.53 10.54 4.34
N THR C 25 35.35 11.29 5.09
CA THR C 25 35.70 10.93 6.46
C THR C 25 35.19 12.00 7.41
N LEU C 26 34.26 11.64 8.29
CA LEU C 26 33.84 12.57 9.33
C LEU C 26 35.07 12.84 10.21
N ASN C 27 35.41 14.11 10.37
CA ASN C 27 36.74 14.46 10.90
C ASN C 27 36.71 15.50 12.03
N ARG C 28 35.82 15.30 13.00
CA ARG C 28 35.72 16.12 14.18
CA ARG C 28 35.78 16.14 14.20
C ARG C 28 35.86 15.21 15.41
N PRO C 29 36.95 14.44 15.50
CA PRO C 29 37.06 13.48 16.59
C PRO C 29 36.97 14.04 18.00
N ASP C 30 37.38 15.29 18.20
CA ASP C 30 37.31 15.90 19.53
C ASP C 30 35.89 16.16 19.95
N ALA C 31 34.98 16.34 19.00
CA ALA C 31 33.55 16.45 19.32
C ALA C 31 32.84 15.10 19.05
N LEU C 32 33.60 14.00 19.02
CA LEU C 32 33.05 12.67 18.70
C LEU C 32 32.20 12.68 17.43
N ASN C 33 32.65 13.44 16.44
CA ASN C 33 31.99 13.55 15.16
C ASN C 33 30.52 13.87 15.25
N ALA C 34 30.18 14.72 16.21
CA ALA C 34 28.82 15.25 16.32
C ALA C 34 28.53 16.15 15.12
N LEU C 35 27.31 16.09 14.60
CA LEU C 35 26.94 16.86 13.41
C LEU C 35 26.52 18.26 13.78
N SER C 36 27.30 19.23 13.33
CA SER C 36 26.94 20.62 13.44
C SER C 36 26.29 21.00 12.14
N PRO C 37 25.59 22.13 12.13
CA PRO C 37 25.13 22.68 10.86
C PRO C 37 26.24 22.85 9.83
N HIS C 38 27.42 23.26 10.24
CA HIS C 38 28.52 23.44 9.30
C HIS C 38 28.96 22.12 8.71
N MET C 39 29.11 21.09 9.55
CA MET C 39 29.43 19.73 9.07
C MET C 39 28.41 19.21 8.07
N ILE C 40 27.13 19.47 8.34
CA ILE C 40 26.05 19.05 7.48
C ILE C 40 26.14 19.72 6.11
N THR C 41 26.43 21.01 6.11
CA THR C 41 26.63 21.75 4.84
C THR C 41 27.82 21.18 4.07
N GLU C 42 28.89 20.86 4.78
CA GLU C 42 30.06 20.27 4.12
C GLU C 42 29.77 18.88 3.55
N LEU C 43 29.00 18.07 4.29
CA LEU C 43 28.64 16.73 3.84
C LEU C 43 27.84 16.82 2.55
N ARG C 44 26.90 17.75 2.50
CA ARG C 44 26.06 17.87 1.30
C ARG C 44 26.87 18.33 0.06
N ALA C 45 27.83 19.21 0.26
CA ALA C 45 28.77 19.60 -0.84
C ALA C 45 29.60 18.42 -1.29
N ALA C 46 30.09 17.64 -0.34
CA ALA C 46 30.83 16.43 -0.68
C ALA C 46 29.96 15.41 -1.43
N TYR C 47 28.73 15.20 -1.00
CA TYR C 47 27.84 14.28 -1.71
C TYR C 47 27.61 14.74 -3.16
N HIS C 48 27.36 16.02 -3.33
CA HIS C 48 27.11 16.62 -4.65
C HIS C 48 28.32 16.46 -5.53
N GLU C 49 29.49 16.70 -4.95
CA GLU C 49 30.73 16.50 -5.68
C GLU C 49 30.87 15.04 -6.16
N ALA C 50 30.61 14.08 -5.26
CA ALA C 50 30.75 12.68 -5.64
C ALA C 50 29.73 12.29 -6.71
N GLU C 51 28.48 12.78 -6.58
CA GLU C 51 27.42 12.47 -7.55
C GLU C 51 27.75 12.99 -8.95
N ASN C 52 28.39 14.16 -9.02
CA ASN C 52 28.66 14.84 -10.30
C ASN C 52 30.02 14.60 -10.91
N ASP C 53 30.93 13.94 -10.21
CA ASP C 53 32.23 13.59 -10.77
C ASP C 53 32.08 12.22 -11.46
N ASP C 54 32.10 12.20 -12.80
CA ASP C 54 31.93 10.96 -13.57
C ASP C 54 32.96 9.88 -13.26
N ARG C 55 34.14 10.28 -12.78
CA ARG C 55 35.16 9.32 -12.38
C ARG C 55 34.74 8.52 -11.12
N VAL C 56 33.88 9.11 -10.29
CA VAL C 56 33.45 8.48 -9.05
C VAL C 56 32.29 7.53 -9.34
N TRP C 57 32.48 6.25 -9.01
CA TRP C 57 31.45 5.26 -9.13
C TRP C 57 30.83 4.87 -7.82
N LEU C 58 31.57 5.02 -6.72
CA LEU C 58 31.13 4.57 -5.41
C LEU C 58 31.67 5.48 -4.33
N LEU C 59 30.84 5.74 -3.33
CA LEU C 59 31.21 6.57 -2.21
C LEU C 59 31.37 5.73 -0.95
N VAL C 60 32.50 5.89 -0.27
CA VAL C 60 32.70 5.32 1.06
C VAL C 60 32.58 6.42 2.11
N VAL C 61 31.82 6.17 3.17
CA VAL C 61 31.72 7.08 4.32
C VAL C 61 32.27 6.42 5.58
N THR C 62 33.18 7.10 6.28
CA THR C 62 33.75 6.59 7.55
C THR C 62 33.99 7.73 8.49
N GLY C 63 34.38 7.41 9.71
CA GLY C 63 34.70 8.44 10.71
C GLY C 63 36.10 8.29 11.26
N THR C 64 36.43 9.12 12.24
CA THR C 64 37.73 9.10 12.91
C THR C 64 37.52 8.99 14.40
N GLY C 65 38.32 8.15 15.06
CA GLY C 65 38.43 8.15 16.51
C GLY C 65 37.44 7.21 17.16
N ARG C 66 36.98 7.56 18.35
CA ARG C 66 36.15 6.66 19.12
C ARG C 66 34.72 6.67 18.60
N ALA C 67 34.33 7.73 17.90
CA ALA C 67 32.98 7.82 17.32
C ALA C 67 33.00 7.83 15.80
N PHE C 68 32.04 7.09 15.22
CA PHE C 68 31.75 7.24 13.82
C PHE C 68 30.97 8.53 13.71
N CYS C 69 29.86 8.61 14.43
CA CYS C 69 29.07 9.82 14.52
C CYS C 69 28.18 9.73 15.75
N SER C 70 28.36 10.68 16.67
CA SER C 70 27.63 10.69 17.92
C SER C 70 26.30 11.44 17.82
N GLY C 71 25.83 11.75 16.63
CA GLY C 71 24.52 12.37 16.48
C GLY C 71 24.62 13.87 16.23
N ALA C 72 23.49 14.56 16.30
CA ALA C 72 23.46 16.04 16.13
C ALA C 72 23.93 16.69 17.42
N ASP C 73 24.53 17.88 17.29
CA ASP C 73 24.83 18.74 18.46
C ASP C 73 23.55 19.06 19.20
N VAL C 74 23.49 18.79 20.51
CA VAL C 74 22.26 18.94 21.32
C VAL C 74 21.69 20.38 21.43
N PRO C 88 13.97 31.28 5.10
CA PRO C 88 12.75 31.67 5.79
C PRO C 88 11.85 30.47 5.87
N TYR C 89 11.02 30.47 6.91
CA TYR C 89 10.27 29.27 7.32
C TYR C 89 9.32 28.80 6.21
N LEU C 90 9.44 27.53 5.84
CA LEU C 90 8.57 26.92 4.83
C LEU C 90 8.70 27.52 3.42
N SER C 91 9.78 28.23 3.15
CA SER C 91 9.97 28.85 1.84
C SER C 91 10.58 27.86 0.85
N THR C 92 11.16 26.77 1.34
CA THR C 92 11.71 25.71 0.47
C THR C 92 11.01 24.35 0.75
N TYR C 93 10.92 23.53 -0.30
CA TYR C 93 10.17 22.29 -0.26
C TYR C 93 10.63 21.32 0.83
N ASP C 94 11.93 21.22 1.02
CA ASP C 94 12.50 20.33 2.02
C ASP C 94 11.94 20.58 3.41
N GLN C 95 11.57 21.81 3.72
CA GLN C 95 11.07 22.14 5.06
C GLN C 95 9.70 21.47 5.37
N TRP C 96 9.01 20.99 4.34
CA TRP C 96 7.75 20.32 4.52
C TRP C 96 7.92 18.87 4.91
N GLU C 97 9.13 18.35 4.79
CA GLU C 97 9.41 16.95 5.11
C GLU C 97 10.34 16.85 6.31
N ALA C 98 10.74 15.63 6.72
CA ALA C 98 11.62 15.50 7.88
C ALA C 98 12.98 16.11 7.51
N PRO C 99 13.59 16.87 8.43
CA PRO C 99 14.97 17.27 8.19
C PRO C 99 15.84 16.06 7.99
N GLN C 100 16.82 16.20 7.10
CA GLN C 100 17.65 15.08 6.66
C GLN C 100 19.00 14.98 7.38
N GLU C 101 19.44 16.07 8.03
CA GLU C 101 20.73 16.08 8.72
C GLU C 101 21.85 15.55 7.80
N GLY C 102 22.62 14.55 8.19
CA GLY C 102 23.71 14.05 7.34
C GLY C 102 23.37 12.98 6.29
N THR C 103 22.11 12.62 6.17
CA THR C 103 21.70 11.53 5.26
C THR C 103 22.26 11.75 3.86
N PRO C 104 22.97 10.75 3.28
CA PRO C 104 23.33 10.89 1.89
C PRO C 104 22.10 10.88 1.05
N PRO C 105 22.17 11.40 -0.16
CA PRO C 105 20.92 11.58 -0.92
C PRO C 105 20.59 10.30 -1.70
N PHE C 106 20.22 9.26 -0.95
CA PHE C 106 19.94 7.97 -1.51
C PHE C 106 18.69 7.97 -2.41
N ARG C 107 17.76 8.89 -2.23
CA ARG C 107 16.57 8.92 -3.11
C ARG C 107 16.85 9.59 -4.43
N THR C 108 17.91 10.37 -4.52
CA THR C 108 18.14 11.11 -5.76
C THR C 108 19.51 10.86 -6.37
N MET C 109 20.30 9.93 -5.83
CA MET C 109 21.65 9.63 -6.38
C MET C 109 21.74 8.12 -6.64
N ALA C 110 22.25 7.73 -7.80
CA ALA C 110 22.24 6.34 -8.19
C ALA C 110 23.51 5.62 -7.81
N LYS C 111 24.56 6.36 -7.43
CA LYS C 111 25.83 5.72 -7.14
C LYS C 111 25.79 5.07 -5.77
N PRO C 112 26.30 3.84 -5.64
CA PRO C 112 26.23 3.13 -4.37
C PRO C 112 27.14 3.73 -3.33
N VAL C 113 26.74 3.54 -2.08
CA VAL C 113 27.44 4.07 -0.93
C VAL C 113 27.72 2.95 0.08
N LEU C 114 28.94 2.93 0.59
CA LEU C 114 29.35 1.99 1.59
C LEU C 114 29.70 2.80 2.82
N THR C 115 29.23 2.34 3.97
CA THR C 115 29.58 2.95 5.22
C THR C 115 30.45 2.00 6.05
N ALA C 116 31.53 2.53 6.63
CA ALA C 116 32.42 1.79 7.46
C ALA C 116 32.42 2.42 8.86
N VAL C 117 31.71 1.79 9.79
CA VAL C 117 31.46 2.34 11.10
C VAL C 117 32.62 2.03 12.05
N ASN C 118 33.36 3.08 12.41
CA ASN C 118 34.63 2.93 13.14
C ASN C 118 34.46 2.99 14.67
N GLY C 119 33.26 3.28 15.16
CA GLY C 119 33.04 3.45 16.59
C GLY C 119 31.59 3.73 16.95
N ILE C 120 31.39 4.53 17.98
CA ILE C 120 30.05 4.92 18.43
C ILE C 120 29.24 5.46 17.26
N CYS C 121 28.04 4.94 17.11
CA CYS C 121 27.13 5.37 16.04
C CYS C 121 25.75 5.52 16.65
N CYS C 122 25.33 6.78 16.88
CA CYS C 122 24.04 7.01 17.54
C CYS C 122 23.31 8.23 17.03
N GLY C 123 22.00 8.23 17.26
CA GLY C 123 21.11 9.25 16.75
C GLY C 123 21.25 9.34 15.22
N ALA C 124 21.54 10.55 14.75
CA ALA C 124 21.61 10.80 13.30
C ALA C 124 22.74 9.98 12.63
N GLY C 125 23.68 9.46 13.41
CA GLY C 125 24.69 8.53 12.87
C GLY C 125 24.07 7.29 12.23
N MET C 126 22.95 6.85 12.78
CA MET C 126 22.27 5.66 12.25
C MET C 126 21.79 5.85 10.81
N ASP C 127 21.65 7.10 10.37
CA ASP C 127 21.19 7.33 9.00
C ASP C 127 22.10 6.65 7.96
N TRP C 128 23.39 6.61 8.22
CA TRP C 128 24.30 5.96 7.29
C TRP C 128 24.12 4.49 7.30
N VAL C 129 23.85 3.94 8.48
CA VAL C 129 23.62 2.51 8.62
C VAL C 129 22.32 2.06 7.91
N THR C 130 21.30 2.90 7.92
CA THR C 130 19.96 2.54 7.44
C THR C 130 19.65 2.95 6.00
N THR C 131 20.47 3.79 5.37
CA THR C 131 20.18 4.30 4.04
C THR C 131 21.34 4.20 3.03
N THR C 132 22.42 3.51 3.38
CA THR C 132 23.47 3.23 2.42
C THR C 132 23.43 1.74 2.04
N ASP C 133 24.21 1.36 1.05
CA ASP C 133 24.05 0.07 0.40
C ASP C 133 24.83 -1.08 1.01
N ILE C 134 26.05 -0.80 1.44
CA ILE C 134 26.87 -1.79 2.13
C ILE C 134 27.32 -1.15 3.44
N VAL C 135 27.14 -1.88 4.54
CA VAL C 135 27.51 -1.37 5.85
C VAL C 135 28.38 -2.39 6.58
N ILE C 136 29.60 -1.98 6.90
CA ILE C 136 30.52 -2.80 7.67
C ILE C 136 30.94 -2.02 8.91
N ALA C 137 31.56 -2.70 9.87
CA ALA C 137 31.95 -2.04 11.09
C ALA C 137 33.18 -2.64 11.75
N SER C 138 33.87 -1.77 12.48
CA SER C 138 34.91 -2.17 13.39
C SER C 138 34.30 -2.97 14.54
N GLU C 139 35.09 -3.91 15.05
CA GLU C 139 34.69 -4.73 16.19
C GLU C 139 34.30 -3.84 17.34
N GLN C 140 34.81 -2.62 17.36
CA GLN C 140 34.50 -1.66 18.42
C GLN C 140 33.20 -0.85 18.26
N ALA C 141 32.54 -0.93 17.11
CA ALA C 141 31.34 -0.10 16.88
C ALA C 141 30.17 -0.47 17.80
N THR C 142 29.40 0.54 18.21
CA THR C 142 28.16 0.32 18.93
C THR C 142 27.04 1.20 18.33
N PHE C 143 25.81 0.78 18.53
CA PHE C 143 24.66 1.41 17.87
C PHE C 143 23.54 1.67 18.87
N PHE C 144 23.02 2.89 18.85
CA PHE C 144 21.91 3.28 19.74
C PHE C 144 21.30 4.62 19.36
N ASP C 145 20.23 4.99 20.06
CA ASP C 145 19.64 6.29 19.88
C ASP C 145 19.25 6.88 21.21
N PRO C 146 19.84 8.03 21.58
CA PRO C 146 19.59 8.62 22.90
C PRO C 146 18.40 9.59 23.01
N HIS C 147 17.61 9.80 21.95
CA HIS C 147 16.62 10.88 21.97
C HIS C 147 15.63 10.85 23.08
N VAL C 148 15.06 9.69 23.38
CA VAL C 148 14.03 9.66 24.43
C VAL C 148 14.64 10.01 25.79
N SER C 149 15.96 9.86 25.93
CA SER C 149 16.62 10.20 27.19
C SER C 149 16.75 11.70 27.37
N ILE C 150 16.59 12.47 26.32
CA ILE C 150 16.57 13.95 26.43
C ILE C 150 15.20 14.52 26.08
N GLY C 151 14.16 13.68 26.09
CA GLY C 151 12.79 14.15 26.01
C GLY C 151 12.23 14.37 24.60
N LEU C 152 12.93 13.86 23.60
CA LEU C 152 12.57 14.10 22.20
C LEU C 152 12.33 12.80 21.44
N VAL C 153 11.56 12.94 20.34
CA VAL C 153 11.25 11.82 19.44
C VAL C 153 12.20 11.80 18.27
N ALA C 154 12.90 10.68 18.07
CA ALA C 154 13.80 10.53 16.92
C ALA C 154 13.11 9.91 15.68
N GLY C 155 12.29 10.68 14.97
CA GLY C 155 11.34 10.14 14.00
C GLY C 155 12.01 9.47 12.82
N ARG C 156 12.61 10.29 11.97
CA ARG C 156 13.33 9.84 10.80
C ARG C 156 14.28 8.66 11.09
N GLU C 157 15.15 8.85 12.07
CA GLU C 157 16.20 7.86 12.40
C GLU C 157 15.61 6.49 12.67
N LEU C 158 14.59 6.45 13.49
CA LEU C 158 14.10 5.17 13.99
C LEU C 158 13.09 4.52 13.04
N VAL C 159 12.33 5.30 12.25
CA VAL C 159 11.54 4.68 11.19
C VAL C 159 12.48 3.98 10.23
N ARG C 160 13.64 4.55 9.98
CA ARG C 160 14.66 3.89 9.14
C ARG C 160 15.25 2.61 9.81
N VAL C 161 15.59 2.71 11.09
CA VAL C 161 16.06 1.54 11.82
C VAL C 161 15.04 0.42 11.75
N SER C 162 13.76 0.77 11.82
CA SER C 162 12.69 -0.22 11.80
C SER C 162 12.60 -0.99 10.49
N ARG C 163 13.24 -0.51 9.42
CA ARG C 163 13.28 -1.23 8.17
C ARG C 163 14.47 -2.19 8.11
N VAL C 164 15.37 -2.12 9.07
N VAL C 164 15.39 -2.11 9.07
CA VAL C 164 16.47 -3.05 9.09
CA VAL C 164 16.63 -2.91 9.09
C VAL C 164 16.31 -4.06 10.22
C VAL C 164 16.90 -3.74 10.41
N LEU C 165 16.05 -3.60 11.44
CA LEU C 165 15.97 -4.54 12.55
C LEU C 165 14.56 -5.11 12.72
N PRO C 166 14.44 -6.38 13.18
CA PRO C 166 13.14 -6.86 13.50
C PRO C 166 12.42 -5.96 14.53
N ARG C 167 11.12 -6.02 14.41
CA ARG C 167 10.18 -5.19 15.11
C ARG C 167 10.56 -4.83 16.58
N SER C 168 10.68 -5.83 17.43
CA SER C 168 10.88 -5.59 18.85
C SER C 168 12.33 -5.25 19.19
N ILE C 169 13.25 -5.47 18.25
CA ILE C 169 14.62 -5.00 18.42
C ILE C 169 14.69 -3.49 18.12
N ALA C 170 14.04 -3.06 17.05
CA ALA C 170 13.94 -1.63 16.70
C ALA C 170 13.24 -0.86 17.83
N LEU C 171 12.16 -1.42 18.34
CA LEU C 171 11.42 -0.78 19.41
C LEU C 171 12.20 -0.75 20.73
N ARG C 172 12.91 -1.83 21.06
CA ARG C 172 13.76 -1.78 22.21
C ARG C 172 14.83 -0.68 22.09
N MET C 173 15.49 -0.59 20.95
CA MET C 173 16.48 0.46 20.77
C MET C 173 15.86 1.83 20.99
N ALA C 174 14.68 2.04 20.44
CA ALA C 174 13.99 3.31 20.57
C ALA C 174 13.67 3.63 22.04
N LEU C 175 13.18 2.65 22.78
CA LEU C 175 12.68 2.87 24.11
C LEU C 175 13.78 3.00 25.16
N MET C 176 14.89 2.31 24.93
CA MET C 176 15.99 2.28 25.90
C MET C 176 16.83 3.54 25.89
N GLY C 177 16.78 4.30 24.79
CA GLY C 177 17.49 5.53 24.71
C GLY C 177 18.99 5.32 24.93
N LYS C 178 19.59 6.21 25.72
CA LYS C 178 21.04 6.16 25.90
C LYS C 178 21.46 5.05 26.86
N HIS C 179 20.52 4.33 27.47
CA HIS C 179 20.89 3.38 28.49
C HIS C 179 21.25 2.02 27.98
N GLU C 180 21.30 1.82 26.66
CA GLU C 180 21.71 0.54 26.11
C GLU C 180 22.36 0.74 24.76
N ARG C 181 23.36 -0.07 24.45
CA ARG C 181 24.07 0.02 23.21
C ARG C 181 24.14 -1.35 22.55
N MET C 182 23.76 -1.43 21.28
CA MET C 182 23.92 -2.68 20.55
C MET C 182 25.38 -2.86 20.09
N SER C 183 25.94 -4.03 20.36
CA SER C 183 27.33 -4.34 19.97
C SER C 183 27.44 -4.60 18.49
N ALA C 184 28.67 -4.55 17.98
CA ALA C 184 28.93 -4.93 16.58
C ALA C 184 28.54 -6.36 16.36
N GLN C 185 28.81 -7.22 17.33
CA GLN C 185 28.52 -8.67 17.14
C GLN C 185 27.00 -8.87 16.97
N ARG C 186 26.20 -8.17 17.78
CA ARG C 186 24.75 -8.33 17.70
C ARG C 186 24.23 -7.72 16.40
N ALA C 187 24.80 -6.60 16.01
CA ALA C 187 24.43 -5.93 14.74
C ALA C 187 24.66 -6.88 13.55
N TYR C 188 25.79 -7.59 13.58
CA TYR C 188 26.15 -8.55 12.52
C TYR C 188 25.21 -9.72 12.52
N GLU C 189 24.95 -10.26 13.71
CA GLU C 189 23.97 -11.34 13.88
C GLU C 189 22.62 -11.03 13.21
N LEU C 190 22.10 -9.80 13.37
CA LEU C 190 20.80 -9.45 12.81
C LEU C 190 20.89 -8.93 11.39
N GLY C 191 22.09 -8.66 10.87
CA GLY C 191 22.19 -8.15 9.52
C GLY C 191 22.02 -6.65 9.40
N LEU C 192 22.19 -5.95 10.52
CA LEU C 192 22.32 -4.48 10.50
C LEU C 192 23.62 -4.06 9.85
N ILE C 193 24.63 -4.91 10.00
CA ILE C 193 25.88 -4.80 9.25
C ILE C 193 26.17 -6.15 8.59
N SER C 194 26.99 -6.14 7.54
CA SER C 194 27.35 -7.37 6.84
C SER C 194 28.71 -7.98 7.23
N GLU C 195 29.52 -7.22 7.94
CA GLU C 195 30.87 -7.67 8.25
C GLU C 195 31.45 -6.91 9.43
N ILE C 196 32.17 -7.62 10.31
CA ILE C 196 32.96 -7.01 11.40
C ILE C 196 34.42 -7.05 10.99
N VAL C 197 35.14 -5.95 11.11
CA VAL C 197 36.53 -5.88 10.69
C VAL C 197 37.39 -5.52 11.90
N GLU C 198 38.55 -6.16 12.00
CA GLU C 198 39.59 -5.73 12.94
C GLU C 198 39.78 -4.21 12.79
N HIS C 199 39.80 -3.51 13.92
CA HIS C 199 39.71 -2.08 13.92
C HIS C 199 40.71 -1.37 13.05
N ASP C 200 41.98 -1.77 13.17
CA ASP C 200 43.06 -1.14 12.38
C ASP C 200 42.99 -1.41 10.89
N ARG C 201 42.21 -2.38 10.46
CA ARG C 201 42.11 -2.72 9.02
C ARG C 201 40.76 -2.23 8.39
N LEU C 202 39.99 -1.43 9.12
CA LEU C 202 38.63 -1.06 8.67
C LEU C 202 38.61 -0.35 7.30
N LEU C 203 39.42 0.69 7.18
CA LEU C 203 39.44 1.50 5.98
C LEU C 203 39.96 0.69 4.80
N GLU C 204 41.00 -0.10 5.06
CA GLU C 204 41.56 -0.97 4.03
C GLU C 204 40.51 -1.95 3.49
N ARG C 205 39.74 -2.56 4.39
CA ARG C 205 38.72 -3.51 3.94
C ARG C 205 37.57 -2.79 3.20
N ALA C 206 37.18 -1.62 3.68
CA ALA C 206 36.18 -0.79 3.01
C ALA C 206 36.59 -0.53 1.55
N HIS C 207 37.84 -0.17 1.33
CA HIS C 207 38.35 0.12 -0.01
C HIS C 207 38.49 -1.12 -0.84
N GLU C 208 38.80 -2.25 -0.21
CA GLU C 208 38.80 -3.51 -0.92
C GLU C 208 37.39 -3.88 -1.45
N ILE C 209 36.39 -3.75 -0.59
CA ILE C 209 35.02 -4.08 -0.99
C ILE C 209 34.62 -3.14 -2.12
N ALA C 210 34.93 -1.86 -1.95
CA ALA C 210 34.65 -0.85 -2.97
C ALA C 210 35.25 -1.24 -4.33
N ASP C 211 36.52 -1.64 -4.32
CA ASP C 211 37.20 -2.09 -5.54
C ASP C 211 36.47 -3.28 -6.16
N ILE C 212 36.03 -4.22 -5.32
CA ILE C 212 35.32 -5.38 -5.84
C ILE C 212 33.99 -4.92 -6.53
N VAL C 213 33.23 -4.05 -5.87
CA VAL C 213 31.95 -3.61 -6.44
C VAL C 213 32.21 -2.85 -7.76
N ASN C 214 33.25 -2.04 -7.76
CA ASN C 214 33.65 -1.31 -8.97
C ASN C 214 34.26 -2.17 -10.08
N SER C 215 34.62 -3.41 -9.78
CA SER C 215 35.03 -4.35 -10.82
C SER C 215 33.83 -4.91 -11.58
N ASN C 216 32.62 -4.72 -11.03
CA ASN C 216 31.40 -5.09 -11.74
C ASN C 216 30.93 -3.93 -12.64
N ALA C 217 29.94 -4.17 -13.50
CA ALA C 217 29.50 -3.14 -14.47
C ALA C 217 28.68 -2.08 -13.69
N PRO C 218 29.17 -0.84 -13.62
CA PRO C 218 28.62 0.18 -12.78
C PRO C 218 27.14 0.54 -13.08
N LEU C 219 26.74 0.56 -14.35
CA LEU C 219 25.34 0.83 -14.63
C LEU C 219 24.45 -0.37 -14.26
N ALA C 220 24.99 -1.58 -14.35
CA ALA C 220 24.25 -2.75 -13.85
C ALA C 220 24.08 -2.68 -12.35
N VAL C 221 25.14 -2.30 -11.66
CA VAL C 221 25.09 -2.11 -10.21
C VAL C 221 24.03 -1.05 -9.86
N ARG C 222 24.06 0.09 -10.55
CA ARG C 222 23.11 1.17 -10.22
C ARG C 222 21.67 0.74 -10.52
N GLY C 223 21.46 0.10 -11.64
CA GLY C 223 20.14 -0.42 -12.03
C GLY C 223 19.59 -1.48 -11.08
N THR C 224 20.48 -2.37 -10.63
CA THR C 224 20.08 -3.38 -9.66
C THR C 224 19.69 -2.75 -8.32
N ARG C 225 20.48 -1.81 -7.84
CA ARG C 225 20.14 -1.12 -6.61
C ARG C 225 18.77 -0.46 -6.74
N LEU C 226 18.49 0.21 -7.86
CA LEU C 226 17.19 0.83 -8.05
C LEU C 226 16.05 -0.21 -8.08
N ALA C 227 16.28 -1.32 -8.77
CA ALA C 227 15.30 -2.39 -8.81
C ALA C 227 14.90 -2.79 -7.38
N ILE C 228 15.91 -3.00 -6.55
CA ILE C 228 15.67 -3.40 -5.19
C ILE C 228 14.95 -2.32 -4.39
N LEU C 229 15.48 -1.11 -4.42
CA LEU C 229 14.99 -0.08 -3.54
C LEU C 229 13.61 0.40 -3.96
N LYS C 230 13.36 0.60 -5.25
CA LYS C 230 12.00 1.00 -5.68
C LYS C 230 11.07 -0.19 -5.45
N GLY C 231 11.57 -1.41 -5.62
CA GLY C 231 10.78 -2.60 -5.39
C GLY C 231 10.28 -2.78 -3.95
N LEU C 232 11.00 -2.23 -2.99
CA LEU C 232 10.62 -2.37 -1.60
C LEU C 232 9.37 -1.60 -1.27
N ASN C 233 9.02 -0.64 -2.12
CA ASN C 233 7.83 0.20 -1.88
C ASN C 233 6.52 -0.42 -2.33
N VAL C 234 6.54 -1.54 -3.06
CA VAL C 234 5.34 -2.17 -3.61
C VAL C 234 5.34 -3.68 -3.29
N PRO C 235 4.23 -4.37 -3.59
CA PRO C 235 4.25 -5.80 -3.36
C PRO C 235 5.20 -6.51 -4.34
N LEU C 236 5.65 -7.69 -3.94
CA LEU C 236 6.63 -8.44 -4.69
C LEU C 236 6.31 -8.57 -6.18
N HIS C 237 5.09 -8.94 -6.51
CA HIS C 237 4.73 -9.21 -7.92
C HIS C 237 4.94 -7.96 -8.77
N GLU C 238 4.46 -6.84 -8.27
CA GLU C 238 4.68 -5.55 -8.94
C GLU C 238 6.17 -5.18 -8.95
N ALA C 239 6.89 -5.51 -7.87
CA ALA C 239 8.32 -5.27 -7.78
C ALA C 239 9.07 -5.98 -8.89
N GLU C 240 8.65 -7.18 -9.22
CA GLU C 240 9.27 -7.92 -10.36
C GLU C 240 9.08 -7.20 -11.72
N ILE C 241 7.90 -6.65 -11.93
CA ILE C 241 7.56 -6.07 -13.23
C ILE C 241 8.28 -4.74 -13.31
N LEU C 242 8.23 -4.01 -12.21
CA LEU C 242 8.93 -2.76 -12.09
C LEU C 242 10.44 -2.92 -12.38
N ALA C 243 11.05 -3.98 -11.85
CA ALA C 243 12.49 -4.23 -12.00
C ALA C 243 12.83 -4.43 -13.47
N GLU C 244 11.87 -4.89 -14.28
CA GLU C 244 12.11 -5.03 -15.73
C GLU C 244 12.49 -3.73 -16.43
N THR C 245 11.98 -2.60 -15.93
CA THR C 245 12.35 -1.30 -16.49
C THR C 245 13.86 -1.09 -16.38
N PHE C 246 14.42 -1.36 -15.20
CA PHE C 246 15.85 -1.10 -14.98
C PHE C 246 16.65 -2.12 -15.75
N ARG C 247 16.14 -3.35 -15.81
CA ARG C 247 16.84 -4.39 -16.57
C ARG C 247 16.91 -4.02 -18.03
N GLU C 248 15.78 -3.57 -18.59
CA GLU C 248 15.75 -3.15 -20.00
CA GLU C 248 15.73 -3.15 -20.00
C GLU C 248 16.65 -1.96 -20.26
N ARG C 249 16.73 -1.01 -19.34
CA ARG C 249 17.60 0.15 -19.53
C ARG C 249 19.05 -0.27 -19.58
N VAL C 250 19.42 -1.19 -18.70
CA VAL C 250 20.78 -1.63 -18.64
C VAL C 250 21.14 -2.49 -19.86
N LEU C 251 20.18 -3.26 -20.37
CA LEU C 251 20.41 -4.09 -21.58
C LEU C 251 20.86 -3.29 -22.80
N ARG C 252 20.47 -2.03 -22.88
CA ARG C 252 20.86 -1.20 -23.99
C ARG C 252 22.25 -0.62 -23.86
N THR C 253 22.92 -0.82 -22.73
CA THR C 253 24.23 -0.19 -22.51
C THR C 253 25.28 -0.97 -23.31
N GLU C 254 26.35 -0.28 -23.68
CA GLU C 254 27.49 -0.94 -24.32
C GLU C 254 28.07 -1.98 -23.39
N ASP C 255 28.16 -1.64 -22.12
CA ASP C 255 28.70 -2.56 -21.14
C ASP C 255 27.87 -3.87 -21.13
N ALA C 256 26.54 -3.79 -21.30
CA ALA C 256 25.69 -5.01 -21.30
C ALA C 256 25.94 -5.87 -22.55
N ALA C 257 26.43 -5.27 -23.63
CA ALA C 257 26.77 -6.01 -24.84
C ALA C 257 28.17 -6.65 -24.69
N GLU C 258 29.08 -5.95 -24.04
CA GLU C 258 30.42 -6.50 -23.75
C GLU C 258 30.44 -7.63 -22.66
N GLY C 259 29.65 -7.48 -21.61
CA GLY C 259 29.73 -8.35 -20.43
C GLY C 259 29.61 -9.85 -20.61
N PRO C 260 28.58 -10.31 -21.35
CA PRO C 260 28.33 -11.73 -21.46
C PRO C 260 29.44 -12.50 -22.17
N ARG C 261 30.04 -11.90 -23.19
CA ARG C 261 31.27 -12.48 -23.84
C ARG C 261 32.49 -12.55 -22.87
N ALA C 262 32.74 -11.45 -22.18
CA ALA C 262 33.74 -11.41 -21.12
C ALA C 262 33.48 -12.49 -20.07
N PHE C 263 32.23 -12.67 -19.68
CA PHE C 263 31.88 -13.66 -18.65
C PHE C 263 32.21 -15.06 -19.05
N VAL C 264 31.88 -15.44 -20.29
CA VAL C 264 32.19 -16.80 -20.75
C VAL C 264 33.71 -17.01 -20.91
N GLU C 265 34.46 -15.92 -21.08
CA GLU C 265 35.94 -16.01 -21.19
C GLU C 265 36.66 -15.79 -19.86
N LYS C 266 35.89 -15.74 -18.76
CA LYS C 266 36.41 -15.48 -17.39
C LYS C 266 37.33 -14.22 -17.39
N ARG C 267 36.94 -13.18 -18.09
CA ARG C 267 37.76 -12.00 -18.26
C ARG C 267 37.04 -10.80 -17.68
N GLN C 268 37.85 -9.95 -17.02
CA GLN C 268 37.45 -8.70 -16.50
C GLN C 268 37.42 -7.64 -17.59
N PRO C 269 36.25 -7.11 -17.90
CA PRO C 269 36.26 -6.14 -19.01
C PRO C 269 36.61 -4.79 -18.49
N ASN C 270 37.06 -3.92 -19.37
CA ASN C 270 37.26 -2.50 -19.05
C ASN C 270 35.95 -1.69 -19.23
N TRP C 271 35.08 -1.76 -18.21
CA TRP C 271 33.71 -1.23 -18.32
C TRP C 271 33.82 0.21 -18.67
N GLN C 272 32.96 0.69 -19.56
CA GLN C 272 32.96 2.08 -19.96
C GLN C 272 31.89 2.89 -19.24
N CYS C 273 31.08 2.28 -18.39
CA CYS C 273 29.98 3.03 -17.76
C CYS C 273 29.10 3.75 -18.79
N ARG C 274 28.80 3.03 -19.87
CA ARG C 274 27.96 3.50 -20.96
C ARG C 274 27.42 2.22 -21.54
N SER D 9 -30.82 15.19 29.18
CA SER D 9 -31.02 15.42 27.74
C SER D 9 -29.84 16.21 27.22
N PHE D 10 -29.51 15.97 25.95
CA PHE D 10 -28.48 16.74 25.25
C PHE D 10 -28.93 18.17 25.05
N ASP D 11 -28.01 19.14 25.08
CA ASP D 11 -28.40 20.55 24.85
C ASP D 11 -27.95 21.12 23.50
N THR D 12 -27.06 20.43 22.77
CA THR D 12 -26.61 20.92 21.46
C THR D 12 -27.09 20.05 20.27
N ILE D 13 -27.61 18.86 20.57
CA ILE D 13 -28.16 17.93 19.58
C ILE D 13 -29.48 17.34 20.09
N LYS D 14 -30.23 16.71 19.19
CA LYS D 14 -31.36 15.85 19.56
C LYS D 14 -30.99 14.41 19.15
N TYR D 15 -31.38 13.46 19.98
CA TYR D 15 -31.20 12.04 19.71
C TYR D 15 -32.55 11.38 19.94
N GLU D 16 -33.10 10.75 18.91
CA GLU D 16 -34.42 10.11 18.98
C GLU D 16 -34.39 8.74 18.28
N VAL D 17 -35.02 7.75 18.88
CA VAL D 17 -35.13 6.43 18.28
C VAL D 17 -36.58 6.18 17.90
N ASP D 18 -36.81 5.74 16.67
CA ASP D 18 -38.12 5.29 16.22
C ASP D 18 -37.94 3.97 15.46
N GLY D 19 -38.55 2.89 15.95
CA GLY D 19 -38.36 1.55 15.36
C GLY D 19 -36.86 1.23 15.29
N HIS D 20 -36.37 0.86 14.11
CA HIS D 20 -34.95 0.54 13.92
C HIS D 20 -34.04 1.71 13.54
N THR D 21 -34.57 2.93 13.58
CA THR D 21 -33.79 4.13 13.15
C THR D 21 -33.55 5.11 14.30
N ALA D 22 -32.26 5.42 14.54
CA ALA D 22 -31.89 6.50 15.44
C ALA D 22 -31.59 7.74 14.61
N THR D 23 -32.09 8.89 15.03
CA THR D 23 -31.86 10.17 14.36
C THR D 23 -31.16 11.12 15.28
N ILE D 24 -30.00 11.61 14.83
CA ILE D 24 -29.24 12.65 15.51
C ILE D 24 -29.42 13.94 14.75
N THR D 25 -29.87 14.99 15.43
CA THR D 25 -30.03 16.28 14.78
C THR D 25 -29.09 17.30 15.41
N LEU D 26 -28.16 17.85 14.62
CA LEU D 26 -27.31 18.94 15.11
C LEU D 26 -28.23 20.13 15.38
N ASN D 27 -28.16 20.66 16.59
CA ASN D 27 -29.23 21.55 17.05
C ASN D 27 -28.72 22.82 17.70
N ARG D 28 -27.76 23.48 17.05
CA ARG D 28 -27.32 24.79 17.44
C ARG D 28 -27.50 25.74 16.25
N PRO D 29 -28.73 25.93 15.79
CA PRO D 29 -28.92 26.72 14.54
C PRO D 29 -28.48 28.17 14.63
N ASP D 30 -28.52 28.75 15.83
CA ASP D 30 -28.10 30.14 15.98
C ASP D 30 -26.61 30.28 15.79
N ALA D 31 -25.84 29.23 16.09
CA ALA D 31 -24.41 29.21 15.87
C ALA D 31 -24.08 28.49 14.56
N LEU D 32 -25.07 28.38 13.69
CA LEU D 32 -24.89 27.63 12.41
C LEU D 32 -24.27 26.26 12.62
N ASN D 33 -24.68 25.58 13.69
CA ASN D 33 -24.27 24.25 14.00
C ASN D 33 -22.77 24.08 13.97
N ALA D 34 -22.06 25.12 14.42
CA ALA D 34 -20.62 25.04 14.63
C ALA D 34 -20.37 24.05 15.74
N LEU D 35 -19.34 23.23 15.59
CA LEU D 35 -19.01 22.23 16.59
C LEU D 35 -18.16 22.81 17.74
N SER D 36 -18.72 22.83 18.94
CA SER D 36 -17.99 23.20 20.14
C SER D 36 -17.52 21.92 20.77
N PRO D 37 -16.57 22.02 21.73
CA PRO D 37 -16.14 20.81 22.46
C PRO D 37 -17.29 20.11 23.18
N HIS D 38 -18.24 20.87 23.71
CA HIS D 38 -19.39 20.27 24.34
C HIS D 38 -20.29 19.50 23.34
N MET D 39 -20.55 20.11 22.18
CA MET D 39 -21.31 19.43 21.09
C MET D 39 -20.66 18.13 20.66
N ILE D 40 -19.33 18.14 20.57
CA ILE D 40 -18.57 16.98 20.14
C ILE D 40 -18.70 15.86 21.16
N THR D 41 -18.62 16.21 22.44
CA THR D 41 -18.84 15.22 23.52
C THR D 41 -20.23 14.64 23.43
N GLU D 42 -21.23 15.49 23.19
CA GLU D 42 -22.61 14.99 23.07
C GLU D 42 -22.76 14.06 21.87
N LEU D 43 -22.12 14.41 20.76
CA LEU D 43 -22.24 13.59 19.54
C LEU D 43 -21.67 12.23 19.78
N ARG D 44 -20.53 12.17 20.47
CA ARG D 44 -19.89 10.89 20.71
C ARG D 44 -20.71 9.99 21.62
N ALA D 45 -21.35 10.56 22.62
CA ALA D 45 -22.27 9.78 23.47
C ALA D 45 -23.46 9.27 22.64
N ALA D 46 -24.01 10.13 21.77
CA ALA D 46 -25.13 9.71 20.91
C ALA D 46 -24.69 8.58 19.97
N TYR D 47 -23.50 8.68 19.40
CA TYR D 47 -23.02 7.62 18.51
C TYR D 47 -22.88 6.26 19.25
N HIS D 48 -22.29 6.31 20.43
CA HIS D 48 -22.09 5.14 21.27
C HIS D 48 -23.43 4.53 21.62
N GLU D 49 -24.38 5.38 22.00
CA GLU D 49 -25.74 4.92 22.31
C GLU D 49 -26.37 4.19 21.09
N ALA D 50 -26.25 4.78 19.91
CA ALA D 50 -26.85 4.16 18.75
C ALA D 50 -26.19 2.82 18.46
N GLU D 51 -24.86 2.77 18.58
CA GLU D 51 -24.13 1.55 18.23
C GLU D 51 -24.45 0.41 19.20
N ASN D 52 -24.73 0.75 20.44
CA ASN D 52 -24.97 -0.25 21.48
C ASN D 52 -26.43 -0.61 21.77
N ASP D 53 -27.37 0.09 21.17
CA ASP D 53 -28.78 -0.24 21.32
C ASP D 53 -29.17 -1.22 20.19
N ASP D 54 -29.40 -2.48 20.55
CA ASP D 54 -29.71 -3.52 19.55
C ASP D 54 -30.97 -3.27 18.72
N ARG D 55 -31.88 -2.46 19.23
CA ARG D 55 -33.05 -2.07 18.45
C ARG D 55 -32.68 -1.15 17.27
N VAL D 56 -31.57 -0.41 17.40
CA VAL D 56 -31.15 0.54 16.34
C VAL D 56 -30.37 -0.22 15.29
N TRP D 57 -30.84 -0.15 14.05
CA TRP D 57 -30.13 -0.73 12.94
C TRP D 57 -29.41 0.30 12.11
N LEU D 58 -29.87 1.54 12.12
CA LEU D 58 -29.37 2.58 11.23
C LEU D 58 -29.44 3.94 11.90
N LEU D 59 -28.43 4.78 11.66
CA LEU D 59 -28.41 6.13 12.18
C LEU D 59 -28.56 7.17 11.07
N VAL D 60 -29.48 8.10 11.26
CA VAL D 60 -29.62 9.27 10.41
C VAL D 60 -29.06 10.48 11.12
N VAL D 61 -28.24 11.26 10.42
CA VAL D 61 -27.73 12.50 10.93
C VAL D 61 -28.17 13.65 10.04
N THR D 62 -28.67 14.71 10.65
CA THR D 62 -29.09 15.88 9.92
C THR D 62 -28.87 17.09 10.80
N GLY D 63 -29.15 18.28 10.26
CA GLY D 63 -29.00 19.51 11.03
C GLY D 63 -30.26 20.32 11.08
N THR D 64 -30.18 21.51 11.66
CA THR D 64 -31.30 22.45 11.69
C THR D 64 -30.89 23.79 11.12
N GLY D 65 -31.75 24.39 10.33
CA GLY D 65 -31.59 25.77 9.92
C GLY D 65 -30.77 25.90 8.63
N ARG D 66 -30.05 27.02 8.52
CA ARG D 66 -29.39 27.40 7.27
C ARG D 66 -28.07 26.64 7.11
N ALA D 67 -27.54 26.11 8.22
CA ALA D 67 -26.39 25.24 8.16
C ALA D 67 -26.66 23.80 8.64
N PHE D 68 -26.05 22.84 7.92
CA PHE D 68 -25.98 21.48 8.41
C PHE D 68 -24.92 21.51 9.48
N CYS D 69 -23.74 21.98 9.12
CA CYS D 69 -22.64 22.14 10.05
C CYS D 69 -21.60 23.06 9.42
N SER D 70 -21.31 24.18 10.11
CA SER D 70 -20.40 25.20 9.62
C SER D 70 -18.97 24.96 10.07
N GLY D 71 -18.66 23.80 10.63
CA GLY D 71 -17.30 23.49 10.99
C GLY D 71 -17.04 23.56 12.48
N ALA D 72 -15.78 23.41 12.87
CA ALA D 72 -15.38 23.60 14.26
C ALA D 72 -15.39 25.06 14.57
N ASP D 73 -15.96 25.36 15.71
CA ASP D 73 -15.97 26.71 16.22
C ASP D 73 -14.60 27.36 16.12
N VAL D 74 -14.48 28.39 15.29
CA VAL D 74 -13.26 29.17 15.21
C VAL D 74 -12.94 29.84 16.53
N LYS D 75 -13.98 30.31 17.22
CA LYS D 75 -13.85 30.86 18.60
C LYS D 75 -13.04 29.93 19.52
N GLU D 76 -13.15 28.62 19.31
CA GLU D 76 -12.45 27.59 20.12
C GLU D 76 -11.08 27.13 19.57
N ILE D 77 -10.57 27.74 18.49
CA ILE D 77 -9.21 27.42 17.95
C ILE D 77 -8.17 27.69 19.03
N PRO D 78 -7.41 26.65 19.43
CA PRO D 78 -6.40 26.87 20.50
C PRO D 78 -5.27 27.87 20.15
N GLU D 79 -5.12 28.91 20.99
CA GLU D 79 -4.00 29.86 20.89
C GLU D 79 -2.65 29.15 20.71
N ASP D 80 -2.42 28.08 21.49
CA ASP D 80 -1.10 27.41 21.57
C ASP D 80 -1.01 26.08 20.73
N GLY D 81 -1.99 25.85 19.84
CA GLY D 81 -1.99 24.68 18.95
C GLY D 81 -2.40 23.31 19.53
N LYS D 82 -2.41 23.20 20.86
CA LYS D 82 -2.87 21.98 21.56
C LYS D 82 -4.39 21.82 21.43
N VAL D 83 -4.83 20.81 20.71
CA VAL D 83 -6.26 20.44 20.74
C VAL D 83 -6.66 20.09 22.20
N ILE D 84 -7.66 20.80 22.72
CA ILE D 84 -8.15 20.53 24.08
C ILE D 84 -9.04 19.27 24.07
N TYR D 85 -8.77 18.33 24.97
CA TYR D 85 -9.60 17.14 25.20
C TYR D 85 -10.10 17.26 26.62
N GLU D 86 -11.03 16.37 27.03
CA GLU D 86 -11.41 16.24 28.45
C GLU D 86 -10.15 16.06 29.33
N ARG D 87 -9.10 15.38 28.81
CA ARG D 87 -7.93 15.05 29.62
C ARG D 87 -6.66 15.83 29.20
N PRO D 88 -5.63 15.94 30.12
CA PRO D 88 -4.25 16.52 30.02
C PRO D 88 -3.57 16.16 28.69
N TYR D 89 -2.63 17.03 28.27
CA TYR D 89 -2.04 16.95 26.97
C TYR D 89 -1.32 15.61 26.72
N LEU D 90 -1.66 14.95 25.62
CA LEU D 90 -1.03 13.66 25.22
C LEU D 90 -1.22 12.51 26.24
N SER D 91 -2.22 12.60 27.12
CA SER D 91 -2.46 11.56 28.08
C SER D 91 -3.33 10.45 27.53
N THR D 92 -4.02 10.71 26.42
CA THR D 92 -4.86 9.72 25.79
C THR D 92 -4.48 9.50 24.34
N TYR D 93 -4.72 8.27 23.88
CA TYR D 93 -4.27 7.83 22.56
C TYR D 93 -4.77 8.76 21.44
N ASP D 94 -6.02 9.18 21.52
CA ASP D 94 -6.67 9.97 20.45
C ASP D 94 -5.90 11.28 20.18
N GLN D 95 -5.19 11.78 21.18
CA GLN D 95 -4.44 13.00 21.02
C GLN D 95 -3.22 12.85 20.09
N TRP D 96 -2.82 11.61 19.83
CA TRP D 96 -1.69 11.37 18.93
C TRP D 96 -2.11 11.32 17.49
N GLU D 97 -3.41 11.30 17.22
CA GLU D 97 -3.90 11.26 15.86
C GLU D 97 -4.60 12.57 15.52
N ALA D 98 -5.10 12.71 14.30
CA ALA D 98 -5.82 13.90 13.95
C ALA D 98 -7.06 13.98 14.83
N PRO D 99 -7.38 15.16 15.32
CA PRO D 99 -8.61 15.26 16.04
C PRO D 99 -9.76 14.87 15.12
N GLN D 100 -10.78 14.23 15.69
CA GLN D 100 -11.85 13.65 14.90
C GLN D 100 -13.10 14.57 14.85
N GLU D 101 -13.19 15.52 15.77
CA GLU D 101 -14.30 16.45 15.82
C GLU D 101 -15.60 15.68 15.82
N GLY D 102 -16.52 15.95 14.89
CA GLY D 102 -17.82 15.27 14.90
C GLY D 102 -17.90 13.94 14.17
N THR D 103 -16.79 13.49 13.60
CA THR D 103 -16.80 12.29 12.76
C THR D 103 -17.47 11.13 13.48
N PRO D 104 -18.50 10.51 12.87
CA PRO D 104 -19.00 9.27 13.45
C PRO D 104 -17.93 8.20 13.41
N PRO D 105 -17.97 7.24 14.34
CA PRO D 105 -16.86 6.30 14.44
C PRO D 105 -17.01 5.17 13.40
N PHE D 106 -16.86 5.53 12.12
CA PHE D 106 -17.10 4.61 11.04
C PHE D 106 -16.11 3.45 11.02
N ARG D 107 -14.93 3.62 11.61
CA ARG D 107 -13.95 2.53 11.65
C ARG D 107 -14.27 1.51 12.71
N THR D 108 -15.08 1.86 13.68
CA THR D 108 -15.34 0.92 14.79
C THR D 108 -16.82 0.65 15.03
N MET D 109 -17.67 1.05 14.09
CA MET D 109 -19.12 0.82 14.18
C MET D 109 -19.52 0.05 12.94
N ALA D 110 -20.46 -0.88 13.06
CA ALA D 110 -20.95 -1.66 11.93
C ALA D 110 -22.29 -1.19 11.37
N LYS D 111 -23.02 -0.39 12.13
CA LYS D 111 -24.36 0.03 11.67
C LYS D 111 -24.22 1.16 10.66
N PRO D 112 -25.01 1.13 9.59
CA PRO D 112 -24.91 2.17 8.57
C PRO D 112 -25.43 3.51 9.06
N VAL D 113 -24.87 4.57 8.47
CA VAL D 113 -25.21 5.93 8.78
C VAL D 113 -25.57 6.69 7.47
N LEU D 114 -26.70 7.39 7.52
CA LEU D 114 -27.17 8.23 6.43
C LEU D 114 -27.12 9.67 6.92
N THR D 115 -26.54 10.55 6.12
CA THR D 115 -26.49 11.98 6.38
C THR D 115 -27.42 12.70 5.42
N ALA D 116 -28.25 13.57 5.97
CA ALA D 116 -29.14 14.39 5.19
C ALA D 116 -28.73 15.84 5.40
N VAL D 117 -28.06 16.42 4.39
CA VAL D 117 -27.42 17.75 4.50
C VAL D 117 -28.42 18.87 4.18
N ASN D 118 -28.81 19.63 5.21
CA ASN D 118 -29.93 20.58 5.12
C ASN D 118 -29.51 21.98 4.70
N GLY D 119 -28.22 22.23 4.60
CA GLY D 119 -27.73 23.55 4.28
C GLY D 119 -26.22 23.59 4.16
N ILE D 120 -25.63 24.68 4.62
CA ILE D 120 -24.20 24.88 4.57
C ILE D 120 -23.49 23.69 5.23
N CYS D 121 -22.51 23.14 4.52
CA CYS D 121 -21.70 22.04 5.01
C CYS D 121 -20.26 22.30 4.72
N CYS D 122 -19.51 22.76 5.71
CA CYS D 122 -18.13 23.17 5.48
C CYS D 122 -17.19 22.82 6.61
N GLY D 123 -15.92 22.75 6.27
CA GLY D 123 -14.90 22.32 7.20
C GLY D 123 -15.25 20.94 7.73
N ALA D 124 -15.32 20.83 9.05
CA ALA D 124 -15.58 19.54 9.72
C ALA D 124 -16.96 18.97 9.36
N GLY D 125 -17.86 19.81 8.84
CA GLY D 125 -19.14 19.31 8.33
C GLY D 125 -18.98 18.30 7.22
N MET D 126 -17.91 18.43 6.44
CA MET D 126 -17.64 17.50 5.35
C MET D 126 -17.33 16.08 5.84
N ASP D 127 -16.95 15.93 7.09
CA ASP D 127 -16.70 14.58 7.62
C ASP D 127 -17.92 13.65 7.53
N TRP D 128 -19.12 14.17 7.71
CA TRP D 128 -20.30 13.35 7.52
C TRP D 128 -20.47 12.98 6.08
N VAL D 129 -20.15 13.89 5.18
CA VAL D 129 -20.31 13.66 3.74
C VAL D 129 -19.30 12.60 3.24
N THR D 130 -18.10 12.57 3.83
CA THR D 130 -17.03 11.71 3.36
C THR D 130 -16.87 10.38 4.09
N THR D 131 -17.54 10.20 5.24
CA THR D 131 -17.35 8.99 6.04
C THR D 131 -18.64 8.27 6.47
N THR D 132 -19.79 8.68 5.94
CA THR D 132 -21.05 7.99 6.18
C THR D 132 -21.46 7.29 4.90
N ASP D 133 -22.46 6.43 4.99
CA ASP D 133 -22.71 5.47 3.94
C ASP D 133 -23.65 5.94 2.85
N ILE D 134 -24.68 6.68 3.23
CA ILE D 134 -25.60 7.29 2.26
C ILE D 134 -25.67 8.77 2.56
N VAL D 135 -25.46 9.59 1.54
CA VAL D 135 -25.48 11.05 1.71
C VAL D 135 -26.43 11.67 0.74
N ILE D 136 -27.43 12.38 1.27
CA ILE D 136 -28.38 13.11 0.47
C ILE D 136 -28.36 14.56 0.92
N ALA D 137 -28.94 15.43 0.10
CA ALA D 137 -28.95 16.87 0.44
C ALA D 137 -30.16 17.60 -0.03
N SER D 138 -30.47 18.66 0.69
CA SER D 138 -31.41 19.67 0.24
C SER D 138 -30.84 20.41 -0.96
N GLU D 139 -31.74 20.82 -1.85
CA GLU D 139 -31.41 21.66 -3.02
C GLU D 139 -30.65 22.91 -2.61
N GLN D 140 -30.80 23.33 -1.37
CA GLN D 140 -30.10 24.50 -0.82
C GLN D 140 -28.68 24.24 -0.30
N ALA D 141 -28.29 22.98 -0.16
CA ALA D 141 -27.03 22.64 0.48
C ALA D 141 -25.83 23.11 -0.36
N THR D 142 -24.75 23.50 0.32
CA THR D 142 -23.50 23.86 -0.33
C THR D 142 -22.35 23.25 0.45
N PHE D 143 -21.23 23.06 -0.25
CA PHE D 143 -20.09 22.32 0.29
C PHE D 143 -18.80 23.06 0.02
N PHE D 144 -17.98 23.23 1.05
CA PHE D 144 -16.73 23.94 0.94
C PHE D 144 -15.86 23.76 2.16
N ASP D 145 -14.66 24.31 2.11
CA ASP D 145 -13.78 24.30 3.26
C ASP D 145 -13.04 25.63 3.39
N PRO D 146 -13.28 26.38 4.47
CA PRO D 146 -12.74 27.70 4.57
C PRO D 146 -11.34 27.80 5.21
N HIS D 147 -10.71 26.67 5.55
CA HIS D 147 -9.47 26.71 6.35
C HIS D 147 -8.37 27.59 5.81
N VAL D 148 -8.08 27.52 4.50
CA VAL D 148 -6.95 28.30 3.98
C VAL D 148 -7.25 29.83 4.10
N SER D 149 -8.53 30.18 4.18
CA SER D 149 -8.91 31.58 4.32
C SER D 149 -8.67 32.12 5.75
N ILE D 150 -8.48 31.24 6.73
CA ILE D 150 -8.10 31.66 8.08
C ILE D 150 -6.69 31.16 8.45
N GLY D 151 -5.90 30.80 7.45
CA GLY D 151 -4.45 30.58 7.66
C GLY D 151 -4.07 29.19 8.10
N LEU D 152 -5.01 28.25 8.05
CA LEU D 152 -4.83 26.91 8.57
C LEU D 152 -4.99 25.81 7.48
N VAL D 153 -4.42 24.66 7.77
CA VAL D 153 -4.54 23.49 6.86
C VAL D 153 -5.69 22.62 7.26
N ALA D 154 -6.54 22.30 6.31
CA ALA D 154 -7.59 21.32 6.51
C ALA D 154 -6.91 19.99 6.19
N GLY D 155 -6.46 19.21 7.17
CA GLY D 155 -5.85 17.89 6.89
C GLY D 155 -6.80 16.74 6.74
N ARG D 156 -7.30 16.26 7.87
CA ARG D 156 -8.28 15.22 7.94
C ARG D 156 -9.43 15.40 6.92
N GLU D 157 -10.07 16.55 6.95
CA GLU D 157 -11.29 16.83 6.17
C GLU D 157 -11.05 16.63 4.69
N LEU D 158 -9.98 17.22 4.20
CA LEU D 158 -9.73 17.24 2.77
C LEU D 158 -9.04 15.98 2.26
N VAL D 159 -8.25 15.27 3.08
CA VAL D 159 -7.78 13.95 2.63
C VAL D 159 -9.00 13.05 2.44
N ARG D 160 -9.99 13.17 3.30
CA ARG D 160 -11.25 12.44 3.13
C ARG D 160 -12.03 12.88 1.86
N VAL D 161 -12.12 14.18 1.62
CA VAL D 161 -12.77 14.66 0.41
C VAL D 161 -12.06 14.11 -0.83
N SER D 162 -10.73 14.02 -0.76
CA SER D 162 -9.95 13.56 -1.92
C SER D 162 -10.24 12.08 -2.29
N ARG D 163 -10.85 11.31 -1.38
CA ARG D 163 -11.25 9.95 -1.69
C ARG D 163 -12.62 9.93 -2.39
N VAL D 164 -13.34 11.06 -2.44
CA VAL D 164 -14.63 11.08 -3.08
C VAL D 164 -14.60 11.93 -4.35
N LEU D 165 -14.00 13.12 -4.33
CA LEU D 165 -14.01 13.99 -5.52
C LEU D 165 -12.78 13.75 -6.34
N PRO D 166 -12.88 13.92 -7.66
CA PRO D 166 -11.69 13.80 -8.46
C PRO D 166 -10.62 14.80 -8.08
N ARG D 167 -9.38 14.38 -8.32
CA ARG D 167 -8.17 15.08 -7.97
C ARG D 167 -8.25 16.64 -7.98
N SER D 168 -8.52 17.25 -9.13
CA SER D 168 -8.47 18.69 -9.23
C SER D 168 -9.72 19.37 -8.72
N ILE D 169 -10.77 18.61 -8.45
CA ILE D 169 -11.98 19.14 -7.82
C ILE D 169 -11.73 19.26 -6.33
N ALA D 170 -11.18 18.22 -5.75
CA ALA D 170 -10.76 18.25 -4.34
C ALA D 170 -9.72 19.36 -4.08
N LEU D 171 -8.74 19.50 -4.95
CA LEU D 171 -7.70 20.52 -4.80
C LEU D 171 -8.28 21.92 -4.98
N ARG D 172 -9.21 22.09 -5.92
CA ARG D 172 -9.85 23.41 -6.09
C ARG D 172 -10.60 23.79 -4.82
N MET D 173 -11.33 22.85 -4.26
CA MET D 173 -12.04 23.12 -3.02
C MET D 173 -11.05 23.54 -1.91
N ALA D 174 -9.94 22.84 -1.81
CA ALA D 174 -8.90 23.14 -0.81
C ALA D 174 -8.37 24.54 -1.01
N LEU D 175 -8.08 24.89 -2.27
CA LEU D 175 -7.36 26.12 -2.56
C LEU D 175 -8.26 27.40 -2.53
N MET D 176 -9.54 27.24 -2.87
CA MET D 176 -10.48 28.35 -2.95
C MET D 176 -10.97 28.81 -1.56
N GLY D 177 -10.84 27.93 -0.56
CA GLY D 177 -11.23 28.29 0.79
C GLY D 177 -12.70 28.72 0.86
N LYS D 178 -12.95 29.80 1.58
CA LYS D 178 -14.30 30.27 1.76
C LYS D 178 -14.84 31.00 0.55
N HIS D 179 -14.05 31.22 -0.47
CA HIS D 179 -14.50 32.06 -1.59
C HIS D 179 -15.28 31.35 -2.66
N GLU D 180 -15.52 30.06 -2.50
CA GLU D 180 -16.32 29.32 -3.48
C GLU D 180 -17.09 28.23 -2.77
N ARG D 181 -18.32 28.01 -3.21
CA ARG D 181 -19.16 27.00 -2.59
C ARG D 181 -19.71 26.06 -3.66
N MET D 182 -19.48 24.76 -3.50
CA MET D 182 -20.05 23.82 -4.44
C MET D 182 -21.56 23.66 -4.20
N SER D 183 -22.34 23.78 -5.25
CA SER D 183 -23.80 23.62 -5.18
C SER D 183 -24.18 22.17 -5.01
N ALA D 184 -25.42 21.95 -4.57
CA ALA D 184 -25.98 20.59 -4.47
C ALA D 184 -25.97 19.93 -5.83
N GLN D 185 -26.29 20.69 -6.87
CA GLN D 185 -26.38 20.12 -8.19
C GLN D 185 -25.01 19.60 -8.63
N ARG D 186 -23.94 20.35 -8.36
CA ARG D 186 -22.63 19.90 -8.77
C ARG D 186 -22.19 18.69 -7.93
N ALA D 187 -22.51 18.71 -6.66
CA ALA D 187 -22.20 17.63 -5.74
C ALA D 187 -22.83 16.32 -6.21
N TYR D 188 -24.09 16.42 -6.65
CA TYR D 188 -24.82 15.29 -7.19
C TYR D 188 -24.13 14.80 -8.45
N GLU D 189 -23.84 15.73 -9.34
CA GLU D 189 -23.16 15.40 -10.60
C GLU D 189 -21.89 14.59 -10.42
N LEU D 190 -21.11 14.90 -9.40
CA LEU D 190 -19.86 14.20 -9.15
C LEU D 190 -20.03 13.02 -8.20
N GLY D 191 -21.22 12.84 -7.64
CA GLY D 191 -21.43 11.67 -6.76
C GLY D 191 -20.92 11.88 -5.33
N LEU D 192 -20.71 13.14 -4.96
CA LEU D 192 -20.48 13.50 -3.57
C LEU D 192 -21.75 13.25 -2.73
N ILE D 193 -22.90 13.40 -3.38
CA ILE D 193 -24.20 13.03 -2.81
C ILE D 193 -24.93 12.18 -3.85
N SER D 194 -25.89 11.38 -3.37
CA SER D 194 -26.66 10.48 -4.24
C SER D 194 -28.02 11.01 -4.64
N GLU D 195 -28.48 12.08 -3.99
CA GLU D 195 -29.80 12.61 -4.24
C GLU D 195 -29.95 14.01 -3.74
N ILE D 196 -30.66 14.82 -4.51
CA ILE D 196 -31.08 16.18 -4.09
C ILE D 196 -32.56 16.13 -3.73
N VAL D 197 -32.95 16.69 -2.59
CA VAL D 197 -34.34 16.62 -2.14
C VAL D 197 -34.90 18.03 -1.94
N GLU D 198 -36.14 18.26 -2.34
CA GLU D 198 -36.85 19.50 -1.95
C GLU D 198 -36.65 19.75 -0.48
N HIS D 199 -36.34 20.99 -0.15
CA HIS D 199 -35.87 21.31 1.16
C HIS D 199 -36.78 20.84 2.29
N ASP D 200 -38.08 21.13 2.16
CA ASP D 200 -39.05 20.79 3.20
C ASP D 200 -39.29 19.29 3.35
N ARG D 201 -38.88 18.48 2.38
CA ARG D 201 -39.11 17.05 2.42
C ARG D 201 -37.84 16.27 2.80
N LEU D 202 -36.77 16.98 3.17
CA LEU D 202 -35.46 16.31 3.36
C LEU D 202 -35.51 15.17 4.40
N LEU D 203 -36.07 15.49 5.55
CA LEU D 203 -36.07 14.53 6.67
C LEU D 203 -36.96 13.33 6.33
N GLU D 204 -38.09 13.63 5.73
CA GLU D 204 -39.01 12.59 5.28
C GLU D 204 -38.32 11.60 4.30
N ARG D 205 -37.62 12.14 3.32
CA ARG D 205 -36.94 11.27 2.36
C ARG D 205 -35.79 10.48 3.01
N ALA D 206 -35.09 11.10 3.94
CA ALA D 206 -34.06 10.40 4.68
C ALA D 206 -34.65 9.16 5.34
N HIS D 207 -35.81 9.34 5.99
CA HIS D 207 -36.44 8.24 6.74
C HIS D 207 -37.01 7.20 5.80
N GLU D 208 -37.43 7.61 4.61
CA GLU D 208 -37.87 6.65 3.58
C GLU D 208 -36.74 5.77 3.13
N ILE D 209 -35.60 6.38 2.84
CA ILE D 209 -34.39 5.63 2.46
C ILE D 209 -33.99 4.68 3.60
N ALA D 210 -33.99 5.20 4.81
CA ALA D 210 -33.68 4.41 6.00
C ALA D 210 -34.56 3.18 6.11
N ASP D 211 -35.88 3.39 5.92
CA ASP D 211 -36.84 2.29 5.99
C ASP D 211 -36.54 1.24 4.90
N ILE D 212 -36.17 1.71 3.72
CA ILE D 212 -35.80 0.77 2.64
C ILE D 212 -34.57 -0.07 2.99
N VAL D 213 -33.53 0.57 3.53
CA VAL D 213 -32.33 -0.16 3.91
C VAL D 213 -32.66 -1.17 4.99
N ASN D 214 -33.45 -0.74 5.99
CA ASN D 214 -33.87 -1.58 7.06
C ASN D 214 -34.86 -2.67 6.67
N SER D 215 -35.46 -2.60 5.47
CA SER D 215 -36.28 -3.71 4.97
C SER D 215 -35.40 -4.85 4.42
N ASN D 216 -34.11 -4.60 4.24
CA ASN D 216 -33.19 -5.65 3.86
C ASN D 216 -32.63 -6.34 5.11
N ALA D 217 -31.85 -7.40 4.92
CA ALA D 217 -31.35 -8.16 6.06
C ALA D 217 -30.21 -7.36 6.69
N PRO D 218 -30.35 -6.97 7.97
CA PRO D 218 -29.44 -6.01 8.59
C PRO D 218 -28.01 -6.50 8.75
N LEU D 219 -27.82 -7.78 9.08
CA LEU D 219 -26.46 -8.30 9.13
C LEU D 219 -25.82 -8.40 7.74
N ALA D 220 -26.63 -8.63 6.71
CA ALA D 220 -26.10 -8.66 5.35
C ALA D 220 -25.70 -7.24 4.95
N VAL D 221 -26.52 -6.26 5.34
CA VAL D 221 -26.21 -4.83 5.10
C VAL D 221 -24.90 -4.46 5.79
N ARG D 222 -24.76 -4.87 7.05
CA ARG D 222 -23.52 -4.55 7.78
C ARG D 222 -22.31 -5.22 7.19
N GLY D 223 -22.47 -6.52 6.87
CA GLY D 223 -21.36 -7.27 6.25
C GLY D 223 -20.94 -6.71 4.90
N THR D 224 -21.91 -6.27 4.11
CA THR D 224 -21.60 -5.73 2.80
C THR D 224 -20.89 -4.39 2.87
N ARG D 225 -21.34 -3.55 3.80
CA ARG D 225 -20.67 -2.28 4.07
C ARG D 225 -19.21 -2.52 4.48
N LEU D 226 -18.97 -3.51 5.34
CA LEU D 226 -17.57 -3.79 5.76
C LEU D 226 -16.74 -4.30 4.57
N ALA D 227 -17.32 -5.14 3.74
CA ALA D 227 -16.59 -5.66 2.58
C ALA D 227 -16.08 -4.48 1.77
N ILE D 228 -16.98 -3.54 1.50
CA ILE D 228 -16.61 -2.42 0.69
C ILE D 228 -15.54 -1.57 1.40
N LEU D 229 -15.81 -1.17 2.64
CA LEU D 229 -14.95 -0.21 3.29
C LEU D 229 -13.58 -0.82 3.62
N LYS D 230 -13.53 -2.05 4.12
CA LYS D 230 -12.19 -2.63 4.38
C LYS D 230 -11.51 -2.94 3.03
N GLY D 231 -12.29 -3.27 2.01
CA GLY D 231 -11.77 -3.50 0.66
C GLY D 231 -11.08 -2.30 0.01
N LEU D 232 -11.49 -1.09 0.39
CA LEU D 232 -10.89 0.12 -0.14
C LEU D 232 -9.43 0.30 0.31
N ASN D 233 -9.02 -0.40 1.35
CA ASN D 233 -7.69 -0.29 1.90
C ASN D 233 -6.63 -1.20 1.26
N VAL D 234 -7.04 -2.09 0.34
CA VAL D 234 -6.13 -2.99 -0.33
C VAL D 234 -6.42 -3.05 -1.84
N PRO D 235 -5.54 -3.73 -2.61
CA PRO D 235 -5.85 -3.81 -4.04
C PRO D 235 -7.09 -4.67 -4.28
N LEU D 236 -7.71 -4.48 -5.42
CA LEU D 236 -8.95 -5.14 -5.76
C LEU D 236 -8.91 -6.63 -5.51
N HIS D 237 -7.88 -7.31 -5.99
CA HIS D 237 -7.85 -8.76 -5.94
C HIS D 237 -7.90 -9.25 -4.49
N GLU D 238 -7.06 -8.66 -3.64
CA GLU D 238 -7.13 -8.92 -2.21
C GLU D 238 -8.48 -8.51 -1.60
N ALA D 239 -9.05 -7.40 -2.08
CA ALA D 239 -10.39 -6.96 -1.62
C ALA D 239 -11.42 -8.00 -1.82
N GLU D 240 -11.37 -8.70 -2.95
CA GLU D 240 -12.32 -9.79 -3.24
C GLU D 240 -12.21 -10.94 -2.24
N ILE D 241 -10.98 -11.27 -1.89
CA ILE D 241 -10.72 -12.42 -1.02
C ILE D 241 -11.11 -12.02 0.42
N LEU D 242 -10.70 -10.84 0.80
CA LEU D 242 -11.05 -10.26 2.09
C LEU D 242 -12.57 -10.24 2.31
N ALA D 243 -13.31 -9.80 1.28
CA ALA D 243 -14.78 -9.72 1.37
C ALA D 243 -15.41 -11.09 1.65
N GLU D 244 -14.75 -12.18 1.28
CA GLU D 244 -15.25 -13.51 1.60
C GLU D 244 -15.43 -13.75 3.10
N THR D 245 -14.59 -13.13 3.91
CA THR D 245 -14.73 -13.25 5.39
C THR D 245 -16.09 -12.76 5.86
N PHE D 246 -16.52 -11.62 5.33
CA PHE D 246 -17.82 -11.05 5.73
C PHE D 246 -18.95 -11.87 5.17
N ARG D 247 -18.75 -12.36 3.94
CA ARG D 247 -19.75 -13.18 3.33
C ARG D 247 -19.93 -14.48 4.14
N GLU D 248 -18.83 -15.11 4.52
CA GLU D 248 -18.87 -16.34 5.34
C GLU D 248 -19.54 -16.07 6.71
N ARG D 249 -19.24 -14.94 7.34
CA ARG D 249 -19.85 -14.61 8.64
C ARG D 249 -21.35 -14.50 8.50
N VAL D 250 -21.79 -13.87 7.42
CA VAL D 250 -23.22 -13.66 7.22
C VAL D 250 -23.91 -14.96 6.86
N LEU D 251 -23.23 -15.85 6.13
CA LEU D 251 -23.80 -17.16 5.73
C LEU D 251 -24.21 -18.00 6.95
N ARG D 252 -23.56 -17.82 8.09
CA ARG D 252 -23.90 -18.55 9.30
C ARG D 252 -25.13 -17.96 10.03
N THR D 253 -25.68 -16.84 9.57
CA THR D 253 -26.82 -16.21 10.25
C THR D 253 -28.11 -16.93 9.87
N GLU D 254 -29.09 -16.89 10.75
CA GLU D 254 -30.42 -17.41 10.43
C GLU D 254 -31.01 -16.60 9.28
N ASP D 255 -30.83 -15.29 9.29
CA ASP D 255 -31.38 -14.47 8.21
C ASP D 255 -30.90 -14.93 6.84
N ALA D 256 -29.64 -15.39 6.77
CA ALA D 256 -29.09 -15.83 5.48
C ALA D 256 -29.77 -17.08 4.97
N ALA D 257 -30.30 -17.89 5.89
CA ALA D 257 -31.09 -19.09 5.54
C ALA D 257 -32.52 -18.66 5.22
N GLU D 258 -33.05 -17.73 6.00
CA GLU D 258 -34.42 -17.25 5.82
C GLU D 258 -34.62 -16.60 4.45
N GLY D 259 -33.62 -15.83 4.00
CA GLY D 259 -33.79 -15.08 2.76
C GLY D 259 -34.07 -15.95 1.55
N PRO D 260 -33.15 -16.88 1.25
CA PRO D 260 -33.40 -17.78 0.11
C PRO D 260 -34.56 -18.78 0.34
N ARG D 261 -34.75 -19.22 1.59
CA ARG D 261 -35.88 -20.06 1.96
C ARG D 261 -37.22 -19.34 1.66
N ALA D 262 -37.40 -18.11 2.12
CA ALA D 262 -38.60 -17.34 1.78
C ALA D 262 -38.80 -17.26 0.27
N PHE D 263 -37.73 -16.98 -0.46
CA PHE D 263 -37.81 -16.88 -1.93
C PHE D 263 -38.29 -18.19 -2.58
N VAL D 264 -37.74 -19.32 -2.17
CA VAL D 264 -38.14 -20.62 -2.74
C VAL D 264 -39.57 -20.98 -2.35
N GLU D 265 -40.06 -20.45 -1.22
CA GLU D 265 -41.43 -20.68 -0.77
C GLU D 265 -42.39 -19.58 -1.23
N LYS D 266 -41.92 -18.72 -2.13
CA LYS D 266 -42.73 -17.67 -2.71
C LYS D 266 -43.47 -16.84 -1.64
N ARG D 267 -42.73 -16.41 -0.62
CA ARG D 267 -43.27 -15.64 0.47
C ARG D 267 -42.25 -14.54 0.92
N GLN D 268 -42.70 -13.55 1.71
CA GLN D 268 -41.81 -12.47 2.17
C GLN D 268 -40.87 -12.95 3.27
N PRO D 269 -39.59 -12.51 3.28
CA PRO D 269 -38.77 -12.88 4.43
C PRO D 269 -39.12 -12.11 5.68
N ASN D 270 -38.82 -12.70 6.82
CA ASN D 270 -38.94 -12.03 8.12
C ASN D 270 -37.56 -11.99 8.83
N TRP D 271 -36.92 -10.81 8.89
CA TRP D 271 -35.56 -10.70 9.48
C TRP D 271 -35.58 -10.68 10.98
N GLN D 272 -34.66 -11.44 11.57
CA GLN D 272 -34.48 -11.46 13.00
C GLN D 272 -33.19 -10.76 13.45
N CYS D 273 -32.38 -10.27 12.53
CA CYS D 273 -31.05 -9.73 12.91
C CYS D 273 -30.25 -10.75 13.75
N ARG D 274 -30.26 -11.98 13.29
CA ARG D 274 -29.48 -13.06 13.88
C ARG D 274 -29.28 -14.01 12.71
N SER E 9 15.78 35.24 -23.82
CA SER E 9 14.27 35.20 -23.68
C SER E 9 13.75 33.99 -24.44
N PHE E 10 12.67 33.40 -23.92
CA PHE E 10 12.17 32.13 -24.40
C PHE E 10 11.60 32.28 -25.82
N ASP E 11 11.78 31.27 -26.67
CA ASP E 11 11.27 31.27 -28.02
C ASP E 11 10.00 30.52 -28.23
N THR E 12 9.77 29.52 -27.38
CA THR E 12 8.63 28.59 -27.58
C THR E 12 7.51 28.76 -26.55
N ILE E 13 7.79 29.50 -25.48
CA ILE E 13 6.83 29.86 -24.48
C ILE E 13 6.94 31.35 -24.09
N LYS E 14 5.97 31.85 -23.36
CA LYS E 14 6.05 33.14 -22.71
C LYS E 14 5.97 32.89 -21.19
N TYR E 15 6.72 33.66 -20.42
CA TYR E 15 6.72 33.63 -18.99
C TYR E 15 6.53 35.07 -18.50
N GLU E 16 5.48 35.33 -17.74
CA GLU E 16 5.15 36.66 -17.25
C GLU E 16 4.69 36.60 -15.82
N VAL E 17 5.10 37.56 -15.01
CA VAL E 17 4.68 37.65 -13.60
C VAL E 17 3.89 38.90 -13.39
N ASP E 18 2.73 38.77 -12.73
CA ASP E 18 1.92 39.90 -12.34
C ASP E 18 1.46 39.67 -10.90
N GLY E 19 1.89 40.53 -9.98
CA GLY E 19 1.68 40.32 -8.55
C GLY E 19 2.21 38.94 -8.12
N HIS E 20 1.36 38.14 -7.49
CA HIS E 20 1.72 36.80 -7.05
C HIS E 20 1.45 35.65 -8.03
N THR E 21 1.07 35.98 -9.28
CA THR E 21 0.80 34.96 -10.29
C THR E 21 1.79 34.98 -11.43
N ALA E 22 2.44 33.85 -11.67
CA ALA E 22 3.24 33.64 -12.91
C ALA E 22 2.37 32.96 -13.91
N THR E 23 2.47 33.36 -15.18
CA THR E 23 1.73 32.75 -16.29
C THR E 23 2.69 32.26 -17.33
N ILE E 24 2.64 30.95 -17.62
CA ILE E 24 3.41 30.35 -18.70
C ILE E 24 2.44 30.08 -19.84
N THR E 25 2.78 30.58 -21.03
CA THR E 25 1.93 30.35 -22.18
C THR E 25 2.70 29.52 -23.22
N LEU E 26 2.20 28.33 -23.52
CA LEU E 26 2.79 27.54 -24.61
C LEU E 26 2.56 28.34 -25.90
N ASN E 27 3.64 28.58 -26.63
CA ASN E 27 3.60 29.61 -27.67
C ASN E 27 4.25 29.16 -28.96
N ARG E 28 3.86 27.97 -29.42
CA ARG E 28 4.26 27.46 -30.71
C ARG E 28 3.02 27.10 -31.53
N PRO E 29 2.15 28.10 -31.78
CA PRO E 29 0.87 27.75 -32.42
C PRO E 29 1.02 27.15 -33.82
N ASP E 30 2.13 27.43 -34.51
CA ASP E 30 2.37 26.86 -35.84
C ASP E 30 2.62 25.39 -35.80
N ALA E 31 3.10 24.86 -34.66
CA ALA E 31 3.21 23.42 -34.47
C ALA E 31 2.09 22.89 -33.57
N LEU E 32 0.99 23.63 -33.46
CA LEU E 32 -0.10 23.30 -32.53
C LEU E 32 0.44 22.98 -31.13
N ASN E 33 1.43 23.75 -30.71
CA ASN E 33 2.05 23.63 -29.38
C ASN E 33 2.52 22.24 -29.08
N ALA E 34 3.01 21.56 -30.13
CA ALA E 34 3.68 20.28 -29.96
C ALA E 34 4.98 20.52 -29.21
N LEU E 35 5.32 19.62 -28.32
CA LEU E 35 6.52 19.78 -27.49
C LEU E 35 7.75 19.29 -28.24
N SER E 36 8.71 20.19 -28.46
CA SER E 36 10.04 19.82 -28.92
C SER E 36 10.94 19.73 -27.71
N PRO E 37 12.12 19.11 -27.88
CA PRO E 37 13.11 19.12 -26.79
C PRO E 37 13.50 20.53 -26.32
N HIS E 38 13.57 21.47 -27.25
CA HIS E 38 13.87 22.87 -26.88
C HIS E 38 12.75 23.46 -26.03
N MET E 39 11.50 23.24 -26.43
CA MET E 39 10.34 23.71 -25.64
C MET E 39 10.32 23.13 -24.25
N ILE E 40 10.69 21.85 -24.13
CA ILE E 40 10.73 21.18 -22.85
C ILE E 40 11.79 21.78 -21.93
N THR E 41 12.95 22.10 -22.48
CA THR E 41 14.00 22.77 -21.73
C THR E 41 13.54 24.14 -21.27
N GLU E 42 12.84 24.88 -22.13
CA GLU E 42 12.34 26.18 -21.76
C GLU E 42 11.29 26.08 -20.66
N LEU E 43 10.40 25.08 -20.76
CA LEU E 43 9.36 24.89 -19.74
C LEU E 43 9.99 24.63 -18.40
N ARG E 44 11.01 23.79 -18.37
CA ARG E 44 11.61 23.45 -17.10
C ARG E 44 12.30 24.66 -16.44
N ALA E 45 12.90 25.51 -17.26
CA ALA E 45 13.49 26.75 -16.79
C ALA E 45 12.41 27.65 -16.23
N ALA E 46 11.28 27.75 -16.93
CA ALA E 46 10.17 28.58 -16.43
C ALA E 46 9.62 28.04 -15.10
N TYR E 47 9.48 26.72 -14.99
CA TYR E 47 9.00 26.13 -13.74
C TYR E 47 9.95 26.41 -12.55
N HIS E 48 11.23 26.23 -12.79
CA HIS E 48 12.25 26.53 -11.80
C HIS E 48 12.22 27.99 -11.38
N GLU E 49 12.10 28.88 -12.35
CA GLU E 49 12.00 30.30 -12.08
C GLU E 49 10.78 30.61 -11.18
N ALA E 50 9.62 30.03 -11.51
CA ALA E 50 8.43 30.29 -10.73
C ALA E 50 8.61 29.75 -9.33
N GLU E 51 9.20 28.55 -9.21
CA GLU E 51 9.34 27.90 -7.88
C GLU E 51 10.27 28.73 -6.97
N ASN E 52 11.28 29.36 -7.56
CA ASN E 52 12.30 30.07 -6.77
C ASN E 52 12.09 31.57 -6.57
N ASP E 53 11.13 32.17 -7.25
CA ASP E 53 10.83 33.59 -7.07
C ASP E 53 9.79 33.74 -5.95
N ASP E 54 10.19 34.25 -4.78
CA ASP E 54 9.31 34.36 -3.61
C ASP E 54 8.08 35.20 -3.86
N ARG E 55 8.13 36.09 -4.82
CA ARG E 55 6.95 36.88 -5.17
C ARG E 55 5.86 36.03 -5.81
N VAL E 56 6.25 34.94 -6.46
CA VAL E 56 5.31 34.06 -7.13
C VAL E 56 4.72 33.10 -6.13
N TRP E 57 3.38 33.11 -6.02
CA TRP E 57 2.67 32.17 -5.18
C TRP E 57 1.96 31.08 -5.95
N LEU E 58 1.64 31.35 -7.21
CA LEU E 58 0.83 30.44 -8.03
C LEU E 58 1.23 30.53 -9.50
N LEU E 59 1.23 29.40 -10.20
CA LEU E 59 1.58 29.34 -11.64
C LEU E 59 0.37 28.95 -12.49
N VAL E 60 0.07 29.74 -13.50
CA VAL E 60 -0.96 29.46 -14.45
C VAL E 60 -0.27 28.97 -15.73
N VAL E 61 -0.76 27.90 -16.31
CA VAL E 61 -0.27 27.39 -17.62
C VAL E 61 -1.43 27.39 -18.59
N THR E 62 -1.20 27.95 -19.76
CA THR E 62 -2.19 27.98 -20.82
C THR E 62 -1.47 27.89 -22.17
N GLY E 63 -2.24 27.82 -23.25
CA GLY E 63 -1.65 27.73 -24.59
C GLY E 63 -2.19 28.80 -25.49
N THR E 64 -1.73 28.80 -26.74
CA THR E 64 -2.16 29.79 -27.74
C THR E 64 -2.75 29.05 -28.93
N GLY E 65 -3.88 29.53 -29.39
CA GLY E 65 -4.45 29.09 -30.68
C GLY E 65 -5.40 27.93 -30.52
N ARG E 66 -5.45 27.06 -31.54
CA ARG E 66 -6.42 25.98 -31.58
C ARG E 66 -6.04 24.85 -30.67
N ALA E 67 -4.76 24.77 -30.32
CA ALA E 67 -4.25 23.76 -29.46
C ALA E 67 -3.72 24.33 -28.14
N PHE E 68 -4.06 23.66 -27.04
CA PHE E 68 -3.37 23.84 -25.79
C PHE E 68 -2.01 23.16 -25.91
N CYS E 69 -2.02 21.87 -26.20
CA CYS E 69 -0.80 21.12 -26.49
C CYS E 69 -1.17 19.82 -27.23
N SER E 70 -0.60 19.63 -28.42
CA SER E 70 -0.93 18.50 -29.27
C SER E 70 0.01 17.31 -29.04
N GLY E 71 0.80 17.33 -27.99
CA GLY E 71 1.65 16.20 -27.68
C GLY E 71 3.11 16.44 -28.02
N ALA E 72 3.92 15.41 -27.98
CA ALA E 72 5.36 15.52 -28.33
C ALA E 72 5.59 15.44 -29.86
N ASP E 73 6.64 16.08 -30.38
CA ASP E 73 7.15 15.88 -31.77
C ASP E 73 7.79 14.52 -31.96
N VAL E 74 7.80 14.03 -33.21
CA VAL E 74 8.46 12.75 -33.59
C VAL E 74 9.97 12.69 -33.29
N ARG E 87 23.87 13.82 -24.12
CA ARG E 87 23.95 13.38 -22.72
C ARG E 87 24.25 11.88 -22.68
N PRO E 88 25.38 11.49 -22.10
CA PRO E 88 25.63 10.05 -22.16
C PRO E 88 24.59 9.19 -21.43
N TYR E 89 24.39 7.99 -21.95
CA TYR E 89 23.25 7.16 -21.59
C TYR E 89 23.32 6.83 -20.10
N LEU E 90 22.22 7.06 -19.37
CA LEU E 90 22.13 6.69 -17.95
C LEU E 90 23.11 7.44 -17.05
N SER E 91 23.64 8.56 -17.54
CA SER E 91 24.55 9.35 -16.75
C SER E 91 23.83 10.32 -15.83
N THR E 92 22.55 10.56 -16.08
CA THR E 92 21.77 11.42 -15.21
C THR E 92 20.55 10.69 -14.64
N TYR E 93 20.17 11.08 -13.42
CA TYR E 93 19.23 10.30 -12.63
C TYR E 93 17.86 10.20 -13.33
N ASP E 94 17.45 11.27 -14.01
CA ASP E 94 16.15 11.29 -14.73
C ASP E 94 16.01 10.18 -15.75
N GLN E 95 17.13 9.70 -16.30
CA GLN E 95 17.09 8.66 -17.30
C GLN E 95 16.68 7.29 -16.71
N TRP E 96 16.69 7.16 -15.39
CA TRP E 96 16.29 5.92 -14.76
C TRP E 96 14.82 5.82 -14.62
N GLU E 97 14.09 6.90 -14.89
CA GLU E 97 12.66 6.74 -14.82
C GLU E 97 11.96 7.24 -16.10
N ALA E 98 10.63 7.35 -16.06
CA ALA E 98 9.88 7.70 -17.27
C ALA E 98 10.26 9.11 -17.67
N PRO E 99 10.52 9.35 -18.94
CA PRO E 99 10.62 10.75 -19.35
C PRO E 99 9.37 11.58 -18.97
N GLN E 100 9.60 12.82 -18.57
CA GLN E 100 8.56 13.66 -18.01
C GLN E 100 7.97 14.64 -19.03
N GLU E 101 8.69 14.88 -20.12
CA GLU E 101 8.23 15.82 -21.14
C GLU E 101 7.87 17.17 -20.48
N GLY E 102 6.66 17.68 -20.68
CA GLY E 102 6.32 18.99 -20.15
C GLY E 102 5.76 19.02 -18.74
N THR E 103 5.67 17.86 -18.07
CA THR E 103 5.07 17.80 -16.75
C THR E 103 5.69 18.82 -15.81
N PRO E 104 4.87 19.66 -15.15
CA PRO E 104 5.43 20.49 -14.11
C PRO E 104 5.95 19.61 -12.98
N PRO E 105 6.92 20.08 -12.20
CA PRO E 105 7.52 19.24 -11.17
C PRO E 105 6.67 19.20 -9.88
N PHE E 106 5.49 18.59 -9.99
CA PHE E 106 4.51 18.63 -8.92
C PHE E 106 4.99 17.84 -7.70
N ARG E 107 5.88 16.86 -7.89
CA ARG E 107 6.42 16.13 -6.74
C ARG E 107 7.43 16.92 -5.95
N THR E 108 8.05 17.94 -6.53
CA THR E 108 9.11 18.68 -5.81
C THR E 108 8.86 20.18 -5.72
N MET E 109 7.67 20.64 -6.07
CA MET E 109 7.35 22.10 -6.00
C MET E 109 6.10 22.24 -5.17
N ALA E 110 6.07 23.18 -4.23
CA ALA E 110 4.95 23.31 -3.32
C ALA E 110 3.91 24.31 -3.77
N LYS E 111 4.23 25.15 -4.74
CA LYS E 111 3.32 26.21 -5.16
C LYS E 111 2.26 25.60 -6.06
N PRO E 112 1.00 25.98 -5.88
CA PRO E 112 -0.04 25.46 -6.74
C PRO E 112 0.06 25.92 -8.21
N VAL E 113 -0.50 25.08 -9.07
CA VAL E 113 -0.52 25.31 -10.51
C VAL E 113 -1.95 25.15 -11.03
N LEU E 114 -2.36 26.10 -11.85
CA LEU E 114 -3.66 26.08 -12.52
C LEU E 114 -3.45 25.99 -13.99
N THR E 115 -4.14 25.05 -14.65
CA THR E 115 -4.05 24.90 -16.10
C THR E 115 -5.34 25.39 -16.72
N ALA E 116 -5.22 26.21 -17.75
CA ALA E 116 -6.37 26.66 -18.50
C ALA E 116 -6.26 26.14 -19.93
N VAL E 117 -7.03 25.09 -20.24
CA VAL E 117 -6.94 24.41 -21.53
C VAL E 117 -7.74 25.14 -22.63
N ASN E 118 -7.04 25.71 -23.60
CA ASN E 118 -7.63 26.61 -24.59
C ASN E 118 -8.06 25.91 -25.88
N GLY E 119 -7.75 24.64 -26.03
CA GLY E 119 -8.07 23.92 -27.23
C GLY E 119 -7.69 22.44 -27.13
N ILE E 120 -7.24 21.90 -28.24
CA ILE E 120 -6.84 20.49 -28.30
C ILE E 120 -5.83 20.19 -27.22
N CYS E 121 -6.06 19.10 -26.49
CA CYS E 121 -5.16 18.66 -25.44
C CYS E 121 -5.00 17.17 -25.55
N CYS E 122 -3.88 16.73 -26.09
CA CYS E 122 -3.68 15.30 -26.31
C CYS E 122 -2.26 14.83 -26.09
N GLY E 123 -2.14 13.55 -25.83
CA GLY E 123 -0.87 12.93 -25.49
C GLY E 123 -0.27 13.63 -24.28
N ALA E 124 0.94 14.14 -24.46
CA ALA E 124 1.68 14.79 -23.38
C ALA E 124 0.94 16.00 -22.79
N GLY E 125 0.05 16.58 -23.57
CA GLY E 125 -0.80 17.67 -23.10
C GLY E 125 -1.64 17.30 -21.89
N MET E 126 -2.05 16.04 -21.82
CA MET E 126 -2.82 15.55 -20.68
C MET E 126 -2.06 15.63 -19.34
N ASP E 127 -0.72 15.71 -19.40
CA ASP E 127 0.06 15.81 -18.15
C ASP E 127 -0.31 17.02 -17.32
N TRP E 128 -0.66 18.13 -17.97
CA TRP E 128 -1.09 19.30 -17.22
C TRP E 128 -2.42 19.06 -16.61
N VAL E 129 -3.27 18.32 -17.31
CA VAL E 129 -4.63 18.07 -16.82
C VAL E 129 -4.62 17.13 -15.58
N THR E 130 -3.68 16.19 -15.56
CA THR E 130 -3.66 15.16 -14.58
C THR E 130 -2.76 15.43 -13.38
N THR E 131 -1.90 16.43 -13.44
CA THR E 131 -0.91 16.64 -12.37
C THR E 131 -0.82 18.08 -11.84
N THR E 132 -1.72 18.94 -12.27
CA THR E 132 -1.81 20.30 -11.70
C THR E 132 -3.04 20.36 -10.79
N ASP E 133 -3.18 21.45 -10.05
CA ASP E 133 -4.11 21.50 -8.93
C ASP E 133 -5.50 21.99 -9.28
N ILE E 134 -5.60 22.98 -10.17
CA ILE E 134 -6.88 23.43 -10.68
C ILE E 134 -6.83 23.37 -12.19
N VAL E 135 -7.84 22.75 -12.80
CA VAL E 135 -7.91 22.61 -14.23
C VAL E 135 -9.23 23.17 -14.74
N ILE E 136 -9.17 24.16 -15.60
CA ILE E 136 -10.34 24.72 -16.27
C ILE E 136 -10.13 24.65 -17.78
N ALA E 137 -11.19 24.85 -18.55
CA ALA E 137 -11.06 24.75 -20.00
C ALA E 137 -12.06 25.57 -20.76
N SER E 138 -11.63 25.96 -21.94
CA SER E 138 -12.48 26.63 -22.91
C SER E 138 -13.53 25.63 -23.33
N GLU E 139 -14.72 26.15 -23.65
CA GLU E 139 -15.79 25.34 -24.25
C GLU E 139 -15.31 24.58 -25.46
N GLN E 140 -14.28 25.07 -26.12
CA GLN E 140 -13.72 24.44 -27.32
C GLN E 140 -12.70 23.30 -27.05
N ALA E 141 -12.27 23.13 -25.81
CA ALA E 141 -11.22 22.15 -25.50
C ALA E 141 -11.70 20.72 -25.77
N THR E 142 -10.77 19.87 -26.22
CA THR E 142 -11.01 18.43 -26.30
C THR E 142 -9.82 17.67 -25.74
N PHE E 143 -10.06 16.44 -25.31
CA PHE E 143 -9.08 15.62 -24.63
C PHE E 143 -9.01 14.21 -25.22
N PHE E 144 -7.79 13.75 -25.50
CA PHE E 144 -7.59 12.42 -26.06
C PHE E 144 -6.12 12.02 -26.04
N ASP E 145 -5.85 10.80 -26.45
CA ASP E 145 -4.48 10.33 -26.58
C ASP E 145 -4.35 9.46 -27.82
N PRO E 146 -3.49 9.86 -28.77
CA PRO E 146 -3.44 9.20 -30.07
C PRO E 146 -2.42 8.07 -30.16
N HIS E 147 -1.71 7.76 -29.07
CA HIS E 147 -0.57 6.84 -29.19
C HIS E 147 -0.87 5.47 -29.78
N VAL E 148 -1.96 4.82 -29.36
CA VAL E 148 -2.22 3.50 -29.88
C VAL E 148 -2.47 3.54 -31.41
N SER E 149 -2.88 4.68 -31.92
CA SER E 149 -3.14 4.83 -33.35
C SER E 149 -1.83 4.85 -34.16
N ILE E 150 -0.69 5.11 -33.52
CA ILE E 150 0.61 5.05 -34.23
C ILE E 150 1.49 3.92 -33.70
N GLY E 151 0.89 2.99 -32.95
CA GLY E 151 1.56 1.75 -32.58
C GLY E 151 2.35 1.78 -31.28
N LEU E 152 2.13 2.82 -30.48
CA LEU E 152 2.91 3.03 -29.26
C LEU E 152 2.05 3.09 -28.01
N VAL E 153 2.70 2.83 -26.88
CA VAL E 153 2.08 2.88 -25.58
C VAL E 153 2.37 4.19 -24.89
N ALA E 154 1.31 4.92 -24.52
CA ALA E 154 1.47 6.18 -23.78
C ALA E 154 1.42 5.93 -22.24
N GLY E 155 2.52 5.45 -21.66
CA GLY E 155 2.50 4.90 -20.31
C GLY E 155 2.20 5.94 -19.25
N ARG E 156 3.15 6.83 -19.05
CA ARG E 156 3.04 7.93 -18.09
C ARG E 156 1.68 8.64 -18.20
N GLU E 157 1.34 9.07 -19.41
CA GLU E 157 0.16 9.92 -19.66
C GLU E 157 -1.12 9.26 -19.18
N LEU E 158 -1.28 8.00 -19.54
CA LEU E 158 -2.55 7.31 -19.30
C LEU E 158 -2.65 6.72 -17.92
N VAL E 159 -1.52 6.34 -17.29
CA VAL E 159 -1.62 5.94 -15.88
C VAL E 159 -2.10 7.15 -15.07
N ARG E 160 -1.62 8.35 -15.42
CA ARG E 160 -2.11 9.60 -14.79
C ARG E 160 -3.61 9.85 -15.06
N VAL E 161 -4.05 9.71 -16.31
CA VAL E 161 -5.49 9.84 -16.64
C VAL E 161 -6.32 8.87 -15.80
N SER E 162 -5.76 7.66 -15.55
CA SER E 162 -6.50 6.65 -14.83
C SER E 162 -6.72 6.99 -13.38
N ARG E 163 -6.00 7.97 -12.85
CA ARG E 163 -6.22 8.45 -11.49
C ARG E 163 -7.31 9.51 -11.43
N VAL E 164 -7.77 10.00 -12.57
CA VAL E 164 -8.77 11.06 -12.58
C VAL E 164 -10.11 10.57 -13.16
N LEU E 165 -10.09 9.86 -14.30
CA LEU E 165 -11.32 9.37 -14.88
C LEU E 165 -11.66 7.97 -14.33
N PRO E 166 -12.96 7.65 -14.17
CA PRO E 166 -13.32 6.28 -13.82
C PRO E 166 -12.81 5.25 -14.81
N ARG E 167 -12.61 4.06 -14.25
CA ARG E 167 -11.98 2.93 -14.87
C ARG E 167 -12.20 2.76 -16.38
N SER E 168 -13.45 2.55 -16.79
CA SER E 168 -13.75 2.27 -18.18
C SER E 168 -13.77 3.51 -19.06
N ILE E 169 -13.80 4.70 -18.44
CA ILE E 169 -13.66 5.94 -19.21
C ILE E 169 -12.18 6.15 -19.59
N ALA E 170 -11.30 5.94 -18.61
CA ALA E 170 -9.85 6.03 -18.87
C ALA E 170 -9.43 4.98 -19.92
N LEU E 171 -9.94 3.78 -19.77
CA LEU E 171 -9.60 2.70 -20.68
C LEU E 171 -10.16 2.99 -22.08
N ARG E 172 -11.38 3.52 -22.15
CA ARG E 172 -11.91 3.90 -23.46
C ARG E 172 -11.02 4.95 -24.14
N MET E 173 -10.59 5.97 -23.39
CA MET E 173 -9.71 6.96 -23.97
C MET E 173 -8.41 6.33 -24.47
N ALA E 174 -7.85 5.41 -23.68
CA ALA E 174 -6.63 4.72 -24.06
C ALA E 174 -6.80 3.88 -25.33
N LEU E 175 -7.91 3.13 -25.40
CA LEU E 175 -8.12 2.18 -26.49
C LEU E 175 -8.57 2.86 -27.81
N MET E 176 -9.27 3.99 -27.73
CA MET E 176 -9.83 4.65 -28.93
C MET E 176 -8.78 5.46 -29.70
N GLY E 177 -7.67 5.81 -29.05
CA GLY E 177 -6.62 6.54 -29.70
C GLY E 177 -7.10 7.87 -30.29
N LYS E 178 -6.67 8.15 -31.52
CA LYS E 178 -7.00 9.41 -32.13
C LYS E 178 -8.44 9.46 -32.65
N HIS E 179 -9.17 8.35 -32.57
CA HIS E 179 -10.47 8.30 -33.24
C HIS E 179 -11.62 8.83 -32.42
N GLU E 180 -11.35 9.32 -31.22
CA GLU E 180 -12.41 9.87 -30.40
C GLU E 180 -11.81 10.99 -29.57
N ARG E 181 -12.59 12.02 -29.35
CA ARG E 181 -12.16 13.14 -28.53
C ARG E 181 -13.19 13.39 -27.43
N MET E 182 -12.77 13.44 -26.17
CA MET E 182 -13.68 13.84 -25.09
C MET E 182 -13.92 15.36 -25.12
N SER E 183 -15.19 15.76 -25.10
CA SER E 183 -15.58 17.18 -25.11
C SER E 183 -15.33 17.84 -23.77
N ALA E 184 -15.28 19.16 -23.75
CA ALA E 184 -15.17 19.90 -22.49
C ALA E 184 -16.37 19.59 -21.59
N GLN E 185 -17.56 19.47 -22.17
CA GLN E 185 -18.74 19.23 -21.40
C GLN E 185 -18.66 17.86 -20.69
N ARG E 186 -18.15 16.83 -21.38
CA ARG E 186 -18.02 15.52 -20.75
C ARG E 186 -16.92 15.53 -19.69
N ALA E 187 -15.83 16.22 -19.98
CA ALA E 187 -14.72 16.36 -19.06
C ALA E 187 -15.18 17.04 -17.74
N TYR E 188 -16.02 18.08 -17.88
CA TYR E 188 -16.60 18.75 -16.71
C TYR E 188 -17.50 17.82 -15.92
N GLU E 189 -18.38 17.15 -16.64
CA GLU E 189 -19.29 16.17 -16.02
C GLU E 189 -18.59 15.14 -15.11
N LEU E 190 -17.44 14.64 -15.55
CA LEU E 190 -16.71 13.65 -14.79
C LEU E 190 -15.70 14.27 -13.83
N GLY E 191 -15.50 15.58 -13.87
CA GLY E 191 -14.59 16.19 -12.93
C GLY E 191 -13.13 16.16 -13.38
N LEU E 192 -12.90 15.86 -14.66
CA LEU E 192 -11.57 16.03 -15.26
C LEU E 192 -11.16 17.49 -15.28
N ILE E 193 -12.15 18.36 -15.43
CA ILE E 193 -12.02 19.79 -15.27
C ILE E 193 -13.06 20.28 -14.28
N SER E 194 -12.83 21.44 -13.68
CA SER E 194 -13.75 22.02 -12.70
C SER E 194 -14.60 23.12 -13.22
N GLU E 195 -14.29 23.63 -14.41
CA GLU E 195 -15.07 24.75 -14.99
C GLU E 195 -14.88 24.86 -16.52
N ILE E 196 -15.95 25.20 -17.23
CA ILE E 196 -15.91 25.52 -18.66
C ILE E 196 -16.06 27.02 -18.79
N VAL E 197 -15.22 27.65 -19.61
CA VAL E 197 -15.22 29.10 -19.75
C VAL E 197 -15.45 29.45 -21.20
N GLU E 198 -16.24 30.50 -21.42
CA GLU E 198 -16.34 31.12 -22.73
C GLU E 198 -14.94 31.35 -23.27
N HIS E 199 -14.74 30.95 -24.51
CA HIS E 199 -13.38 30.88 -25.04
C HIS E 199 -12.57 32.15 -24.92
N ASP E 200 -13.16 33.27 -25.34
CA ASP E 200 -12.48 34.57 -25.28
C ASP E 200 -12.21 35.09 -23.85
N ARG E 201 -12.84 34.50 -22.84
CA ARG E 201 -12.64 34.94 -21.45
C ARG E 201 -11.77 33.94 -20.65
N LEU E 202 -11.16 32.97 -21.31
CA LEU E 202 -10.44 31.90 -20.59
C LEU E 202 -9.31 32.41 -19.67
N LEU E 203 -8.43 33.22 -20.24
CA LEU E 203 -7.27 33.71 -19.50
C LEU E 203 -7.72 34.62 -18.35
N GLU E 204 -8.70 35.45 -18.64
CA GLU E 204 -9.24 36.36 -17.64
C GLU E 204 -9.77 35.56 -16.45
N ARG E 205 -10.54 34.51 -16.73
CA ARG E 205 -11.10 33.69 -15.63
C ARG E 205 -10.00 32.93 -14.87
N ALA E 206 -9.00 32.47 -15.56
CA ALA E 206 -7.86 31.81 -14.95
C ALA E 206 -7.18 32.73 -13.95
N HIS E 207 -6.98 33.98 -14.36
CA HIS E 207 -6.33 34.98 -13.50
C HIS E 207 -7.20 35.41 -12.35
N GLU E 208 -8.51 35.42 -12.58
CA GLU E 208 -9.43 35.66 -11.49
C GLU E 208 -9.36 34.54 -10.43
N ILE E 209 -9.34 33.29 -10.88
CA ILE E 209 -9.29 32.17 -9.93
C ILE E 209 -7.96 32.25 -9.16
N ALA E 210 -6.89 32.52 -9.88
CA ALA E 210 -5.54 32.67 -9.31
C ALA E 210 -5.54 33.71 -8.20
N ASP E 211 -6.15 34.87 -8.49
CA ASP E 211 -6.26 35.94 -7.50
C ASP E 211 -7.04 35.45 -6.28
N ILE E 212 -8.12 34.74 -6.50
CA ILE E 212 -8.93 34.27 -5.38
C ILE E 212 -8.11 33.29 -4.49
N VAL E 213 -7.39 32.37 -5.12
CA VAL E 213 -6.55 31.46 -4.33
C VAL E 213 -5.48 32.24 -3.54
N ASN E 214 -4.89 33.22 -4.20
CA ASN E 214 -3.83 34.03 -3.61
C ASN E 214 -4.38 35.03 -2.55
N SER E 215 -5.69 35.19 -2.47
CA SER E 215 -6.29 35.94 -1.38
C SER E 215 -6.36 35.09 -0.10
N ASN E 216 -6.12 33.78 -0.22
CA ASN E 216 -6.04 32.92 0.95
C ASN E 216 -4.60 32.87 1.47
N ALA E 217 -4.39 32.24 2.62
CA ALA E 217 -3.07 32.22 3.22
C ALA E 217 -2.18 31.20 2.45
N PRO E 218 -1.12 31.68 1.79
CA PRO E 218 -0.32 30.86 0.87
C PRO E 218 0.33 29.63 1.48
N LEU E 219 0.84 29.73 2.70
CA LEU E 219 1.47 28.57 3.29
C LEU E 219 0.39 27.54 3.73
N ALA E 220 -0.79 28.01 4.06
CA ALA E 220 -1.90 27.10 4.33
C ALA E 220 -2.32 26.38 3.02
N VAL E 221 -2.36 27.12 1.93
CA VAL E 221 -2.69 26.57 0.64
C VAL E 221 -1.67 25.49 0.28
N ARG E 222 -0.38 25.78 0.45
CA ARG E 222 0.66 24.84 0.10
C ARG E 222 0.61 23.59 1.00
N GLY E 223 0.42 23.82 2.30
CA GLY E 223 0.32 22.71 3.27
C GLY E 223 -0.88 21.81 3.04
N THR E 224 -2.00 22.41 2.64
CA THR E 224 -3.20 21.64 2.32
C THR E 224 -3.06 20.82 1.06
N ARG E 225 -2.48 21.42 0.03
CA ARG E 225 -2.17 20.70 -1.19
C ARG E 225 -1.27 19.50 -0.89
N LEU E 226 -0.25 19.67 -0.06
CA LEU E 226 0.61 18.55 0.29
C LEU E 226 -0.15 17.46 1.04
N ALA E 227 -0.98 17.86 1.98
CA ALA E 227 -1.77 16.88 2.75
C ALA E 227 -2.55 15.98 1.78
N ILE E 228 -3.22 16.61 0.81
CA ILE E 228 -3.99 15.86 -0.16
C ILE E 228 -3.10 14.97 -1.06
N LEU E 229 -2.08 15.56 -1.66
CA LEU E 229 -1.30 14.84 -2.64
C LEU E 229 -0.44 13.75 -2.01
N LYS E 230 0.20 14.01 -0.87
CA LYS E 230 0.98 12.92 -0.21
C LYS E 230 0.01 11.90 0.37
N GLY E 231 -1.17 12.36 0.81
CA GLY E 231 -2.20 11.45 1.33
C GLY E 231 -2.71 10.43 0.33
N LEU E 232 -2.71 10.79 -0.95
CA LEU E 232 -3.23 9.90 -1.99
C LEU E 232 -2.33 8.67 -2.17
N ASN E 233 -1.10 8.73 -1.69
CA ASN E 233 -0.15 7.63 -1.84
C ASN E 233 -0.29 6.54 -0.75
N VAL E 234 -1.11 6.74 0.29
CA VAL E 234 -1.25 5.81 1.42
C VAL E 234 -2.70 5.58 1.77
N PRO E 235 -2.98 4.63 2.67
CA PRO E 235 -4.40 4.44 2.98
C PRO E 235 -4.95 5.64 3.75
N LEU E 236 -6.25 5.80 3.72
CA LEU E 236 -6.91 6.93 4.31
C LEU E 236 -6.49 7.22 5.76
N HIS E 237 -6.48 6.21 6.61
CA HIS E 237 -6.21 6.43 8.00
C HIS E 237 -4.82 7.02 8.19
N GLU E 238 -3.84 6.43 7.55
CA GLU E 238 -2.46 6.98 7.57
C GLU E 238 -2.41 8.36 6.97
N ALA E 239 -3.18 8.58 5.90
CA ALA E 239 -3.24 9.88 5.25
C ALA E 239 -3.67 10.97 6.23
N GLU E 240 -4.62 10.66 7.12
CA GLU E 240 -5.09 11.64 8.11
C GLU E 240 -3.99 12.03 9.10
N ILE E 241 -3.20 11.05 9.49
CA ILE E 241 -2.17 11.28 10.47
C ILE E 241 -1.03 12.05 9.79
N LEU E 242 -0.68 11.62 8.59
CA LEU E 242 0.33 12.27 7.78
C LEU E 242 -0.01 13.76 7.58
N ALA E 243 -1.29 14.06 7.32
CA ALA E 243 -1.73 15.44 7.12
C ALA E 243 -1.48 16.30 8.33
N GLU E 244 -1.44 15.70 9.51
CA GLU E 244 -1.15 16.48 10.71
C GLU E 244 0.21 17.13 10.68
N THR E 245 1.17 16.51 10.00
CA THR E 245 2.52 17.10 9.89
C THR E 245 2.43 18.49 9.22
N PHE E 246 1.65 18.58 8.16
CA PHE E 246 1.55 19.83 7.43
C PHE E 246 0.78 20.81 8.23
N ARG E 247 -0.24 20.33 8.92
CA ARG E 247 -1.06 21.19 9.71
C ARG E 247 -0.20 21.77 10.85
N GLU E 248 0.58 20.93 11.51
CA GLU E 248 1.52 21.38 12.59
C GLU E 248 2.56 22.39 12.05
N ARG E 249 3.10 22.15 10.85
CA ARG E 249 4.05 23.12 10.27
C ARG E 249 3.40 24.49 10.05
N VAL E 250 2.18 24.48 9.55
CA VAL E 250 1.49 25.73 9.25
C VAL E 250 1.06 26.45 10.53
N LEU E 251 0.74 25.70 11.57
CA LEU E 251 0.32 26.28 12.88
C LEU E 251 1.39 27.22 13.45
N ARG E 252 2.65 26.97 13.11
CA ARG E 252 3.71 27.81 13.60
C ARG E 252 3.89 29.08 12.83
N THR E 253 3.17 29.27 11.73
CA THR E 253 3.36 30.46 10.92
C THR E 253 2.66 31.67 11.55
N GLU E 254 3.15 32.87 11.25
CA GLU E 254 2.50 34.09 11.69
C GLU E 254 1.14 34.17 11.05
N ASP E 255 1.06 33.76 9.79
CA ASP E 255 -0.20 33.84 9.09
C ASP E 255 -1.27 32.94 9.82
N ALA E 256 -0.86 31.84 10.44
CA ALA E 256 -1.79 30.97 11.16
C ALA E 256 -2.33 31.65 12.43
N ALA E 257 -1.64 32.65 12.98
CA ALA E 257 -2.18 33.48 14.10
C ALA E 257 -3.03 34.63 13.55
N GLU E 258 -2.60 35.21 12.45
CA GLU E 258 -3.34 36.32 11.82
C GLU E 258 -4.72 35.89 11.26
N GLY E 259 -4.78 34.72 10.65
CA GLY E 259 -6.00 34.26 9.98
C GLY E 259 -7.21 34.15 10.89
N PRO E 260 -7.11 33.37 11.98
CA PRO E 260 -8.30 33.25 12.84
C PRO E 260 -8.64 34.54 13.57
N ARG E 261 -7.63 35.33 13.92
CA ARG E 261 -7.87 36.64 14.53
C ARG E 261 -8.63 37.57 13.57
N ALA E 262 -8.18 37.68 12.32
CA ALA E 262 -8.88 38.50 11.34
C ALA E 262 -10.33 38.04 11.19
N PHE E 263 -10.53 36.72 11.16
CA PHE E 263 -11.88 36.16 11.02
C PHE E 263 -12.81 36.54 12.17
N VAL E 264 -12.34 36.38 13.41
CA VAL E 264 -13.17 36.70 14.58
C VAL E 264 -13.40 38.21 14.70
N GLU E 265 -12.51 39.01 14.15
CA GLU E 265 -12.65 40.48 14.14
C GLU E 265 -13.30 41.01 12.86
N LYS E 266 -13.84 40.11 12.04
CA LYS E 266 -14.55 40.43 10.81
C LYS E 266 -13.83 41.43 9.96
N ARG E 267 -12.57 41.17 9.72
CA ARG E 267 -11.74 42.07 8.97
C ARG E 267 -10.81 41.25 8.03
N GLN E 268 -10.25 41.91 7.02
CA GLN E 268 -9.42 41.24 6.04
C GLN E 268 -8.09 40.85 6.66
N PRO E 269 -7.63 39.63 6.38
CA PRO E 269 -6.30 39.28 6.93
C PRO E 269 -5.22 39.92 6.09
N ASN E 270 -4.06 40.12 6.68
CA ASN E 270 -2.89 40.58 5.92
C ASN E 270 -1.81 39.52 5.95
N TRP E 271 -1.72 38.76 4.86
CA TRP E 271 -0.83 37.62 4.80
C TRP E 271 0.56 38.06 4.55
N GLN E 272 1.50 37.48 5.27
CA GLN E 272 2.92 37.74 5.04
C GLN E 272 3.67 36.53 4.43
N CYS E 273 3.00 35.41 4.18
CA CYS E 273 3.69 34.19 3.67
C CYS E 273 4.85 33.81 4.61
N ARG E 274 4.58 33.88 5.91
CA ARG E 274 5.51 33.52 6.95
C ARG E 274 4.66 33.11 8.13
N SER F 9 -21.29 -26.99 -29.51
CA SER F 9 -21.93 -25.65 -29.61
C SER F 9 -22.87 -25.33 -28.42
N PHE F 10 -22.83 -24.09 -28.00
CA PHE F 10 -23.35 -23.66 -26.70
C PHE F 10 -24.87 -23.57 -26.67
N ASP F 11 -25.49 -23.89 -25.53
CA ASP F 11 -26.97 -23.79 -25.45
C ASP F 11 -27.46 -22.60 -24.60
N THR F 12 -26.59 -21.94 -23.83
CA THR F 12 -27.01 -20.76 -23.01
C THR F 12 -26.49 -19.43 -23.51
N ILE F 13 -25.51 -19.50 -24.42
CA ILE F 13 -24.88 -18.33 -25.03
C ILE F 13 -24.69 -18.55 -26.53
N LYS F 14 -24.38 -17.48 -27.24
CA LYS F 14 -23.86 -17.55 -28.59
C LYS F 14 -22.41 -17.03 -28.59
N TYR F 15 -21.56 -17.64 -29.42
CA TYR F 15 -20.19 -17.21 -29.61
C TYR F 15 -20.02 -17.08 -31.11
N GLU F 16 -19.69 -15.88 -31.58
CA GLU F 16 -19.49 -15.60 -33.00
C GLU F 16 -18.21 -14.77 -33.20
N VAL F 17 -17.44 -15.08 -34.25
CA VAL F 17 -16.25 -14.31 -34.62
C VAL F 17 -16.50 -13.64 -35.97
N ASP F 18 -16.30 -12.32 -36.05
CA ASP F 18 -16.39 -11.56 -37.29
C ASP F 18 -15.16 -10.67 -37.39
N GLY F 19 -14.30 -10.92 -38.37
CA GLY F 19 -12.99 -10.26 -38.46
C GLY F 19 -12.24 -10.43 -37.14
N HIS F 20 -11.79 -9.33 -36.55
CA HIS F 20 -11.04 -9.37 -35.29
C HIS F 20 -11.84 -9.28 -34.00
N THR F 21 -13.17 -9.36 -34.11
CA THR F 21 -14.06 -9.28 -32.93
C THR F 21 -14.80 -10.57 -32.66
N ALA F 22 -14.63 -11.10 -31.45
CA ALA F 22 -15.49 -12.20 -30.95
C ALA F 22 -16.63 -11.58 -30.15
N THR F 23 -17.85 -12.07 -30.34
CA THR F 23 -19.03 -11.58 -29.64
C THR F 23 -19.66 -12.74 -28.88
N ILE F 24 -19.74 -12.61 -27.54
CA ILE F 24 -20.43 -13.56 -26.68
C ILE F 24 -21.77 -12.94 -26.26
N THR F 25 -22.86 -13.66 -26.53
CA THR F 25 -24.19 -13.15 -26.26
C THR F 25 -24.87 -14.04 -25.25
N LEU F 26 -25.20 -13.48 -24.09
CA LEU F 26 -25.96 -14.22 -23.07
C LEU F 26 -27.35 -14.48 -23.67
N ASN F 27 -27.74 -15.75 -23.72
CA ASN F 27 -28.86 -16.15 -24.57
C ASN F 27 -29.91 -17.02 -23.89
N ARG F 28 -30.31 -16.63 -22.69
CA ARG F 28 -31.41 -17.29 -21.98
C ARG F 28 -32.44 -16.23 -21.59
N PRO F 29 -33.02 -15.54 -22.59
CA PRO F 29 -33.90 -14.41 -22.29
C PRO F 29 -35.15 -14.78 -21.46
N ASP F 30 -35.63 -16.01 -21.57
CA ASP F 30 -36.79 -16.45 -20.78
C ASP F 30 -36.46 -16.56 -19.30
N ALA F 31 -35.21 -16.80 -18.95
CA ALA F 31 -34.78 -16.76 -17.55
C ALA F 31 -34.06 -15.41 -17.23
N LEU F 32 -34.34 -14.39 -18.03
CA LEU F 32 -33.68 -13.07 -17.86
C LEU F 32 -32.14 -13.20 -17.71
N ASN F 33 -31.56 -14.12 -18.47
CA ASN F 33 -30.12 -14.32 -18.51
C ASN F 33 -29.50 -14.48 -17.15
N ALA F 34 -30.21 -15.19 -16.28
CA ALA F 34 -29.63 -15.62 -14.99
C ALA F 34 -28.50 -16.58 -15.25
N LEU F 35 -27.45 -16.51 -14.46
CA LEU F 35 -26.31 -17.37 -14.61
C LEU F 35 -26.51 -18.67 -13.87
N SER F 36 -26.56 -19.76 -14.61
CA SER F 36 -26.58 -21.06 -14.04
C SER F 36 -25.16 -21.56 -14.06
N PRO F 37 -24.88 -22.61 -13.29
CA PRO F 37 -23.57 -23.28 -13.43
C PRO F 37 -23.22 -23.71 -14.86
N HIS F 38 -24.20 -24.16 -15.62
CA HIS F 38 -23.95 -24.57 -17.00
C HIS F 38 -23.56 -23.37 -17.86
N MET F 39 -24.29 -22.26 -17.71
CA MET F 39 -23.93 -20.99 -18.41
C MET F 39 -22.52 -20.50 -18.09
N ILE F 40 -22.13 -20.63 -16.83
CA ILE F 40 -20.82 -20.25 -16.35
C ILE F 40 -19.73 -21.10 -17.00
N THR F 41 -19.96 -22.41 -17.07
CA THR F 41 -19.03 -23.29 -17.79
C THR F 41 -18.92 -22.93 -19.26
N GLU F 42 -20.05 -22.62 -19.89
CA GLU F 42 -20.02 -22.22 -21.30
C GLU F 42 -19.26 -20.90 -21.50
N LEU F 43 -19.45 -19.94 -20.59
CA LEU F 43 -18.80 -18.66 -20.71
C LEU F 43 -17.31 -18.84 -20.66
N ARG F 44 -16.84 -19.67 -19.73
CA ARG F 44 -15.43 -19.83 -19.56
C ARG F 44 -14.80 -20.48 -20.78
N ALA F 45 -15.49 -21.43 -21.38
CA ALA F 45 -15.00 -22.07 -22.61
C ALA F 45 -14.97 -21.02 -23.75
N ALA F 46 -15.98 -20.15 -23.82
CA ALA F 46 -15.96 -19.07 -24.81
C ALA F 46 -14.81 -18.11 -24.58
N TYR F 47 -14.57 -17.72 -23.33
CA TYR F 47 -13.48 -16.80 -23.04
C TYR F 47 -12.12 -17.41 -23.46
N HIS F 48 -11.93 -18.67 -23.12
CA HIS F 48 -10.71 -19.40 -23.46
C HIS F 48 -10.52 -19.48 -24.95
N GLU F 49 -11.60 -19.78 -25.66
CA GLU F 49 -11.57 -19.77 -27.12
C GLU F 49 -11.15 -18.37 -27.67
N ALA F 50 -11.75 -17.30 -27.14
CA ALA F 50 -11.42 -15.95 -27.61
C ALA F 50 -9.94 -15.63 -27.36
N GLU F 51 -9.47 -15.98 -26.17
CA GLU F 51 -8.10 -15.64 -25.78
C GLU F 51 -7.08 -16.37 -26.67
N ASN F 52 -7.42 -17.59 -27.10
CA ASN F 52 -6.50 -18.42 -27.88
C ASN F 52 -6.65 -18.42 -29.38
N ASP F 53 -7.66 -17.75 -29.90
CA ASP F 53 -7.80 -17.57 -31.35
C ASP F 53 -7.08 -16.29 -31.76
N ASP F 54 -5.93 -16.44 -32.45
CA ASP F 54 -5.10 -15.29 -32.82
C ASP F 54 -5.82 -14.26 -33.68
N ARG F 55 -6.86 -14.69 -34.39
CA ARG F 55 -7.64 -13.78 -35.21
C ARG F 55 -8.44 -12.80 -34.35
N VAL F 56 -8.77 -13.20 -33.13
CA VAL F 56 -9.57 -12.41 -32.24
C VAL F 56 -8.68 -11.42 -31.52
N TRP F 57 -8.98 -10.13 -31.71
CA TRP F 57 -8.29 -9.06 -30.99
C TRP F 57 -9.09 -8.47 -29.85
N LEU F 58 -10.42 -8.58 -29.91
CA LEU F 58 -11.31 -7.94 -28.97
C LEU F 58 -12.55 -8.78 -28.74
N LEU F 59 -13.06 -8.78 -27.51
CA LEU F 59 -14.27 -9.49 -27.16
C LEU F 59 -15.37 -8.50 -26.82
N VAL F 60 -16.54 -8.69 -27.44
CA VAL F 60 -17.75 -7.99 -27.05
C VAL F 60 -18.64 -8.96 -26.29
N VAL F 61 -19.17 -8.52 -25.14
CA VAL F 61 -20.18 -9.27 -24.40
C VAL F 61 -21.48 -8.49 -24.34
N THR F 62 -22.58 -9.15 -24.63
CA THR F 62 -23.91 -8.50 -24.57
C THR F 62 -24.95 -9.52 -24.18
N GLY F 63 -26.17 -9.10 -24.02
CA GLY F 63 -27.26 -10.02 -23.66
C GLY F 63 -28.42 -9.93 -24.63
N THR F 64 -29.49 -10.66 -24.34
CA THR F 64 -30.69 -10.67 -25.19
C THR F 64 -31.89 -10.34 -24.32
N GLY F 65 -32.77 -9.48 -24.82
CA GLY F 65 -34.08 -9.28 -24.23
C GLY F 65 -34.07 -8.17 -23.22
N ARG F 66 -34.93 -8.28 -22.22
CA ARG F 66 -35.07 -7.18 -21.30
C ARG F 66 -33.98 -7.20 -20.20
N ALA F 67 -33.26 -8.30 -20.07
CA ALA F 67 -32.13 -8.41 -19.15
C ALA F 67 -30.81 -8.63 -19.87
N PHE F 68 -29.79 -7.89 -19.45
CA PHE F 68 -28.41 -8.20 -19.82
C PHE F 68 -28.01 -9.43 -19.02
N CYS F 69 -28.09 -9.34 -17.70
CA CYS F 69 -27.84 -10.45 -16.81
C CYS F 69 -28.45 -10.14 -15.44
N SER F 70 -29.38 -10.99 -15.01
CA SER F 70 -30.11 -10.76 -13.78
C SER F 70 -29.43 -11.42 -12.58
N GLY F 71 -28.18 -11.86 -12.73
CA GLY F 71 -27.43 -12.38 -11.60
C GLY F 71 -27.34 -13.89 -11.62
N ALA F 72 -26.84 -14.47 -10.54
CA ALA F 72 -26.78 -15.93 -10.36
C ALA F 72 -28.16 -16.43 -9.98
N ASP F 73 -28.57 -17.63 -10.43
CA ASP F 73 -29.90 -18.06 -9.92
C ASP F 73 -29.86 -18.41 -8.45
N VAL F 74 -30.87 -17.96 -7.70
CA VAL F 74 -31.00 -18.25 -6.25
C VAL F 74 -31.20 -19.75 -6.00
N PRO F 88 -13.95 -31.70 -5.93
CA PRO F 88 -13.90 -31.93 -4.48
C PRO F 88 -13.41 -30.69 -3.74
N TYR F 89 -13.86 -30.54 -2.49
CA TYR F 89 -13.74 -29.28 -1.77
C TYR F 89 -12.27 -28.90 -1.57
N LEU F 90 -11.92 -27.66 -1.95
CA LEU F 90 -10.56 -27.13 -1.76
C LEU F 90 -9.46 -27.92 -2.49
N SER F 91 -9.84 -28.71 -3.50
CA SER F 91 -8.86 -29.48 -4.25
C SER F 91 -8.24 -28.64 -5.37
N THR F 92 -8.88 -27.53 -5.75
CA THR F 92 -8.36 -26.65 -6.80
C THR F 92 -8.16 -25.22 -6.28
N TYR F 93 -7.16 -24.54 -6.84
CA TYR F 93 -6.70 -23.28 -6.31
C TYR F 93 -7.80 -22.21 -6.25
N ASP F 94 -8.63 -22.17 -7.28
CA ASP F 94 -9.71 -21.20 -7.36
C ASP F 94 -10.64 -21.22 -6.14
N GLN F 95 -10.78 -22.37 -5.51
CA GLN F 95 -11.67 -22.51 -4.37
C GLN F 95 -11.14 -21.77 -3.11
N TRP F 96 -9.86 -21.35 -3.13
CA TRP F 96 -9.31 -20.56 -2.04
C TRP F 96 -9.63 -19.09 -2.17
N GLU F 97 -10.13 -18.67 -3.32
CA GLU F 97 -10.45 -17.27 -3.58
C GLU F 97 -11.96 -17.09 -3.78
N ALA F 98 -12.40 -15.88 -4.09
CA ALA F 98 -13.83 -15.63 -4.26
C ALA F 98 -14.26 -16.33 -5.53
N PRO F 99 -15.43 -16.99 -5.50
CA PRO F 99 -15.92 -17.52 -6.76
C PRO F 99 -16.07 -16.40 -7.77
N GLN F 100 -15.82 -16.73 -9.03
CA GLN F 100 -15.75 -15.73 -10.09
C GLN F 100 -17.02 -15.63 -10.92
N GLU F 101 -17.86 -16.67 -10.88
CA GLU F 101 -19.10 -16.69 -11.63
C GLU F 101 -18.79 -16.34 -13.11
N GLY F 102 -19.42 -15.33 -13.69
CA GLY F 102 -19.26 -15.07 -15.13
C GLY F 102 -18.10 -14.17 -15.49
N THR F 103 -17.32 -13.75 -14.50
CA THR F 103 -16.28 -12.73 -14.74
C THR F 103 -15.34 -13.14 -15.84
N PRO F 104 -15.14 -12.29 -16.83
CA PRO F 104 -14.13 -12.63 -17.83
C PRO F 104 -12.78 -12.63 -17.16
N PRO F 105 -11.81 -13.31 -17.75
CA PRO F 105 -10.53 -13.46 -17.05
C PRO F 105 -9.62 -12.25 -17.31
N PHE F 106 -10.02 -11.10 -16.77
CA PHE F 106 -9.31 -9.85 -17.00
C PHE F 106 -7.89 -9.85 -16.38
N ARG F 107 -7.65 -10.66 -15.36
CA ARG F 107 -6.31 -10.71 -14.79
C ARG F 107 -5.34 -11.57 -15.59
N THR F 108 -5.83 -12.45 -16.45
CA THR F 108 -4.93 -13.37 -17.15
C THR F 108 -5.09 -13.29 -18.66
N MET F 109 -5.90 -12.37 -19.16
CA MET F 109 -6.10 -12.24 -20.64
C MET F 109 -5.83 -10.78 -21.05
N ALA F 110 -5.07 -10.58 -22.13
CA ALA F 110 -4.59 -9.27 -22.50
C ALA F 110 -5.49 -8.61 -23.52
N LYS F 111 -6.40 -9.36 -24.13
CA LYS F 111 -7.25 -8.78 -25.16
C LYS F 111 -8.37 -7.96 -24.50
N PRO F 112 -8.64 -6.76 -25.02
CA PRO F 112 -9.66 -5.92 -24.47
C PRO F 112 -11.07 -6.47 -24.65
N VAL F 113 -11.93 -6.09 -23.71
CA VAL F 113 -13.30 -6.55 -23.67
C VAL F 113 -14.26 -5.36 -23.53
N LEU F 114 -15.29 -5.36 -24.36
CA LEU F 114 -16.33 -4.33 -24.35
C LEU F 114 -17.64 -5.00 -23.98
N THR F 115 -18.38 -4.40 -23.06
CA THR F 115 -19.66 -4.87 -22.64
C THR F 115 -20.74 -3.89 -23.11
N ALA F 116 -21.78 -4.43 -23.74
CA ALA F 116 -22.94 -3.66 -24.18
C ALA F 116 -24.15 -4.11 -23.40
N VAL F 117 -24.57 -3.28 -22.42
CA VAL F 117 -25.62 -3.65 -21.46
C VAL F 117 -27.00 -3.33 -22.02
N ASN F 118 -27.74 -4.37 -22.37
CA ASN F 118 -29.01 -4.22 -23.15
C ASN F 118 -30.22 -4.10 -22.25
N GLY F 119 -30.05 -4.25 -20.94
CA GLY F 119 -31.20 -4.15 -20.03
C GLY F 119 -30.81 -4.28 -18.57
N ILE F 120 -31.63 -4.97 -17.80
CA ILE F 120 -31.37 -5.19 -16.40
C ILE F 120 -29.97 -5.79 -16.21
N CYS F 121 -29.21 -5.19 -15.33
CA CYS F 121 -27.88 -5.68 -14.99
C CYS F 121 -27.72 -5.66 -13.46
N CYS F 122 -27.81 -6.82 -12.83
CA CYS F 122 -27.74 -6.90 -11.36
C CYS F 122 -27.02 -8.10 -10.82
N GLY F 123 -26.56 -7.96 -9.58
CA GLY F 123 -25.72 -8.96 -8.94
C GLY F 123 -24.50 -9.23 -9.77
N ALA F 124 -24.31 -10.52 -10.10
CA ALA F 124 -23.15 -10.96 -10.86
C ALA F 124 -23.05 -10.29 -12.24
N GLY F 125 -24.17 -9.78 -12.77
CA GLY F 125 -24.16 -9.00 -14.01
C GLY F 125 -23.21 -7.82 -13.96
N MET F 126 -23.10 -7.21 -12.78
CA MET F 126 -22.21 -6.07 -12.60
C MET F 126 -20.74 -6.38 -12.85
N ASP F 127 -20.34 -7.66 -12.74
CA ASP F 127 -18.96 -8.04 -13.01
C ASP F 127 -18.48 -7.57 -14.37
N TRP F 128 -19.36 -7.61 -15.37
CA TRP F 128 -18.96 -7.19 -16.72
C TRP F 128 -18.80 -5.70 -16.75
N VAL F 129 -19.63 -5.00 -15.97
CA VAL F 129 -19.54 -3.53 -15.89
C VAL F 129 -18.25 -3.04 -15.19
N THR F 130 -17.81 -3.80 -14.19
CA THR F 130 -16.70 -3.38 -13.35
C THR F 130 -15.32 -3.95 -13.71
N THR F 131 -15.25 -4.93 -14.60
CA THR F 131 -13.96 -5.57 -14.94
C THR F 131 -13.67 -5.68 -16.44
N THR F 132 -14.49 -5.04 -17.28
CA THR F 132 -14.19 -4.96 -18.70
C THR F 132 -13.76 -3.53 -19.06
N ASP F 133 -13.27 -3.33 -20.27
CA ASP F 133 -12.52 -2.13 -20.60
C ASP F 133 -13.36 -0.99 -21.12
N ILE F 134 -14.36 -1.32 -21.93
CA ILE F 134 -15.32 -0.32 -22.41
C ILE F 134 -16.70 -0.84 -22.05
N VAL F 135 -17.51 0.01 -21.42
CA VAL F 135 -18.87 -0.37 -21.07
C VAL F 135 -19.86 0.66 -21.61
N ILE F 136 -20.78 0.21 -22.45
CA ILE F 136 -21.83 1.08 -22.97
C ILE F 136 -23.17 0.45 -22.59
N ALA F 137 -24.25 1.19 -22.73
CA ALA F 137 -25.56 0.68 -22.38
C ALA F 137 -26.71 1.30 -23.18
N SER F 138 -27.75 0.49 -23.27
CA SER F 138 -29.02 0.89 -23.78
C SER F 138 -29.63 1.88 -22.83
N GLU F 139 -30.39 2.81 -23.39
CA GLU F 139 -31.15 3.77 -22.60
C GLU F 139 -32.04 3.06 -21.59
N GLN F 140 -32.40 1.82 -21.87
CA GLN F 140 -33.26 1.02 -21.02
C GLN F 140 -32.49 0.27 -19.89
N ALA F 141 -31.17 0.27 -19.90
CA ALA F 141 -30.39 -0.48 -18.89
C ALA F 141 -30.57 0.06 -17.48
N THR F 142 -30.57 -0.84 -16.50
CA THR F 142 -30.57 -0.45 -15.09
C THR F 142 -29.56 -1.28 -14.33
N PHE F 143 -29.04 -0.73 -13.22
CA PHE F 143 -27.95 -1.34 -12.46
C PHE F 143 -28.29 -1.41 -10.97
N PHE F 144 -28.10 -2.58 -10.37
CA PHE F 144 -28.34 -2.76 -8.96
C PHE F 144 -27.78 -4.08 -8.44
N ASP F 145 -27.90 -4.29 -7.13
CA ASP F 145 -27.49 -5.56 -6.52
C ASP F 145 -28.46 -5.94 -5.45
N PRO F 146 -29.13 -7.09 -5.61
CA PRO F 146 -30.21 -7.45 -4.72
C PRO F 146 -29.78 -8.27 -3.50
N HIS F 147 -28.49 -8.55 -3.32
CA HIS F 147 -28.08 -9.55 -2.29
C HIS F 147 -28.53 -9.29 -0.87
N VAL F 148 -28.45 -8.06 -0.41
CA VAL F 148 -28.85 -7.80 0.97
C VAL F 148 -30.37 -8.04 1.16
N SER F 149 -31.14 -7.99 0.07
CA SER F 149 -32.57 -8.23 0.15
C SER F 149 -32.89 -9.72 0.35
N ILE F 150 -31.93 -10.60 0.09
CA ILE F 150 -32.12 -12.03 0.38
C ILE F 150 -31.24 -12.53 1.47
N GLY F 151 -30.65 -11.62 2.23
CA GLY F 151 -29.90 -11.98 3.45
C GLY F 151 -28.40 -12.25 3.28
N LEU F 152 -27.86 -11.96 2.09
CA LEU F 152 -26.49 -12.34 1.74
C LEU F 152 -25.61 -11.13 1.38
N VAL F 153 -24.31 -11.34 1.50
CA VAL F 153 -23.28 -10.35 1.17
C VAL F 153 -22.73 -10.59 -0.21
N ALA F 154 -22.83 -9.58 -1.07
CA ALA F 154 -22.30 -9.69 -2.42
C ALA F 154 -20.86 -9.18 -2.46
N GLY F 155 -19.91 -9.98 -1.99
CA GLY F 155 -18.56 -9.47 -1.74
C GLY F 155 -17.82 -8.99 -2.97
N ARG F 156 -17.44 -9.95 -3.79
CA ARG F 156 -16.74 -9.71 -5.04
C ARG F 156 -17.39 -8.57 -5.88
N GLU F 157 -18.69 -8.70 -6.13
CA GLU F 157 -19.44 -7.78 -6.98
C GLU F 157 -19.32 -6.34 -6.52
N LEU F 158 -19.54 -6.12 -5.23
CA LEU F 158 -19.59 -4.76 -4.71
C LEU F 158 -18.21 -4.15 -4.38
N VAL F 159 -17.19 -4.96 -4.06
CA VAL F 159 -15.81 -4.41 -3.97
C VAL F 159 -15.42 -3.89 -5.32
N ARG F 160 -15.82 -4.58 -6.38
CA ARG F 160 -15.59 -4.10 -7.74
C ARG F 160 -16.37 -2.83 -8.08
N VAL F 161 -17.63 -2.78 -7.74
CA VAL F 161 -18.44 -1.56 -7.95
C VAL F 161 -17.81 -0.38 -7.24
N SER F 162 -17.25 -0.64 -6.04
CA SER F 162 -16.66 0.42 -5.25
C SER F 162 -15.42 1.02 -5.90
N ARG F 163 -14.86 0.38 -6.92
CA ARG F 163 -13.72 0.96 -7.67
C ARG F 163 -14.18 1.82 -8.83
N VAL F 164 -15.47 1.79 -9.13
CA VAL F 164 -15.97 2.57 -10.22
C VAL F 164 -16.87 3.73 -9.71
N LEU F 165 -17.78 3.50 -8.79
CA LEU F 165 -18.66 4.58 -8.31
C LEU F 165 -18.05 5.25 -7.09
N PRO F 166 -18.30 6.55 -6.91
CA PRO F 166 -17.88 7.18 -5.67
C PRO F 166 -18.48 6.51 -4.43
N ARG F 167 -17.72 6.65 -3.35
CA ARG F 167 -17.91 5.98 -2.09
C ARG F 167 -19.38 5.78 -1.66
N SER F 168 -20.13 6.87 -1.50
CA SER F 168 -21.48 6.77 -0.96
C SER F 168 -22.50 6.36 -2.02
N ILE F 169 -22.11 6.37 -3.29
CA ILE F 169 -22.98 5.84 -4.37
C ILE F 169 -22.89 4.32 -4.38
N ALA F 170 -21.67 3.80 -4.27
CA ALA F 170 -21.44 2.37 -4.18
C ALA F 170 -22.10 1.79 -2.92
N LEU F 171 -21.96 2.48 -1.81
CA LEU F 171 -22.55 2.03 -0.55
C LEU F 171 -24.07 2.11 -0.63
N ARG F 172 -24.62 3.13 -1.25
CA ARG F 172 -26.07 3.22 -1.36
C ARG F 172 -26.59 2.04 -2.22
N MET F 173 -25.90 1.72 -3.30
CA MET F 173 -26.30 0.58 -4.12
C MET F 173 -26.25 -0.72 -3.27
N ALA F 174 -25.20 -0.90 -2.49
CA ALA F 174 -25.09 -2.07 -1.62
C ALA F 174 -26.23 -2.16 -0.61
N LEU F 175 -26.55 -1.03 0.03
CA LEU F 175 -27.47 -1.02 1.14
C LEU F 175 -28.96 -1.06 0.70
N MET F 176 -29.26 -0.54 -0.47
CA MET F 176 -30.64 -0.49 -0.94
C MET F 176 -31.12 -1.86 -1.51
N GLY F 177 -30.18 -2.72 -1.89
CA GLY F 177 -30.52 -4.02 -2.41
C GLY F 177 -31.41 -3.93 -3.65
N LYS F 178 -32.46 -4.77 -3.68
CA LYS F 178 -33.33 -4.81 -4.84
C LYS F 178 -34.27 -3.62 -4.92
N HIS F 179 -34.31 -2.78 -3.89
CA HIS F 179 -35.34 -1.77 -3.83
C HIS F 179 -35.04 -0.51 -4.58
N GLU F 180 -33.90 -0.42 -5.25
CA GLU F 180 -33.58 0.75 -6.03
C GLU F 180 -32.75 0.31 -7.23
N ARG F 181 -32.96 0.98 -8.36
CA ARG F 181 -32.23 0.69 -9.58
C ARG F 181 -31.59 1.96 -10.14
N MET F 182 -30.29 1.94 -10.41
CA MET F 182 -29.63 3.10 -11.04
C MET F 182 -29.94 3.10 -12.54
N SER F 183 -30.41 4.24 -13.04
CA SER F 183 -30.76 4.41 -14.45
C SER F 183 -29.48 4.47 -15.31
N ALA F 184 -29.64 4.23 -16.60
CA ALA F 184 -28.55 4.41 -17.56
C ALA F 184 -28.04 5.85 -17.54
N GLN F 185 -28.94 6.81 -17.39
CA GLN F 185 -28.55 8.21 -17.39
C GLN F 185 -27.63 8.49 -16.20
N ARG F 186 -27.99 7.96 -15.03
CA ARG F 186 -27.19 8.25 -13.84
C ARG F 186 -25.83 7.54 -13.96
N ALA F 187 -25.85 6.33 -14.50
CA ALA F 187 -24.64 5.54 -14.73
C ALA F 187 -23.67 6.29 -15.61
N TYR F 188 -24.20 6.89 -16.66
CA TYR F 188 -23.39 7.68 -17.59
C TYR F 188 -22.82 8.89 -16.90
N GLU F 189 -23.69 9.59 -16.17
CA GLU F 189 -23.25 10.79 -15.41
C GLU F 189 -22.02 10.53 -14.53
N LEU F 190 -21.99 9.38 -13.87
CA LEU F 190 -20.90 9.06 -12.96
C LEU F 190 -19.76 8.34 -13.66
N GLY F 191 -19.92 7.96 -14.92
CA GLY F 191 -18.84 7.26 -15.61
C GLY F 191 -18.78 5.76 -15.31
N LEU F 192 -19.89 5.18 -14.82
CA LEU F 192 -20.03 3.72 -14.74
C LEU F 192 -20.12 3.12 -16.14
N ILE F 193 -20.70 3.88 -17.06
CA ILE F 193 -20.74 3.59 -18.49
C ILE F 193 -20.24 4.82 -19.23
N SER F 194 -19.71 4.63 -20.44
CA SER F 194 -19.18 5.72 -21.24
C SER F 194 -20.15 6.26 -22.26
N GLU F 195 -21.24 5.55 -22.52
CA GLU F 195 -22.16 5.95 -23.56
C GLU F 195 -23.53 5.34 -23.36
N ILE F 196 -24.58 6.11 -23.65
CA ILE F 196 -25.95 5.59 -23.71
C ILE F 196 -26.38 5.49 -25.18
N VAL F 197 -26.95 4.36 -25.58
CA VAL F 197 -27.28 4.13 -26.98
C VAL F 197 -28.77 3.85 -27.10
N GLU F 198 -29.36 4.36 -28.16
CA GLU F 198 -30.71 4.00 -28.56
C GLU F 198 -30.81 2.47 -28.59
N HIS F 199 -31.86 1.93 -28.02
CA HIS F 199 -31.91 0.52 -27.74
C HIS F 199 -31.69 -0.37 -28.93
N ASP F 200 -32.38 -0.07 -30.02
CA ASP F 200 -32.28 -0.84 -31.26
C ASP F 200 -30.95 -0.67 -31.98
N ARG F 201 -30.15 0.31 -31.59
CA ARG F 201 -28.82 0.54 -32.18
C ARG F 201 -27.67 0.01 -31.31
N LEU F 202 -27.97 -0.65 -30.20
CA LEU F 202 -26.94 -1.01 -29.23
C LEU F 202 -25.84 -1.87 -29.85
N LEU F 203 -26.24 -2.95 -30.50
CA LEU F 203 -25.31 -3.91 -31.05
C LEU F 203 -24.48 -3.31 -32.17
N GLU F 204 -25.13 -2.51 -33.02
CA GLU F 204 -24.41 -1.76 -34.07
C GLU F 204 -23.32 -0.88 -33.48
N ARG F 205 -23.66 -0.11 -32.46
CA ARG F 205 -22.70 0.79 -31.88
C ARG F 205 -21.54 0.06 -31.13
N ALA F 206 -21.86 -1.03 -30.44
CA ALA F 206 -20.82 -1.84 -29.78
C ALA F 206 -19.82 -2.30 -30.82
N HIS F 207 -20.31 -2.76 -31.97
CA HIS F 207 -19.42 -3.30 -33.01
C HIS F 207 -18.66 -2.22 -33.69
N GLU F 208 -19.27 -1.03 -33.78
CA GLU F 208 -18.56 0.13 -34.34
C GLU F 208 -17.40 0.55 -33.47
N ILE F 209 -17.65 0.59 -32.17
CA ILE F 209 -16.57 0.94 -31.23
C ILE F 209 -15.46 -0.10 -31.30
N ALA F 210 -15.86 -1.37 -31.34
CA ALA F 210 -14.92 -2.48 -31.45
C ALA F 210 -14.02 -2.31 -32.66
N ASP F 211 -14.65 -1.98 -33.81
CA ASP F 211 -13.93 -1.79 -35.07
C ASP F 211 -12.95 -0.62 -34.93
N ILE F 212 -13.38 0.46 -34.26
CA ILE F 212 -12.48 1.57 -34.06
C ILE F 212 -11.26 1.16 -33.22
N VAL F 213 -11.49 0.44 -32.11
CA VAL F 213 -10.36 0.02 -31.26
C VAL F 213 -9.42 -0.87 -32.06
N ASN F 214 -10.00 -1.78 -32.86
CA ASN F 214 -9.23 -2.70 -33.69
C ASN F 214 -8.55 -2.04 -34.90
N SER F 215 -8.92 -0.79 -35.22
CA SER F 215 -8.19 -0.03 -36.21
C SER F 215 -6.88 0.54 -35.66
N ASN F 216 -6.72 0.50 -34.33
CA ASN F 216 -5.45 0.89 -33.71
C ASN F 216 -4.51 -0.33 -33.62
N ALA F 217 -3.28 -0.11 -33.21
CA ALA F 217 -2.29 -1.19 -33.15
C ALA F 217 -2.63 -2.05 -31.95
N PRO F 218 -2.98 -3.32 -32.18
CA PRO F 218 -3.47 -4.19 -31.13
C PRO F 218 -2.50 -4.46 -29.97
N LEU F 219 -1.22 -4.60 -30.25
CA LEU F 219 -0.27 -4.79 -29.14
C LEU F 219 -0.07 -3.51 -28.33
N ALA F 220 -0.18 -2.36 -28.98
CA ALA F 220 -0.16 -1.10 -28.25
C ALA F 220 -1.40 -0.98 -27.35
N VAL F 221 -2.55 -1.36 -27.89
CA VAL F 221 -3.79 -1.37 -27.12
C VAL F 221 -3.61 -2.26 -25.89
N ARG F 222 -3.08 -3.46 -26.11
CA ARG F 222 -2.95 -4.41 -25.01
C ARG F 222 -1.95 -3.88 -23.95
N GLY F 223 -0.84 -3.33 -24.43
CA GLY F 223 0.20 -2.82 -23.54
C GLY F 223 -0.25 -1.60 -22.72
N THR F 224 -1.04 -0.75 -23.36
CA THR F 224 -1.63 0.37 -22.68
C THR F 224 -2.64 -0.06 -21.62
N ARG F 225 -3.49 -1.01 -21.96
CA ARG F 225 -4.44 -1.54 -20.97
C ARG F 225 -3.67 -2.11 -19.74
N LEU F 226 -2.59 -2.83 -20.00
CA LEU F 226 -1.82 -3.41 -18.86
C LEU F 226 -1.16 -2.35 -18.03
N ALA F 227 -0.66 -1.33 -18.69
CA ALA F 227 -0.06 -0.19 -17.98
C ALA F 227 -1.09 0.39 -16.97
N ILE F 228 -2.28 0.65 -17.46
CA ILE F 228 -3.34 1.21 -16.64
C ILE F 228 -3.73 0.25 -15.50
N LEU F 229 -4.05 -1.00 -15.85
CA LEU F 229 -4.64 -1.90 -14.86
C LEU F 229 -3.60 -2.35 -13.79
N LYS F 230 -2.38 -2.69 -14.21
CA LYS F 230 -1.31 -3.04 -13.23
C LYS F 230 -0.94 -1.76 -12.44
N GLY F 231 -0.99 -0.61 -13.09
CA GLY F 231 -0.73 0.66 -12.42
C GLY F 231 -1.69 1.03 -11.28
N LEU F 232 -2.94 0.58 -11.37
CA LEU F 232 -3.92 0.94 -10.37
C LEU F 232 -3.64 0.29 -9.04
N ASN F 233 -2.81 -0.74 -9.02
CA ASN F 233 -2.51 -1.45 -7.79
C ASN F 233 -1.45 -0.79 -6.92
N VAL F 234 -0.75 0.23 -7.44
CA VAL F 234 0.38 0.88 -6.73
C VAL F 234 0.26 2.40 -6.79
N PRO F 235 1.11 3.12 -6.04
CA PRO F 235 0.99 4.59 -6.14
C PRO F 235 1.41 5.11 -7.51
N LEU F 236 0.91 6.28 -7.85
CA LEU F 236 1.12 6.86 -9.18
C LEU F 236 2.57 6.83 -9.63
N HIS F 237 3.50 7.22 -8.78
CA HIS F 237 4.91 7.33 -9.18
C HIS F 237 5.45 5.98 -9.62
N GLU F 238 5.20 4.97 -8.82
CA GLU F 238 5.55 3.60 -9.18
C GLU F 238 4.78 3.12 -10.45
N ALA F 239 3.50 3.51 -10.56
CA ALA F 239 2.70 3.18 -11.75
C ALA F 239 3.37 3.72 -13.02
N GLU F 240 3.97 4.92 -12.97
CA GLU F 240 4.68 5.49 -14.14
C GLU F 240 5.91 4.66 -14.57
N ILE F 241 6.64 4.18 -13.60
CA ILE F 241 7.87 3.46 -13.87
C ILE F 241 7.48 2.08 -14.39
N LEU F 242 6.52 1.47 -13.72
CA LEU F 242 5.98 0.19 -14.13
C LEU F 242 5.50 0.22 -15.59
N ALA F 243 4.80 1.28 -15.97
CA ALA F 243 4.25 1.42 -17.33
C ALA F 243 5.34 1.40 -18.37
N GLU F 244 6.55 1.81 -18.00
CA GLU F 244 7.69 1.81 -18.95
C GLU F 244 8.02 0.42 -19.48
N THR F 245 7.77 -0.60 -18.67
CA THR F 245 7.97 -1.96 -19.10
C THR F 245 7.09 -2.30 -20.31
N PHE F 246 5.81 -1.92 -20.23
CA PHE F 246 4.89 -2.26 -21.33
C PHE F 246 5.18 -1.41 -22.54
N ARG F 247 5.58 -0.16 -22.30
CA ARG F 247 5.95 0.72 -23.38
C ARG F 247 7.17 0.13 -24.12
N GLU F 248 8.19 -0.30 -23.36
CA GLU F 248 9.42 -0.88 -23.98
C GLU F 248 9.09 -2.14 -24.74
N ARG F 249 8.21 -3.00 -24.21
CA ARG F 249 7.85 -4.22 -24.92
C ARG F 249 7.19 -3.91 -26.25
N VAL F 250 6.30 -2.93 -26.25
CA VAL F 250 5.59 -2.57 -27.46
C VAL F 250 6.53 -1.88 -28.46
N LEU F 251 7.53 -1.12 -27.97
CA LEU F 251 8.50 -0.46 -28.87
C LEU F 251 9.25 -1.44 -29.77
N ARG F 252 9.44 -2.66 -29.29
CA ARG F 252 10.18 -3.67 -30.04
C ARG F 252 9.29 -4.41 -31.05
N THR F 253 7.99 -4.07 -31.15
CA THR F 253 7.11 -4.71 -32.12
C THR F 253 7.37 -4.14 -33.53
N GLU F 254 7.11 -4.94 -34.56
CA GLU F 254 7.09 -4.42 -35.93
C GLU F 254 6.01 -3.35 -36.10
N ASP F 255 4.85 -3.56 -35.47
CA ASP F 255 3.78 -2.54 -35.60
C ASP F 255 4.26 -1.17 -35.08
N ALA F 256 5.13 -1.15 -34.08
CA ALA F 256 5.60 0.12 -33.52
C ALA F 256 6.47 0.86 -34.54
N ALA F 257 7.09 0.12 -35.45
CA ALA F 257 7.85 0.74 -36.57
C ALA F 257 6.90 1.15 -37.66
N GLU F 258 5.94 0.27 -37.98
CA GLU F 258 5.00 0.54 -39.06
C GLU F 258 4.15 1.81 -38.80
N GLY F 259 3.76 2.01 -37.55
CA GLY F 259 2.86 3.12 -37.23
C GLY F 259 3.42 4.49 -37.61
N PRO F 260 4.60 4.85 -37.07
CA PRO F 260 5.19 6.14 -37.44
C PRO F 260 5.62 6.22 -38.90
N ARG F 261 6.09 5.10 -39.48
CA ARG F 261 6.39 5.02 -40.92
C ARG F 261 5.15 5.33 -41.78
N ALA F 262 4.03 4.68 -41.52
CA ALA F 262 2.77 4.99 -42.23
C ALA F 262 2.41 6.47 -42.10
N PHE F 263 2.55 7.02 -40.90
CA PHE F 263 2.24 8.44 -40.66
C PHE F 263 3.10 9.37 -41.50
N VAL F 264 4.41 9.13 -41.53
CA VAL F 264 5.33 9.97 -42.31
C VAL F 264 5.10 9.83 -43.81
N GLU F 265 4.56 8.70 -44.24
CA GLU F 265 4.21 8.46 -45.65
C GLU F 265 2.75 8.79 -45.98
N LYS F 266 2.05 9.44 -45.05
CA LYS F 266 0.63 9.84 -45.22
C LYS F 266 -0.23 8.69 -45.74
N ARG F 267 -0.09 7.52 -45.13
CA ARG F 267 -0.70 6.27 -45.56
C ARG F 267 -1.35 5.58 -44.37
N GLN F 268 -2.35 4.73 -44.58
CA GLN F 268 -2.93 3.96 -43.48
C GLN F 268 -1.95 2.86 -43.01
N PRO F 269 -1.82 2.66 -41.67
CA PRO F 269 -0.95 1.57 -41.25
C PRO F 269 -1.58 0.23 -41.50
N ASN F 270 -0.75 -0.79 -41.67
CA ASN F 270 -1.19 -2.14 -41.84
C ASN F 270 -0.67 -2.92 -40.64
N TRP F 271 -1.51 -3.15 -39.65
CA TRP F 271 -1.06 -3.83 -38.45
C TRP F 271 -0.94 -5.31 -38.64
N GLN F 272 0.15 -5.88 -38.14
CA GLN F 272 0.36 -7.32 -38.18
C GLN F 272 0.21 -7.97 -36.81
N CYS F 273 -0.11 -7.20 -35.77
CA CYS F 273 -0.13 -7.77 -34.42
C CYS F 273 1.18 -8.53 -34.07
N ARG F 274 2.31 -7.93 -34.44
CA ARG F 274 3.65 -8.48 -34.23
C ARG F 274 4.49 -7.22 -34.10
#